data_3BQH
# 
_entry.id   3BQH 
# 
_audit_conform.dict_name       mmcif_pdbx.dic 
_audit_conform.dict_version    5.399 
_audit_conform.dict_location   http://mmcif.pdb.org/dictionaries/ascii/mmcif_pdbx.dic 
# 
loop_
_database_2.database_id 
_database_2.database_code 
_database_2.pdbx_database_accession 
_database_2.pdbx_DOI 
PDB   3BQH         pdb_00003bqh 10.2210/pdb3bqh/pdb 
RCSB  RCSB045840   ?            ?                   
WWPDB D_1000045840 ?            ?                   
# 
loop_
_pdbx_audit_revision_history.ordinal 
_pdbx_audit_revision_history.data_content_type 
_pdbx_audit_revision_history.major_revision 
_pdbx_audit_revision_history.minor_revision 
_pdbx_audit_revision_history.revision_date 
1 'Structure model' 1 0 2008-02-19 
2 'Structure model' 1 1 2011-07-13 
3 'Structure model' 1 2 2023-11-01 
4 'Structure model' 1 3 2024-11-20 
# 
_pdbx_audit_revision_details.ordinal             1 
_pdbx_audit_revision_details.revision_ordinal    1 
_pdbx_audit_revision_details.data_content_type   'Structure model' 
_pdbx_audit_revision_details.provider            repository 
_pdbx_audit_revision_details.type                'Initial release' 
_pdbx_audit_revision_details.description         ? 
_pdbx_audit_revision_details.details             ? 
# 
loop_
_pdbx_audit_revision_group.ordinal 
_pdbx_audit_revision_group.revision_ordinal 
_pdbx_audit_revision_group.data_content_type 
_pdbx_audit_revision_group.group 
1 2 'Structure model' 'Source and taxonomy'       
2 2 'Structure model' 'Version format compliance' 
3 3 'Structure model' 'Data collection'           
4 3 'Structure model' 'Database references'       
5 3 'Structure model' 'Derived calculations'      
6 3 'Structure model' 'Refinement description'    
7 4 'Structure model' 'Structure summary'         
# 
loop_
_pdbx_audit_revision_category.ordinal 
_pdbx_audit_revision_category.revision_ordinal 
_pdbx_audit_revision_category.data_content_type 
_pdbx_audit_revision_category.category 
1 3 'Structure model' chem_comp_atom                
2 3 'Structure model' chem_comp_bond                
3 3 'Structure model' database_2                    
4 3 'Structure model' pdbx_initial_refinement_model 
5 3 'Structure model' struct_site                   
6 4 'Structure model' pdbx_entry_details            
7 4 'Structure model' pdbx_modification_feature     
# 
loop_
_pdbx_audit_revision_item.ordinal 
_pdbx_audit_revision_item.revision_ordinal 
_pdbx_audit_revision_item.data_content_type 
_pdbx_audit_revision_item.item 
1 3 'Structure model' '_database_2.pdbx_DOI'                
2 3 'Structure model' '_database_2.pdbx_database_accession' 
3 3 'Structure model' '_struct_site.pdbx_auth_asym_id'      
4 3 'Structure model' '_struct_site.pdbx_auth_comp_id'      
5 3 'Structure model' '_struct_site.pdbx_auth_seq_id'       
# 
_pdbx_database_status.entry_id                        3BQH 
_pdbx_database_status.deposit_site                    RCSB 
_pdbx_database_status.process_site                    PDBJ 
_pdbx_database_status.recvd_initial_deposition_date   2007-12-20 
_pdbx_database_status.status_code                     REL 
_pdbx_database_status.status_code_sf                  REL 
_pdbx_database_status.status_code_mr                  ? 
_pdbx_database_status.SG_entry                        ? 
_pdbx_database_status.pdb_format_compatible           Y 
_pdbx_database_status.status_code_cs                  ? 
_pdbx_database_status.status_code_nmr_data            ? 
_pdbx_database_status.methods_development_category    ? 
# 
loop_
_pdbx_database_related.db_name 
_pdbx_database_related.db_id 
_pdbx_database_related.details 
_pdbx_database_related.content_type 
PDB 3BQE 'the same protein, reduced form'                             unspecified 
PDB 3BQF 'C207S mutant of the same protein, complex with a substrate' unspecified 
PDB 3BQG 'the same protein, sulfenic acid form'                       unspecified 
# 
loop_
_audit_author.name 
_audit_author.pdbx_ordinal 
'Ranaivoson, F.M.' 1 
'Kauffmann, B.'    2 
'Favier, F.'       3 
# 
_citation.id                        primary 
_citation.title                     
'A structural analysis of the catalytic mechanism of methionine sulfoxide reductase A from Neisseria meningitidis' 
_citation.journal_abbrev            J.Mol.Biol. 
_citation.journal_volume            377 
_citation.page_first                268 
_citation.page_last                 280 
_citation.year                      2008 
_citation.journal_id_ASTM           JMOBAK 
_citation.country                   UK 
_citation.journal_id_ISSN           0022-2836 
_citation.journal_id_CSD            0070 
_citation.book_publisher            ? 
_citation.pdbx_database_id_PubMed   18255097 
_citation.pdbx_database_id_DOI      10.1016/j.jmb.2008.01.021 
# 
loop_
_citation_author.citation_id 
_citation_author.name 
_citation_author.ordinal 
_citation_author.identifier_ORCID 
primary 'Ranaivoson, F.M.'  1 ? 
primary 'Antoine, M.'       2 ? 
primary 'Kauffmann, B.'     3 ? 
primary 'Boschi-Muller, S.' 4 ? 
primary 'Aubry, A.'         5 ? 
primary 'Branlant, G.'      6 ? 
primary 'Favier, F.'        7 ? 
# 
loop_
_entity.id 
_entity.type 
_entity.src_method 
_entity.pdbx_description 
_entity.formula_weight 
_entity.pdbx_number_of_molecules 
_entity.pdbx_ec 
_entity.pdbx_mutation 
_entity.pdbx_fragment 
_entity.details 
1 polymer     man 'Peptide methionine sulfoxide reductase msrA/msrB' 21793.133 1  1.8.4.11 ? 
'MsrA domain, Peptide methionine sulfoxide reductase msrA, UNP residues 197-389' ? 
2 non-polymer syn 'ACETATE ION'                                      59.044    1  ?        ? ? ? 
3 water       nat water                                              18.015    76 ?        ? ? ? 
# 
_entity_name_com.entity_id   1 
_entity_name_com.name        pilB 
# 
_entity_poly.entity_id                      1 
_entity_poly.type                           'polypeptide(L)' 
_entity_poly.nstd_linkage                   no 
_entity_poly.nstd_monomer                   no 
_entity_poly.pdbx_seq_one_letter_code       
;NTRTIYLAGGCFWGLEAYFQRIDGVVDAVSGYANGNTKNPSYEDVSYRHTGHAETVKVTYDADKLSLDDILQYFFRVVDP
TSLNKQGNDTGTQYRSGVYYTDPAEKAVIAAALKREQQKYQLPLVVENEPLKNFYDAEEYHQDYLIKNPNGYCHIDIRKA
DEPLPGKTKTAPQGKGFDAATYKKPSDAELKRT
;
_entity_poly.pdbx_seq_one_letter_code_can   
;NTRTIYLAGGCFWGLEAYFQRIDGVVDAVSGYANGNTKNPSYEDVSYRHTGHAETVKVTYDADKLSLDDILQYFFRVVDP
TSLNKQGNDTGTQYRSGVYYTDPAEKAVIAAALKREQQKYQLPLVVENEPLKNFYDAEEYHQDYLIKNPNGYCHIDIRKA
DEPLPGKTKTAPQGKGFDAATYKKPSDAELKRT
;
_entity_poly.pdbx_strand_id                 A 
_entity_poly.pdbx_target_identifier         ? 
# 
loop_
_pdbx_entity_nonpoly.entity_id 
_pdbx_entity_nonpoly.name 
_pdbx_entity_nonpoly.comp_id 
2 'ACETATE ION' ACT 
3 water         HOH 
# 
loop_
_entity_poly_seq.entity_id 
_entity_poly_seq.num 
_entity_poly_seq.mon_id 
_entity_poly_seq.hetero 
1 1   ASN n 
1 2   THR n 
1 3   ARG n 
1 4   THR n 
1 5   ILE n 
1 6   TYR n 
1 7   LEU n 
1 8   ALA n 
1 9   GLY n 
1 10  GLY n 
1 11  CYS n 
1 12  PHE n 
1 13  TRP n 
1 14  GLY n 
1 15  LEU n 
1 16  GLU n 
1 17  ALA n 
1 18  TYR n 
1 19  PHE n 
1 20  GLN n 
1 21  ARG n 
1 22  ILE n 
1 23  ASP n 
1 24  GLY n 
1 25  VAL n 
1 26  VAL n 
1 27  ASP n 
1 28  ALA n 
1 29  VAL n 
1 30  SER n 
1 31  GLY n 
1 32  TYR n 
1 33  ALA n 
1 34  ASN n 
1 35  GLY n 
1 36  ASN n 
1 37  THR n 
1 38  LYS n 
1 39  ASN n 
1 40  PRO n 
1 41  SER n 
1 42  TYR n 
1 43  GLU n 
1 44  ASP n 
1 45  VAL n 
1 46  SER n 
1 47  TYR n 
1 48  ARG n 
1 49  HIS n 
1 50  THR n 
1 51  GLY n 
1 52  HIS n 
1 53  ALA n 
1 54  GLU n 
1 55  THR n 
1 56  VAL n 
1 57  LYS n 
1 58  VAL n 
1 59  THR n 
1 60  TYR n 
1 61  ASP n 
1 62  ALA n 
1 63  ASP n 
1 64  LYS n 
1 65  LEU n 
1 66  SER n 
1 67  LEU n 
1 68  ASP n 
1 69  ASP n 
1 70  ILE n 
1 71  LEU n 
1 72  GLN n 
1 73  TYR n 
1 74  PHE n 
1 75  PHE n 
1 76  ARG n 
1 77  VAL n 
1 78  VAL n 
1 79  ASP n 
1 80  PRO n 
1 81  THR n 
1 82  SER n 
1 83  LEU n 
1 84  ASN n 
1 85  LYS n 
1 86  GLN n 
1 87  GLY n 
1 88  ASN n 
1 89  ASP n 
1 90  THR n 
1 91  GLY n 
1 92  THR n 
1 93  GLN n 
1 94  TYR n 
1 95  ARG n 
1 96  SER n 
1 97  GLY n 
1 98  VAL n 
1 99  TYR n 
1 100 TYR n 
1 101 THR n 
1 102 ASP n 
1 103 PRO n 
1 104 ALA n 
1 105 GLU n 
1 106 LYS n 
1 107 ALA n 
1 108 VAL n 
1 109 ILE n 
1 110 ALA n 
1 111 ALA n 
1 112 ALA n 
1 113 LEU n 
1 114 LYS n 
1 115 ARG n 
1 116 GLU n 
1 117 GLN n 
1 118 GLN n 
1 119 LYS n 
1 120 TYR n 
1 121 GLN n 
1 122 LEU n 
1 123 PRO n 
1 124 LEU n 
1 125 VAL n 
1 126 VAL n 
1 127 GLU n 
1 128 ASN n 
1 129 GLU n 
1 130 PRO n 
1 131 LEU n 
1 132 LYS n 
1 133 ASN n 
1 134 PHE n 
1 135 TYR n 
1 136 ASP n 
1 137 ALA n 
1 138 GLU n 
1 139 GLU n 
1 140 TYR n 
1 141 HIS n 
1 142 GLN n 
1 143 ASP n 
1 144 TYR n 
1 145 LEU n 
1 146 ILE n 
1 147 LYS n 
1 148 ASN n 
1 149 PRO n 
1 150 ASN n 
1 151 GLY n 
1 152 TYR n 
1 153 CYS n 
1 154 HIS n 
1 155 ILE n 
1 156 ASP n 
1 157 ILE n 
1 158 ARG n 
1 159 LYS n 
1 160 ALA n 
1 161 ASP n 
1 162 GLU n 
1 163 PRO n 
1 164 LEU n 
1 165 PRO n 
1 166 GLY n 
1 167 LYS n 
1 168 THR n 
1 169 LYS n 
1 170 THR n 
1 171 ALA n 
1 172 PRO n 
1 173 GLN n 
1 174 GLY n 
1 175 LYS n 
1 176 GLY n 
1 177 PHE n 
1 178 ASP n 
1 179 ALA n 
1 180 ALA n 
1 181 THR n 
1 182 TYR n 
1 183 LYS n 
1 184 LYS n 
1 185 PRO n 
1 186 SER n 
1 187 ASP n 
1 188 ALA n 
1 189 GLU n 
1 190 LEU n 
1 191 LYS n 
1 192 ARG n 
1 193 THR n 
# 
_entity_src_gen.entity_id                          1 
_entity_src_gen.pdbx_src_id                        1 
_entity_src_gen.pdbx_alt_source_flag               sample 
_entity_src_gen.pdbx_seq_type                      ? 
_entity_src_gen.pdbx_beg_seq_num                   ? 
_entity_src_gen.pdbx_end_seq_num                   ? 
_entity_src_gen.gene_src_common_name               ? 
_entity_src_gen.gene_src_genus                     Neisseria 
_entity_src_gen.pdbx_gene_src_gene                 pilB 
_entity_src_gen.gene_src_species                   'Neisseria meningitidis' 
_entity_src_gen.gene_src_strain                    Z2491 
_entity_src_gen.gene_src_tissue                    ? 
_entity_src_gen.gene_src_tissue_fraction           ? 
_entity_src_gen.gene_src_details                   ? 
_entity_src_gen.pdbx_gene_src_fragment             ? 
_entity_src_gen.pdbx_gene_src_scientific_name      'Neisseria meningitidis' 
_entity_src_gen.pdbx_gene_src_ncbi_taxonomy_id     122587 
_entity_src_gen.pdbx_gene_src_variant              ? 
_entity_src_gen.pdbx_gene_src_cell_line            ? 
_entity_src_gen.pdbx_gene_src_atcc                 ? 
_entity_src_gen.pdbx_gene_src_organ                ? 
_entity_src_gen.pdbx_gene_src_organelle            ? 
_entity_src_gen.pdbx_gene_src_cell                 ? 
_entity_src_gen.pdbx_gene_src_cellular_location    ? 
_entity_src_gen.host_org_common_name               ? 
_entity_src_gen.pdbx_host_org_scientific_name      'Escherichia coli' 
_entity_src_gen.pdbx_host_org_ncbi_taxonomy_id     562 
_entity_src_gen.host_org_genus                     Escherichia 
_entity_src_gen.pdbx_host_org_gene                 ? 
_entity_src_gen.pdbx_host_org_organ                ? 
_entity_src_gen.host_org_species                   ? 
_entity_src_gen.pdbx_host_org_tissue               ? 
_entity_src_gen.pdbx_host_org_tissue_fraction      ? 
_entity_src_gen.pdbx_host_org_strain               BE002 
_entity_src_gen.pdbx_host_org_variant              ? 
_entity_src_gen.pdbx_host_org_cell_line            ? 
_entity_src_gen.pdbx_host_org_atcc                 ? 
_entity_src_gen.pdbx_host_org_culture_collection   ? 
_entity_src_gen.pdbx_host_org_cell                 ? 
_entity_src_gen.pdbx_host_org_organelle            ? 
_entity_src_gen.pdbx_host_org_cellular_location    ? 
_entity_src_gen.pdbx_host_org_vector_type          plasmid 
_entity_src_gen.pdbx_host_org_vector               ? 
_entity_src_gen.host_org_details                   ? 
_entity_src_gen.expression_system_id               ? 
_entity_src_gen.plasmid_name                       pSKPILBMsrA 
_entity_src_gen.plasmid_details                    ? 
_entity_src_gen.pdbx_description                   ? 
# 
loop_
_chem_comp.id 
_chem_comp.type 
_chem_comp.mon_nstd_flag 
_chem_comp.name 
_chem_comp.pdbx_synonyms 
_chem_comp.formula 
_chem_comp.formula_weight 
ACT non-polymer         . 'ACETATE ION'   ? 'C2 H3 O2 -1'    59.044  
ALA 'L-peptide linking' y ALANINE         ? 'C3 H7 N O2'     89.093  
ARG 'L-peptide linking' y ARGININE        ? 'C6 H15 N4 O2 1' 175.209 
ASN 'L-peptide linking' y ASPARAGINE      ? 'C4 H8 N2 O3'    132.118 
ASP 'L-peptide linking' y 'ASPARTIC ACID' ? 'C4 H7 N O4'     133.103 
CYS 'L-peptide linking' y CYSTEINE        ? 'C3 H7 N O2 S'   121.158 
GLN 'L-peptide linking' y GLUTAMINE       ? 'C5 H10 N2 O3'   146.144 
GLU 'L-peptide linking' y 'GLUTAMIC ACID' ? 'C5 H9 N O4'     147.129 
GLY 'peptide linking'   y GLYCINE         ? 'C2 H5 N O2'     75.067  
HIS 'L-peptide linking' y HISTIDINE       ? 'C6 H10 N3 O2 1' 156.162 
HOH non-polymer         . WATER           ? 'H2 O'           18.015  
ILE 'L-peptide linking' y ISOLEUCINE      ? 'C6 H13 N O2'    131.173 
LEU 'L-peptide linking' y LEUCINE         ? 'C6 H13 N O2'    131.173 
LYS 'L-peptide linking' y LYSINE          ? 'C6 H15 N2 O2 1' 147.195 
PHE 'L-peptide linking' y PHENYLALANINE   ? 'C9 H11 N O2'    165.189 
PRO 'L-peptide linking' y PROLINE         ? 'C5 H9 N O2'     115.130 
SER 'L-peptide linking' y SERINE          ? 'C3 H7 N O3'     105.093 
THR 'L-peptide linking' y THREONINE       ? 'C4 H9 N O3'     119.119 
TRP 'L-peptide linking' y TRYPTOPHAN      ? 'C11 H12 N2 O2'  204.225 
TYR 'L-peptide linking' y TYROSINE        ? 'C9 H11 N O3'    181.189 
VAL 'L-peptide linking' y VALINE          ? 'C5 H11 N O2'    117.146 
# 
loop_
_pdbx_poly_seq_scheme.asym_id 
_pdbx_poly_seq_scheme.entity_id 
_pdbx_poly_seq_scheme.seq_id 
_pdbx_poly_seq_scheme.mon_id 
_pdbx_poly_seq_scheme.ndb_seq_num 
_pdbx_poly_seq_scheme.pdb_seq_num 
_pdbx_poly_seq_scheme.auth_seq_num 
_pdbx_poly_seq_scheme.pdb_mon_id 
_pdbx_poly_seq_scheme.auth_mon_id 
_pdbx_poly_seq_scheme.pdb_strand_id 
_pdbx_poly_seq_scheme.pdb_ins_code 
_pdbx_poly_seq_scheme.hetero 
A 1 1   ASN 1   197 197 ASN ASN A . n 
A 1 2   THR 2   198 198 THR THR A . n 
A 1 3   ARG 3   199 199 ARG ARG A . n 
A 1 4   THR 4   200 200 THR THR A . n 
A 1 5   ILE 5   201 201 ILE ILE A . n 
A 1 6   TYR 6   202 202 TYR TYR A . n 
A 1 7   LEU 7   203 203 LEU LEU A . n 
A 1 8   ALA 8   204 204 ALA ALA A . n 
A 1 9   GLY 9   205 205 GLY GLY A . n 
A 1 10  GLY 10  206 206 GLY GLY A . n 
A 1 11  CYS 11  207 207 CYS CYS A . n 
A 1 12  PHE 12  208 208 PHE PHE A . n 
A 1 13  TRP 13  209 209 TRP TRP A . n 
A 1 14  GLY 14  210 210 GLY GLY A . n 
A 1 15  LEU 15  211 211 LEU LEU A . n 
A 1 16  GLU 16  212 212 GLU GLU A . n 
A 1 17  ALA 17  213 213 ALA ALA A . n 
A 1 18  TYR 18  214 214 TYR TYR A . n 
A 1 19  PHE 19  215 215 PHE PHE A . n 
A 1 20  GLN 20  216 216 GLN GLN A . n 
A 1 21  ARG 21  217 217 ARG ARG A . n 
A 1 22  ILE 22  218 218 ILE ILE A . n 
A 1 23  ASP 23  219 219 ASP ASP A . n 
A 1 24  GLY 24  220 220 GLY GLY A . n 
A 1 25  VAL 25  221 221 VAL VAL A . n 
A 1 26  VAL 26  222 222 VAL VAL A . n 
A 1 27  ASP 27  223 223 ASP ASP A . n 
A 1 28  ALA 28  224 224 ALA ALA A . n 
A 1 29  VAL 29  225 225 VAL VAL A . n 
A 1 30  SER 30  226 226 SER SER A . n 
A 1 31  GLY 31  227 227 GLY GLY A . n 
A 1 32  TYR 32  228 228 TYR TYR A . n 
A 1 33  ALA 33  229 229 ALA ALA A . n 
A 1 34  ASN 34  230 230 ASN ASN A . n 
A 1 35  GLY 35  231 231 GLY GLY A . n 
A 1 36  ASN 36  232 232 ASN ASN A . n 
A 1 37  THR 37  233 233 THR THR A . n 
A 1 38  LYS 38  234 234 LYS LYS A . n 
A 1 39  ASN 39  235 235 ASN ASN A . n 
A 1 40  PRO 40  236 236 PRO PRO A . n 
A 1 41  SER 41  237 237 SER SER A . n 
A 1 42  TYR 42  238 238 TYR TYR A . n 
A 1 43  GLU 43  239 239 GLU GLU A . n 
A 1 44  ASP 44  240 240 ASP ASP A . n 
A 1 45  VAL 45  241 241 VAL VAL A . n 
A 1 46  SER 46  242 242 SER SER A . n 
A 1 47  TYR 47  243 243 TYR TYR A . n 
A 1 48  ARG 48  244 244 ARG ARG A . n 
A 1 49  HIS 49  245 245 HIS HIS A . n 
A 1 50  THR 50  246 246 THR THR A . n 
A 1 51  GLY 51  247 247 GLY GLY A . n 
A 1 52  HIS 52  248 248 HIS HIS A . n 
A 1 53  ALA 53  249 249 ALA ALA A . n 
A 1 54  GLU 54  250 250 GLU GLU A . n 
A 1 55  THR 55  251 251 THR THR A . n 
A 1 56  VAL 56  252 252 VAL VAL A . n 
A 1 57  LYS 57  253 253 LYS LYS A . n 
A 1 58  VAL 58  254 254 VAL VAL A . n 
A 1 59  THR 59  255 255 THR THR A . n 
A 1 60  TYR 60  256 256 TYR TYR A . n 
A 1 61  ASP 61  257 257 ASP ASP A . n 
A 1 62  ALA 62  258 258 ALA ALA A . n 
A 1 63  ASP 63  259 259 ASP ASP A . n 
A 1 64  LYS 64  260 260 LYS LYS A . n 
A 1 65  LEU 65  261 261 LEU LEU A . n 
A 1 66  SER 66  262 262 SER SER A . n 
A 1 67  LEU 67  263 263 LEU LEU A . n 
A 1 68  ASP 68  264 264 ASP ASP A . n 
A 1 69  ASP 69  265 265 ASP ASP A . n 
A 1 70  ILE 70  266 266 ILE ILE A . n 
A 1 71  LEU 71  267 267 LEU LEU A . n 
A 1 72  GLN 72  268 268 GLN GLN A . n 
A 1 73  TYR 73  269 269 TYR TYR A . n 
A 1 74  PHE 74  270 270 PHE PHE A . n 
A 1 75  PHE 75  271 271 PHE PHE A . n 
A 1 76  ARG 76  272 272 ARG ARG A . n 
A 1 77  VAL 77  273 273 VAL VAL A . n 
A 1 78  VAL 78  274 274 VAL VAL A . n 
A 1 79  ASP 79  275 275 ASP ASP A . n 
A 1 80  PRO 80  276 276 PRO PRO A . n 
A 1 81  THR 81  277 277 THR THR A . n 
A 1 82  SER 82  278 278 SER SER A . n 
A 1 83  LEU 83  279 279 LEU LEU A . n 
A 1 84  ASN 84  280 280 ASN ASN A . n 
A 1 85  LYS 85  281 281 LYS LYS A . n 
A 1 86  GLN 86  282 282 GLN GLN A . n 
A 1 87  GLY 87  283 283 GLY GLY A . n 
A 1 88  ASN 88  284 284 ASN ASN A . n 
A 1 89  ASP 89  285 285 ASP ASP A . n 
A 1 90  THR 90  286 286 THR THR A . n 
A 1 91  GLY 91  287 287 GLY GLY A . n 
A 1 92  THR 92  288 288 THR THR A . n 
A 1 93  GLN 93  289 289 GLN GLN A . n 
A 1 94  TYR 94  290 290 TYR TYR A . n 
A 1 95  ARG 95  291 291 ARG ARG A . n 
A 1 96  SER 96  292 292 SER SER A . n 
A 1 97  GLY 97  293 293 GLY GLY A . n 
A 1 98  VAL 98  294 294 VAL VAL A . n 
A 1 99  TYR 99  295 295 TYR TYR A . n 
A 1 100 TYR 100 296 296 TYR TYR A . n 
A 1 101 THR 101 297 297 THR THR A . n 
A 1 102 ASP 102 298 298 ASP ASP A . n 
A 1 103 PRO 103 299 299 PRO PRO A . n 
A 1 104 ALA 104 300 300 ALA ALA A . n 
A 1 105 GLU 105 301 301 GLU GLU A . n 
A 1 106 LYS 106 302 302 LYS LYS A . n 
A 1 107 ALA 107 303 303 ALA ALA A . n 
A 1 108 VAL 108 304 304 VAL VAL A . n 
A 1 109 ILE 109 305 305 ILE ILE A . n 
A 1 110 ALA 110 306 306 ALA ALA A . n 
A 1 111 ALA 111 307 307 ALA ALA A . n 
A 1 112 ALA 112 308 308 ALA ALA A . n 
A 1 113 LEU 113 309 309 LEU LEU A . n 
A 1 114 LYS 114 310 310 LYS LYS A . n 
A 1 115 ARG 115 311 311 ARG ARG A . n 
A 1 116 GLU 116 312 312 GLU GLU A . n 
A 1 117 GLN 117 313 313 GLN GLN A . n 
A 1 118 GLN 118 314 314 GLN GLN A . n 
A 1 119 LYS 119 315 315 LYS LYS A . n 
A 1 120 TYR 120 316 316 TYR TYR A . n 
A 1 121 GLN 121 317 317 GLN GLN A . n 
A 1 122 LEU 122 318 318 LEU LEU A . n 
A 1 123 PRO 123 319 319 PRO PRO A . n 
A 1 124 LEU 124 320 320 LEU LEU A . n 
A 1 125 VAL 125 321 321 VAL VAL A . n 
A 1 126 VAL 126 322 322 VAL VAL A . n 
A 1 127 GLU 127 323 323 GLU GLU A . n 
A 1 128 ASN 128 324 324 ASN ASN A . n 
A 1 129 GLU 129 325 325 GLU GLU A . n 
A 1 130 PRO 130 326 326 PRO PRO A . n 
A 1 131 LEU 131 327 327 LEU LEU A . n 
A 1 132 LYS 132 328 328 LYS LYS A . n 
A 1 133 ASN 133 329 329 ASN ASN A . n 
A 1 134 PHE 134 330 330 PHE PHE A . n 
A 1 135 TYR 135 331 331 TYR TYR A . n 
A 1 136 ASP 136 332 332 ASP ASP A . n 
A 1 137 ALA 137 333 333 ALA ALA A . n 
A 1 138 GLU 138 334 334 GLU GLU A . n 
A 1 139 GLU 139 335 335 GLU GLU A . n 
A 1 140 TYR 140 336 336 TYR TYR A . n 
A 1 141 HIS 141 337 337 HIS HIS A . n 
A 1 142 GLN 142 338 338 GLN GLN A . n 
A 1 143 ASP 143 339 339 ASP ASP A . n 
A 1 144 TYR 144 340 340 TYR TYR A . n 
A 1 145 LEU 145 341 341 LEU LEU A . n 
A 1 146 ILE 146 342 342 ILE ILE A . n 
A 1 147 LYS 147 343 343 LYS LYS A . n 
A 1 148 ASN 148 344 344 ASN ASN A . n 
A 1 149 PRO 149 345 345 PRO PRO A . n 
A 1 150 ASN 150 346 346 ASN ASN A . n 
A 1 151 GLY 151 347 347 GLY GLY A . n 
A 1 152 TYR 152 348 348 TYR TYR A . n 
A 1 153 CYS 153 349 349 CYS CYS A . n 
A 1 154 HIS 154 350 ?   ?   ?   A . n 
A 1 155 ILE 155 351 ?   ?   ?   A . n 
A 1 156 ASP 156 352 ?   ?   ?   A . n 
A 1 157 ILE 157 353 353 ILE ILE A . n 
A 1 158 ARG 158 354 354 ARG ARG A . n 
A 1 159 LYS 159 355 355 LYS LYS A . n 
A 1 160 ALA 160 356 356 ALA ALA A . n 
A 1 161 ASP 161 357 357 ASP ASP A . n 
A 1 162 GLU 162 358 358 GLU GLU A . n 
A 1 163 PRO 163 359 359 PRO PRO A . n 
A 1 164 LEU 164 360 360 LEU LEU A . n 
A 1 165 PRO 165 361 361 PRO PRO A . n 
A 1 166 GLY 166 362 ?   ?   ?   A . n 
A 1 167 LYS 167 363 ?   ?   ?   A . n 
A 1 168 THR 168 364 ?   ?   ?   A . n 
A 1 169 LYS 169 365 ?   ?   ?   A . n 
A 1 170 THR 170 366 ?   ?   ?   A . n 
A 1 171 ALA 171 367 ?   ?   ?   A . n 
A 1 172 PRO 172 368 ?   ?   ?   A . n 
A 1 173 GLN 173 369 ?   ?   ?   A . n 
A 1 174 GLY 174 370 ?   ?   ?   A . n 
A 1 175 LYS 175 371 ?   ?   ?   A . n 
A 1 176 GLY 176 372 ?   ?   ?   A . n 
A 1 177 PHE 177 373 ?   ?   ?   A . n 
A 1 178 ASP 178 374 ?   ?   ?   A . n 
A 1 179 ALA 179 375 ?   ?   ?   A . n 
A 1 180 ALA 180 376 ?   ?   ?   A . n 
A 1 181 THR 181 377 ?   ?   ?   A . n 
A 1 182 TYR 182 378 ?   ?   ?   A . n 
A 1 183 LYS 183 379 ?   ?   ?   A . n 
A 1 184 LYS 184 380 ?   ?   ?   A . n 
A 1 185 PRO 185 381 ?   ?   ?   A . n 
A 1 186 SER 186 382 ?   ?   ?   A . n 
A 1 187 ASP 187 383 ?   ?   ?   A . n 
A 1 188 ALA 188 384 ?   ?   ?   A . n 
A 1 189 GLU 189 385 ?   ?   ?   A . n 
A 1 190 LEU 190 386 ?   ?   ?   A . n 
A 1 191 LYS 191 387 ?   ?   ?   A . n 
A 1 192 ARG 192 388 ?   ?   ?   A . n 
A 1 193 THR 193 389 ?   ?   ?   A . n 
# 
loop_
_pdbx_nonpoly_scheme.asym_id 
_pdbx_nonpoly_scheme.entity_id 
_pdbx_nonpoly_scheme.mon_id 
_pdbx_nonpoly_scheme.ndb_seq_num 
_pdbx_nonpoly_scheme.pdb_seq_num 
_pdbx_nonpoly_scheme.auth_seq_num 
_pdbx_nonpoly_scheme.pdb_mon_id 
_pdbx_nonpoly_scheme.auth_mon_id 
_pdbx_nonpoly_scheme.pdb_strand_id 
_pdbx_nonpoly_scheme.pdb_ins_code 
B 2 ACT 1  1000 1000 ACT ACT A . 
C 3 HOH 1  1    1    HOH HOH A . 
C 3 HOH 2  2    2    HOH HOH A . 
C 3 HOH 3  3    3    HOH HOH A . 
C 3 HOH 4  4    4    HOH HOH A . 
C 3 HOH 5  5    5    HOH HOH A . 
C 3 HOH 6  6    6    HOH HOH A . 
C 3 HOH 7  7    7    HOH HOH A . 
C 3 HOH 8  8    8    HOH HOH A . 
C 3 HOH 9  9    9    HOH HOH A . 
C 3 HOH 10 10   10   HOH HOH A . 
C 3 HOH 11 11   11   HOH HOH A . 
C 3 HOH 12 12   12   HOH HOH A . 
C 3 HOH 13 13   13   HOH HOH A . 
C 3 HOH 14 14   14   HOH HOH A . 
C 3 HOH 15 15   15   HOH HOH A . 
C 3 HOH 16 16   16   HOH HOH A . 
C 3 HOH 17 17   17   HOH HOH A . 
C 3 HOH 18 18   18   HOH HOH A . 
C 3 HOH 19 19   19   HOH HOH A . 
C 3 HOH 20 20   20   HOH HOH A . 
C 3 HOH 21 21   21   HOH HOH A . 
C 3 HOH 22 22   22   HOH HOH A . 
C 3 HOH 23 23   23   HOH HOH A . 
C 3 HOH 24 24   24   HOH HOH A . 
C 3 HOH 25 25   25   HOH HOH A . 
C 3 HOH 26 26   26   HOH HOH A . 
C 3 HOH 27 27   27   HOH HOH A . 
C 3 HOH 28 28   28   HOH HOH A . 
C 3 HOH 29 29   29   HOH HOH A . 
C 3 HOH 30 30   30   HOH HOH A . 
C 3 HOH 31 31   31   HOH HOH A . 
C 3 HOH 32 32   32   HOH HOH A . 
C 3 HOH 33 33   33   HOH HOH A . 
C 3 HOH 34 34   34   HOH HOH A . 
C 3 HOH 35 35   35   HOH HOH A . 
C 3 HOH 36 36   36   HOH HOH A . 
C 3 HOH 37 37   37   HOH HOH A . 
C 3 HOH 38 38   38   HOH HOH A . 
C 3 HOH 39 39   39   HOH HOH A . 
C 3 HOH 40 40   40   HOH HOH A . 
C 3 HOH 41 41   41   HOH HOH A . 
C 3 HOH 42 42   42   HOH HOH A . 
C 3 HOH 43 43   43   HOH HOH A . 
C 3 HOH 44 44   44   HOH HOH A . 
C 3 HOH 45 45   45   HOH HOH A . 
C 3 HOH 46 46   46   HOH HOH A . 
C 3 HOH 47 47   47   HOH HOH A . 
C 3 HOH 48 48   48   HOH HOH A . 
C 3 HOH 49 49   49   HOH HOH A . 
C 3 HOH 50 50   50   HOH HOH A . 
C 3 HOH 51 51   51   HOH HOH A . 
C 3 HOH 52 52   52   HOH HOH A . 
C 3 HOH 53 53   53   HOH HOH A . 
C 3 HOH 54 54   54   HOH HOH A . 
C 3 HOH 55 55   55   HOH HOH A . 
C 3 HOH 56 56   56   HOH HOH A . 
C 3 HOH 57 57   57   HOH HOH A . 
C 3 HOH 58 58   58   HOH HOH A . 
C 3 HOH 59 59   59   HOH HOH A . 
C 3 HOH 60 60   60   HOH HOH A . 
C 3 HOH 61 61   61   HOH HOH A . 
C 3 HOH 62 62   62   HOH HOH A . 
C 3 HOH 63 63   63   HOH HOH A . 
C 3 HOH 64 64   64   HOH HOH A . 
C 3 HOH 65 65   65   HOH HOH A . 
C 3 HOH 66 66   66   HOH HOH A . 
C 3 HOH 67 67   67   HOH HOH A . 
C 3 HOH 68 68   68   HOH HOH A . 
C 3 HOH 69 69   69   HOH HOH A . 
C 3 HOH 70 70   70   HOH HOH A . 
C 3 HOH 71 71   71   HOH HOH A . 
C 3 HOH 72 72   72   HOH HOH A . 
C 3 HOH 73 73   73   HOH HOH A . 
C 3 HOH 74 74   74   HOH HOH A . 
C 3 HOH 75 75   75   HOH HOH A . 
C 3 HOH 76 76   76   HOH HOH A . 
# 
loop_
_software.name 
_software.version 
_software.date 
_software.type 
_software.contact_author 
_software.contact_author_email 
_software.classification 
_software.location 
_software.language 
_software.citation_id 
_software.pdbx_ordinal 
CNS         1.0   ?                    package 'Axel T. Brunger' axel.brunger@yale.edu    refinement        
http://cns.csb.yale.edu/v1.1/    Fortran_77 ? 1 
PDB_EXTRACT 3.004 'September 10, 2007' package PDB               sw-help@rcsb.rutgers.edu 'data extraction' 
http://pdb.rutgers.edu/software/ C++        ? 2 
MxCuBE      .     ?                    ?       ?                 ?                        'data collection' ? ?          ? 3 
XDS         .     ?                    ?       ?                 ?                        'data reduction'  ? ?          ? 4 
SCALA       .     ?                    ?       ?                 ?                        'data scaling'    ? ?          ? 5 
CNS         .     ?                    ?       ?                 ?                        phasing           ? ?          ? 6 
# 
_cell.length_a           43.500 
_cell.length_b           47.600 
_cell.length_c           66.000 
_cell.angle_alpha        90.000 
_cell.angle_beta         90.000 
_cell.angle_gamma        90.000 
_cell.entry_id           3BQH 
_cell.pdbx_unique_axis   ? 
_cell.Z_PDB              4 
_cell.length_a_esd       ? 
_cell.length_b_esd       ? 
_cell.length_c_esd       ? 
_cell.angle_alpha_esd    ? 
_cell.angle_beta_esd     ? 
_cell.angle_gamma_esd    ? 
# 
_symmetry.space_group_name_H-M             'P 21 21 21' 
_symmetry.entry_id                         3BQH 
_symmetry.pdbx_full_space_group_name_H-M   ? 
_symmetry.Int_Tables_number                19 
_symmetry.cell_setting                     ? 
_symmetry.space_group_name_Hall            ? 
# 
_exptl.crystals_number   1 
_exptl.entry_id          3BQH 
_exptl.method            'X-RAY DIFFRACTION' 
# 
_exptl_crystal.id                    1 
_exptl_crystal.density_Matthews      1.569840 
_exptl_crystal.density_meas          ? 
_exptl_crystal.density_percent_sol   21.648073 
_exptl_crystal.description           ? 
_exptl_crystal.F_000                 ? 
_exptl_crystal.preparation           ? 
# 
_exptl_crystal_grow.crystal_id      1 
_exptl_crystal_grow.method          microbatch-under-oil 
_exptl_crystal_grow.pH              4.6 
_exptl_crystal_grow.temp            293 
_exptl_crystal_grow.temp_details    ? 
_exptl_crystal_grow.pdbx_details    
;1 volume of 30% PEG 4000, 0.2M Ammonium Sulfate,0.1M Na Acetate pH 4.6, mixed with 1 volume of 50mM TRIS HCl, 2mM EDTA pH 8, 10mg/mL protein priorly oxidized, microbatch-under-oil, temperature 293K
;
_exptl_crystal_grow.pdbx_pH_range   . 
# 
_diffrn.id                     1 
_diffrn.ambient_temp           100 
_diffrn.ambient_temp_details   ? 
_diffrn.crystal_id             1 
# 
_diffrn_detector.diffrn_id              1 
_diffrn_detector.detector               CCD 
_diffrn_detector.type                   'MAR CCD 130 mm' 
_diffrn_detector.pdbx_collection_date   2003-05-13 
_diffrn_detector.details                ? 
# 
_diffrn_radiation.diffrn_id                        1 
_diffrn_radiation.wavelength_id                    1 
_diffrn_radiation.pdbx_diffrn_protocol             'SINGLE WAVELENGTH' 
_diffrn_radiation.monochromator                    ? 
_diffrn_radiation.pdbx_monochromatic_or_laue_m_l   M 
_diffrn_radiation.pdbx_scattering_type             x-ray 
# 
_diffrn_radiation_wavelength.id           1 
_diffrn_radiation_wavelength.wavelength   0.89 
_diffrn_radiation_wavelength.wt           1.0 
# 
_diffrn_source.diffrn_id                   1 
_diffrn_source.source                      SYNCHROTRON 
_diffrn_source.type                        'ESRF BEAMLINE BM14' 
_diffrn_source.pdbx_wavelength             ? 
_diffrn_source.pdbx_wavelength_list        0.89 
_diffrn_source.pdbx_synchrotron_site       ESRF 
_diffrn_source.pdbx_synchrotron_beamline   BM14 
# 
_reflns.entry_id                     3BQH 
_reflns.B_iso_Wilson_estimate        12.500 
_reflns.observed_criterion_sigma_F   0 
_reflns.observed_criterion_sigma_I   0 
_reflns.d_resolution_high            1.95 
_reflns.d_resolution_low             20 
_reflns.number_all                   10464 
_reflns.number_obs                   10452 
_reflns.percent_possible_obs         99.9 
_reflns.pdbx_Rmerge_I_obs            0.069 
_reflns.pdbx_Rsym_value              ? 
_reflns.pdbx_netI_over_sigmaI        23.8 
_reflns.pdbx_redundancy              9.5 
_reflns.R_free_details               ? 
_reflns.limit_h_max                  ? 
_reflns.limit_h_min                  ? 
_reflns.limit_k_max                  ? 
_reflns.limit_k_min                  ? 
_reflns.limit_l_max                  ? 
_reflns.limit_l_min                  ? 
_reflns.observed_criterion_F_max     ? 
_reflns.observed_criterion_F_min     ? 
_reflns.pdbx_chi_squared             ? 
_reflns.pdbx_scaling_rejects         ? 
_reflns.pdbx_ordinal                 1 
_reflns.pdbx_diffrn_id               1 
# 
_reflns_shell.d_res_high             1.95 
_reflns_shell.d_res_low              2.06 
_reflns_shell.percent_possible_obs   ? 
_reflns_shell.percent_possible_all   100 
_reflns_shell.Rmerge_I_obs           0.358 
_reflns_shell.meanI_over_sigI_obs    6.9 
_reflns_shell.pdbx_Rsym_value        ? 
_reflns_shell.pdbx_redundancy        9.7 
_reflns_shell.number_unique_all      1496 
_reflns_shell.number_measured_all    ? 
_reflns_shell.number_measured_obs    ? 
_reflns_shell.number_unique_obs      ? 
_reflns_shell.pdbx_chi_squared       ? 
_reflns_shell.pdbx_ordinal           1 
_reflns_shell.pdbx_diffrn_id         1 
# 
_refine.entry_id                                 3BQH 
_refine.ls_d_res_high                            1.950 
_refine.ls_d_res_low                             19.300 
_refine.pdbx_ls_sigma_F                          0.00 
_refine.pdbx_data_cutoff_high_absF               234527.234 
_refine.pdbx_data_cutoff_low_absF                0.000 
_refine.ls_percent_reflns_obs                    99.000 
_refine.ls_number_reflns_obs                     10360 
_refine.pdbx_ls_cross_valid_method               THROUGHOUT 
_refine.pdbx_R_Free_selection_details            RANDOM 
_refine.ls_R_factor_R_work                       0.193 
_refine.ls_R_factor_R_free                       0.218 
_refine.ls_percent_reflns_R_free                 5.000 
_refine.ls_number_reflns_R_free                  513 
_refine.ls_R_factor_R_free_error                 0.010 
_refine.B_iso_mean                               29.000 
_refine.solvent_model_param_bsol                 60.939 
_refine.solvent_model_param_ksol                 0.445 
_refine.pdbx_isotropic_thermal_model             RESTRAINED 
_refine.aniso_B[1][1]                            2.700 
_refine.aniso_B[2][2]                            3.080 
_refine.aniso_B[3][3]                            -5.790 
_refine.aniso_B[1][2]                            0.000 
_refine.aniso_B[1][3]                            0.000 
_refine.aniso_B[2][3]                            0.000 
_refine.solvent_model_details                    'FLAT MODEL' 
_refine.pdbx_method_to_determine_struct          'MOLECULAR REPLACEMENT' 
_refine.pdbx_ls_sigma_I                          ? 
_refine.ls_number_reflns_all                     10465 
_refine.ls_R_factor_all                          ? 
_refine.ls_R_factor_obs                          ? 
_refine.ls_redundancy_reflns_obs                 ? 
_refine.ls_number_parameters                     ? 
_refine.ls_number_restraints                     ? 
_refine.ls_R_factor_R_free_error_details         ? 
_refine.pdbx_starting_model                      'PDB ENTRY 3BQE' 
_refine.pdbx_stereochem_target_val_spec_case     ? 
_refine.pdbx_stereochemistry_target_values       'Engh & Huber' 
_refine.occupancy_max                            ? 
_refine.occupancy_min                            ? 
_refine.details                                  ? 
_refine.B_iso_min                                ? 
_refine.B_iso_max                                ? 
_refine.correlation_coeff_Fo_to_Fc               ? 
_refine.correlation_coeff_Fo_to_Fc_free          ? 
_refine.pdbx_solvent_vdw_probe_radii             ? 
_refine.pdbx_solvent_ion_probe_radii             ? 
_refine.pdbx_solvent_shrinkage_radii             ? 
_refine.overall_SU_R_Cruickshank_DPI             ? 
_refine.overall_SU_R_free                        ? 
_refine.overall_SU_ML                            ? 
_refine.overall_SU_B                             ? 
_refine.pdbx_overall_ESU_R_Free                  ? 
_refine.pdbx_data_cutoff_high_rms_absF           ? 
_refine.pdbx_overall_ESU_R                       ? 
_refine.ls_wR_factor_R_free                      ? 
_refine.ls_wR_factor_R_work                      ? 
_refine.overall_FOM_free_R_set                   ? 
_refine.overall_FOM_work_R_set                   ? 
_refine.pdbx_overall_phase_error                 ? 
_refine.pdbx_refine_id                           'X-RAY DIFFRACTION' 
_refine.pdbx_diffrn_id                           1 
_refine.pdbx_TLS_residual_ADP_flag               ? 
_refine.pdbx_overall_SU_R_free_Cruickshank_DPI   ? 
_refine.pdbx_overall_SU_R_Blow_DPI               ? 
_refine.pdbx_overall_SU_R_free_Blow_DPI          ? 
# 
_refine_analyze.entry_id                        3BQH 
_refine_analyze.Luzzati_coordinate_error_obs    0.200 
_refine_analyze.Luzzati_sigma_a_obs             0.140 
_refine_analyze.Luzzati_d_res_low_obs           5.000 
_refine_analyze.Luzzati_coordinate_error_free   0.250 
_refine_analyze.Luzzati_sigma_a_free            0.210 
_refine_analyze.Luzzati_d_res_low_free          ? 
_refine_analyze.number_disordered_residues      ? 
_refine_analyze.occupancy_sum_non_hydrogen      ? 
_refine_analyze.occupancy_sum_hydrogen          ? 
_refine_analyze.pdbx_Luzzati_d_res_high_obs     ? 
_refine_analyze.pdbx_refine_id                  'X-RAY DIFFRACTION' 
# 
_refine_hist.pdbx_refine_id                   'X-RAY DIFFRACTION' 
_refine_hist.cycle_id                         LAST 
_refine_hist.pdbx_number_atoms_protein        1303 
_refine_hist.pdbx_number_atoms_nucleic_acid   0 
_refine_hist.pdbx_number_atoms_ligand         4 
_refine_hist.number_atoms_solvent             76 
_refine_hist.number_atoms_total               1383 
_refine_hist.d_res_high                       1.950 
_refine_hist.d_res_low                        19.300 
# 
loop_
_refine_ls_restr.type 
_refine_ls_restr.number 
_refine_ls_restr.dev_ideal 
_refine_ls_restr.dev_ideal_target 
_refine_ls_restr.weight 
_refine_ls_restr.pdbx_refine_id 
_refine_ls_restr.pdbx_restraint_function 
c_bond_d           ? 0.006  ?     ? 'X-RAY DIFFRACTION' ? 
c_angle_deg        ? 1.200  ?     ? 'X-RAY DIFFRACTION' ? 
c_dihedral_angle_d ? 23.800 ?     ? 'X-RAY DIFFRACTION' ? 
c_improper_angle_d ? 0.650  ?     ? 'X-RAY DIFFRACTION' ? 
c_mcbond_it        ? 1.920  1.500 ? 'X-RAY DIFFRACTION' ? 
c_mcangle_it       ? 2.560  2.000 ? 'X-RAY DIFFRACTION' ? 
c_scbond_it        ? 2.080  2.000 ? 'X-RAY DIFFRACTION' ? 
c_scangle_it       ? 3.370  2.500 ? 'X-RAY DIFFRACTION' ? 
# 
_refine_ls_shell.d_res_high                       1.950 
_refine_ls_shell.d_res_low                        2.070 
_refine_ls_shell.pdbx_total_number_of_bins_used   6 
_refine_ls_shell.percent_reflns_obs               98.400 
_refine_ls_shell.number_reflns_R_work             1619 
_refine_ls_shell.R_factor_all                     ? 
_refine_ls_shell.R_factor_R_work                  0.217 
_refine_ls_shell.R_factor_R_free                  0.263 
_refine_ls_shell.percent_reflns_R_free            4.500 
_refine_ls_shell.number_reflns_R_free             77 
_refine_ls_shell.R_factor_R_free_error            0.030 
_refine_ls_shell.number_reflns_all                1696 
_refine_ls_shell.number_reflns_obs                ? 
_refine_ls_shell.redundancy_reflns_obs            ? 
_refine_ls_shell.pdbx_refine_id                   'X-RAY DIFFRACTION' 
# 
loop_
_pdbx_xplor_file.serial_no 
_pdbx_xplor_file.param_file 
_pdbx_xplor_file.topol_file 
_pdbx_xplor_file.pdbx_refine_id 
1 protein_rep.param protein.top 'X-RAY DIFFRACTION' 
2 water_rep.param   water.top   'X-RAY DIFFRACTION' 
3 act.param         act.top     'X-RAY DIFFRACTION' 
# 
_struct.entry_id                  3BQH 
_struct.title                     'Structure of the central domain (MsrA) of Neisseria meningitidis PilB (oxidized form)' 
_struct.pdbx_model_details        ? 
_struct.pdbx_CASP_flag            ? 
_struct.pdbx_model_type_details   ? 
# 
_struct_keywords.entry_id        3BQH 
_struct_keywords.pdbx_keywords   OXIDOREDUCTASE 
_struct_keywords.text            
;PILB, Methionine sulfoxide reductase A, oxidized form, Electron transport, Multifunctional enzyme, Oxidoreductase, Redox-active center, Transport
;
# 
loop_
_struct_asym.id 
_struct_asym.pdbx_blank_PDB_chainid_flag 
_struct_asym.pdbx_modified 
_struct_asym.entity_id 
_struct_asym.details 
A N N 1 ? 
B N N 2 ? 
C N N 3 ? 
# 
_struct_ref.id                         1 
_struct_ref.db_name                    UNP 
_struct_ref.db_code                    MSRAB_NEIMA 
_struct_ref.pdbx_db_accession          Q9JWM8 
_struct_ref.entity_id                  1 
_struct_ref.pdbx_seq_one_letter_code   
;NTRTIYLAGGCFWGLEAYFQRIDGVVDAVSGYANGNTKNPSYEDVSYRHTGHAETVKVTYDADKLSLDDILQYFFRVVDP
TSLNKQGNDTGTQYRSGVYYTDPAEKAVIAAALKREQQKYQLPLVVENEPLKNFYDAEEYHQDYLIKNPNGYCHIDIRKA
DEPLPGKTKTAPQGKGFDAATYKKPSDAELKRT
;
_struct_ref.pdbx_align_begin           197 
_struct_ref.pdbx_db_isoform            ? 
# 
_struct_ref_seq.align_id                      1 
_struct_ref_seq.ref_id                        1 
_struct_ref_seq.pdbx_PDB_id_code              3BQH 
_struct_ref_seq.pdbx_strand_id                A 
_struct_ref_seq.seq_align_beg                 1 
_struct_ref_seq.pdbx_seq_align_beg_ins_code   ? 
_struct_ref_seq.seq_align_end                 193 
_struct_ref_seq.pdbx_seq_align_end_ins_code   ? 
_struct_ref_seq.pdbx_db_accession             Q9JWM8 
_struct_ref_seq.db_align_beg                  197 
_struct_ref_seq.pdbx_db_align_beg_ins_code    ? 
_struct_ref_seq.db_align_end                  389 
_struct_ref_seq.pdbx_db_align_end_ins_code    ? 
_struct_ref_seq.pdbx_auth_seq_align_beg       197 
_struct_ref_seq.pdbx_auth_seq_align_end       389 
# 
_pdbx_struct_assembly.id                   1 
_pdbx_struct_assembly.details              author_and_software_defined_assembly 
_pdbx_struct_assembly.method_details       PISA 
_pdbx_struct_assembly.oligomeric_details   monomeric 
_pdbx_struct_assembly.oligomeric_count     1 
# 
_pdbx_struct_assembly_gen.assembly_id       1 
_pdbx_struct_assembly_gen.oper_expression   1 
_pdbx_struct_assembly_gen.asym_id_list      A,B,C 
# 
_pdbx_struct_oper_list.id                   1 
_pdbx_struct_oper_list.type                 'identity operation' 
_pdbx_struct_oper_list.name                 1_555 
_pdbx_struct_oper_list.symmetry_operation   x,y,z 
_pdbx_struct_oper_list.matrix[1][1]         1.0000000000 
_pdbx_struct_oper_list.matrix[1][2]         0.0000000000 
_pdbx_struct_oper_list.matrix[1][3]         0.0000000000 
_pdbx_struct_oper_list.vector[1]            0.0000000000 
_pdbx_struct_oper_list.matrix[2][1]         0.0000000000 
_pdbx_struct_oper_list.matrix[2][2]         1.0000000000 
_pdbx_struct_oper_list.matrix[2][3]         0.0000000000 
_pdbx_struct_oper_list.vector[2]            0.0000000000 
_pdbx_struct_oper_list.matrix[3][1]         0.0000000000 
_pdbx_struct_oper_list.matrix[3][2]         0.0000000000 
_pdbx_struct_oper_list.matrix[3][3]         1.0000000000 
_pdbx_struct_oper_list.vector[3]            0.0000000000 
# 
_struct_biol.id        1 
_struct_biol.details   ? 
# 
loop_
_struct_conf.conf_type_id 
_struct_conf.id 
_struct_conf.pdbx_PDB_helix_id 
_struct_conf.beg_label_comp_id 
_struct_conf.beg_label_asym_id 
_struct_conf.beg_label_seq_id 
_struct_conf.pdbx_beg_PDB_ins_code 
_struct_conf.end_label_comp_id 
_struct_conf.end_label_asym_id 
_struct_conf.end_label_seq_id 
_struct_conf.pdbx_end_PDB_ins_code 
_struct_conf.beg_auth_comp_id 
_struct_conf.beg_auth_asym_id 
_struct_conf.beg_auth_seq_id 
_struct_conf.end_auth_comp_id 
_struct_conf.end_auth_asym_id 
_struct_conf.end_auth_seq_id 
_struct_conf.pdbx_PDB_helix_class 
_struct_conf.details 
_struct_conf.pdbx_PDB_helix_length 
HELX_P HELX_P1 1 CYS A 11  ? ARG A 21  ? CYS A 207 ARG A 217 1 ? 11 
HELX_P HELX_P2 2 SER A 41  ? ARG A 48  ? SER A 237 ARG A 244 1 ? 8  
HELX_P HELX_P3 3 SER A 66  ? VAL A 78  ? SER A 262 VAL A 274 1 ? 13 
HELX_P HELX_P4 4 THR A 81  ? LYS A 85  ? THR A 277 LYS A 281 5 ? 5  
HELX_P HELX_P5 5 ASP A 102 ? GLN A 118 ? ASP A 298 GLN A 314 1 ? 17 
HELX_P HELX_P6 6 GLU A 138 ? GLN A 142 ? GLU A 334 GLN A 338 5 ? 5  
HELX_P HELX_P7 7 ASP A 143 ? ASN A 148 ? ASP A 339 ASN A 344 1 ? 6  
# 
_struct_conf_type.id          HELX_P 
_struct_conf_type.criteria    ? 
_struct_conf_type.reference   ? 
# 
_struct_conn.id                            disulf1 
_struct_conn.conn_type_id                  disulf 
_struct_conn.pdbx_leaving_atom_flag        ? 
_struct_conn.pdbx_PDB_id                   ? 
_struct_conn.ptnr1_label_asym_id           A 
_struct_conn.ptnr1_label_comp_id           CYS 
_struct_conn.ptnr1_label_seq_id            11 
_struct_conn.ptnr1_label_atom_id           SG 
_struct_conn.pdbx_ptnr1_label_alt_id       ? 
_struct_conn.pdbx_ptnr1_PDB_ins_code       ? 
_struct_conn.pdbx_ptnr1_standard_comp_id   ? 
_struct_conn.ptnr1_symmetry                1_555 
_struct_conn.ptnr2_label_asym_id           A 
_struct_conn.ptnr2_label_comp_id           CYS 
_struct_conn.ptnr2_label_seq_id            153 
_struct_conn.ptnr2_label_atom_id           SG 
_struct_conn.pdbx_ptnr2_label_alt_id       ? 
_struct_conn.pdbx_ptnr2_PDB_ins_code       ? 
_struct_conn.ptnr1_auth_asym_id            A 
_struct_conn.ptnr1_auth_comp_id            CYS 
_struct_conn.ptnr1_auth_seq_id             207 
_struct_conn.ptnr2_auth_asym_id            A 
_struct_conn.ptnr2_auth_comp_id            CYS 
_struct_conn.ptnr2_auth_seq_id             349 
_struct_conn.ptnr2_symmetry                1_555 
_struct_conn.pdbx_ptnr3_label_atom_id      ? 
_struct_conn.pdbx_ptnr3_label_seq_id       ? 
_struct_conn.pdbx_ptnr3_label_comp_id      ? 
_struct_conn.pdbx_ptnr3_label_asym_id      ? 
_struct_conn.pdbx_ptnr3_label_alt_id       ? 
_struct_conn.pdbx_ptnr3_PDB_ins_code       ? 
_struct_conn.details                       ? 
_struct_conn.pdbx_dist_value               2.027 
_struct_conn.pdbx_value_order              ? 
_struct_conn.pdbx_role                     ? 
# 
_struct_conn_type.id          disulf 
_struct_conn_type.criteria    ? 
_struct_conn_type.reference   ? 
# 
_pdbx_modification_feature.ordinal                            1 
_pdbx_modification_feature.label_comp_id                      CYS 
_pdbx_modification_feature.label_asym_id                      A 
_pdbx_modification_feature.label_seq_id                       11 
_pdbx_modification_feature.label_alt_id                       ? 
_pdbx_modification_feature.modified_residue_label_comp_id     CYS 
_pdbx_modification_feature.modified_residue_label_asym_id     A 
_pdbx_modification_feature.modified_residue_label_seq_id      153 
_pdbx_modification_feature.modified_residue_label_alt_id      ? 
_pdbx_modification_feature.auth_comp_id                       CYS 
_pdbx_modification_feature.auth_asym_id                       A 
_pdbx_modification_feature.auth_seq_id                        207 
_pdbx_modification_feature.PDB_ins_code                       ? 
_pdbx_modification_feature.symmetry                           1_555 
_pdbx_modification_feature.modified_residue_auth_comp_id      CYS 
_pdbx_modification_feature.modified_residue_auth_asym_id      A 
_pdbx_modification_feature.modified_residue_auth_seq_id       349 
_pdbx_modification_feature.modified_residue_PDB_ins_code      ? 
_pdbx_modification_feature.modified_residue_symmetry          1_555 
_pdbx_modification_feature.comp_id_linking_atom               SG 
_pdbx_modification_feature.modified_residue_id_linking_atom   SG 
_pdbx_modification_feature.modified_residue_id                . 
_pdbx_modification_feature.ref_pcm_id                         . 
_pdbx_modification_feature.ref_comp_id                        . 
_pdbx_modification_feature.type                               None 
_pdbx_modification_feature.category                           'Disulfide bridge' 
# 
_struct_sheet.id               A 
_struct_sheet.type             ? 
_struct_sheet.number_strands   6 
_struct_sheet.details          ? 
# 
loop_
_struct_sheet_order.sheet_id 
_struct_sheet_order.range_id_1 
_struct_sheet_order.range_id_2 
_struct_sheet_order.offset 
_struct_sheet_order.sense 
A 1 2 ? parallel      
A 2 3 ? anti-parallel 
A 3 4 ? anti-parallel 
A 4 5 ? anti-parallel 
A 5 6 ? anti-parallel 
# 
loop_
_struct_sheet_range.sheet_id 
_struct_sheet_range.id 
_struct_sheet_range.beg_label_comp_id 
_struct_sheet_range.beg_label_asym_id 
_struct_sheet_range.beg_label_seq_id 
_struct_sheet_range.pdbx_beg_PDB_ins_code 
_struct_sheet_range.end_label_comp_id 
_struct_sheet_range.end_label_asym_id 
_struct_sheet_range.end_label_seq_id 
_struct_sheet_range.pdbx_end_PDB_ins_code 
_struct_sheet_range.beg_auth_comp_id 
_struct_sheet_range.beg_auth_asym_id 
_struct_sheet_range.beg_auth_seq_id 
_struct_sheet_range.end_auth_comp_id 
_struct_sheet_range.end_auth_asym_id 
_struct_sheet_range.end_auth_seq_id 
A 1 GLU A 127 ? PRO A 130 ? GLU A 323 PRO A 326 
A 2 SER A 96  ? TYR A 100 ? SER A 292 TYR A 296 
A 3 THR A 2   ? GLY A 9   ? THR A 198 GLY A 205 
A 4 ALA A 53  ? ASP A 61  ? ALA A 249 ASP A 257 
A 5 VAL A 25  ? ALA A 33  ? VAL A 221 ALA A 229 
A 6 PHE A 134 ? ASP A 136 ? PHE A 330 ASP A 332 
# 
loop_
_pdbx_struct_sheet_hbond.sheet_id 
_pdbx_struct_sheet_hbond.range_id_1 
_pdbx_struct_sheet_hbond.range_id_2 
_pdbx_struct_sheet_hbond.range_1_label_atom_id 
_pdbx_struct_sheet_hbond.range_1_label_comp_id 
_pdbx_struct_sheet_hbond.range_1_label_asym_id 
_pdbx_struct_sheet_hbond.range_1_label_seq_id 
_pdbx_struct_sheet_hbond.range_1_PDB_ins_code 
_pdbx_struct_sheet_hbond.range_1_auth_atom_id 
_pdbx_struct_sheet_hbond.range_1_auth_comp_id 
_pdbx_struct_sheet_hbond.range_1_auth_asym_id 
_pdbx_struct_sheet_hbond.range_1_auth_seq_id 
_pdbx_struct_sheet_hbond.range_2_label_atom_id 
_pdbx_struct_sheet_hbond.range_2_label_comp_id 
_pdbx_struct_sheet_hbond.range_2_label_asym_id 
_pdbx_struct_sheet_hbond.range_2_label_seq_id 
_pdbx_struct_sheet_hbond.range_2_PDB_ins_code 
_pdbx_struct_sheet_hbond.range_2_auth_atom_id 
_pdbx_struct_sheet_hbond.range_2_auth_comp_id 
_pdbx_struct_sheet_hbond.range_2_auth_asym_id 
_pdbx_struct_sheet_hbond.range_2_auth_seq_id 
A 1 2 O GLU A 127 ? O GLU A 323 N VAL A 98  ? N VAL A 294 
A 2 3 O TYR A 99  ? O TYR A 295 N TYR A 6   ? N TYR A 202 
A 3 4 N ILE A 5   ? N ILE A 201 O VAL A 58  ? O VAL A 254 
A 4 5 O LYS A 57  ? O LYS A 253 N VAL A 29  ? N VAL A 225 
A 5 6 N TYR A 32  ? N TYR A 228 O TYR A 135 ? O TYR A 331 
# 
_struct_site.id                   AC1 
_struct_site.pdbx_evidence_code   Software 
_struct_site.pdbx_auth_asym_id    A 
_struct_site.pdbx_auth_comp_id    ACT 
_struct_site.pdbx_auth_seq_id     1000 
_struct_site.pdbx_auth_ins_code   ? 
_struct_site.pdbx_num_residues    8 
_struct_site.details              'BINDING SITE FOR RESIDUE ACT A 1000' 
# 
loop_
_struct_site_gen.id 
_struct_site_gen.site_id 
_struct_site_gen.pdbx_num_res 
_struct_site_gen.label_comp_id 
_struct_site_gen.label_asym_id 
_struct_site_gen.label_seq_id 
_struct_site_gen.pdbx_auth_ins_code 
_struct_site_gen.auth_comp_id 
_struct_site_gen.auth_asym_id 
_struct_site_gen.auth_seq_id 
_struct_site_gen.label_atom_id 
_struct_site_gen.label_alt_id 
_struct_site_gen.symmetry 
_struct_site_gen.details 
1 AC1 8 HOH C .   ? HOH A 58  . ? 1_555 ? 
2 AC1 8 GLU A 16  ? GLU A 212 . ? 1_555 ? 
3 AC1 8 ASP A 27  ? ASP A 223 . ? 1_555 ? 
4 AC1 8 ALA A 28  ? ALA A 224 . ? 1_555 ? 
5 AC1 8 VAL A 29  ? VAL A 225 . ? 1_555 ? 
6 AC1 8 ARG A 115 ? ARG A 311 . ? 2_444 ? 
7 AC1 8 GLN A 142 ? GLN A 338 . ? 1_555 ? 
8 AC1 8 ASP A 143 ? ASP A 339 . ? 1_555 ? 
# 
_pdbx_entry_details.entry_id                   3BQH 
_pdbx_entry_details.compound_details           ? 
_pdbx_entry_details.source_details             ? 
_pdbx_entry_details.nonpolymer_details         ? 
_pdbx_entry_details.sequence_details           ? 
_pdbx_entry_details.has_ligand_of_interest     ? 
_pdbx_entry_details.has_protein_modification   Y 
# 
loop_
_pdbx_unobs_or_zero_occ_residues.id 
_pdbx_unobs_or_zero_occ_residues.PDB_model_num 
_pdbx_unobs_or_zero_occ_residues.polymer_flag 
_pdbx_unobs_or_zero_occ_residues.occupancy_flag 
_pdbx_unobs_or_zero_occ_residues.auth_asym_id 
_pdbx_unobs_or_zero_occ_residues.auth_comp_id 
_pdbx_unobs_or_zero_occ_residues.auth_seq_id 
_pdbx_unobs_or_zero_occ_residues.PDB_ins_code 
_pdbx_unobs_or_zero_occ_residues.label_asym_id 
_pdbx_unobs_or_zero_occ_residues.label_comp_id 
_pdbx_unobs_or_zero_occ_residues.label_seq_id 
1  1 Y 1 A HIS 350 ? A HIS 154 
2  1 Y 1 A ILE 351 ? A ILE 155 
3  1 Y 1 A ASP 352 ? A ASP 156 
4  1 Y 1 A GLY 362 ? A GLY 166 
5  1 Y 1 A LYS 363 ? A LYS 167 
6  1 Y 1 A THR 364 ? A THR 168 
7  1 Y 1 A LYS 365 ? A LYS 169 
8  1 Y 1 A THR 366 ? A THR 170 
9  1 Y 1 A ALA 367 ? A ALA 171 
10 1 Y 1 A PRO 368 ? A PRO 172 
11 1 Y 1 A GLN 369 ? A GLN 173 
12 1 Y 1 A GLY 370 ? A GLY 174 
13 1 Y 1 A LYS 371 ? A LYS 175 
14 1 Y 1 A GLY 372 ? A GLY 176 
15 1 Y 1 A PHE 373 ? A PHE 177 
16 1 Y 1 A ASP 374 ? A ASP 178 
17 1 Y 1 A ALA 375 ? A ALA 179 
18 1 Y 1 A ALA 376 ? A ALA 180 
19 1 Y 1 A THR 377 ? A THR 181 
20 1 Y 1 A TYR 378 ? A TYR 182 
21 1 Y 1 A LYS 379 ? A LYS 183 
22 1 Y 1 A LYS 380 ? A LYS 184 
23 1 Y 1 A PRO 381 ? A PRO 185 
24 1 Y 1 A SER 382 ? A SER 186 
25 1 Y 1 A ASP 383 ? A ASP 187 
26 1 Y 1 A ALA 384 ? A ALA 188 
27 1 Y 1 A GLU 385 ? A GLU 189 
28 1 Y 1 A LEU 386 ? A LEU 190 
29 1 Y 1 A LYS 387 ? A LYS 191 
30 1 Y 1 A ARG 388 ? A ARG 192 
31 1 Y 1 A THR 389 ? A THR 193 
# 
loop_
_chem_comp_atom.comp_id 
_chem_comp_atom.atom_id 
_chem_comp_atom.type_symbol 
_chem_comp_atom.pdbx_aromatic_flag 
_chem_comp_atom.pdbx_stereo_config 
_chem_comp_atom.pdbx_ordinal 
ACT C    C N N 1   
ACT O    O N N 2   
ACT OXT  O N N 3   
ACT CH3  C N N 4   
ACT H1   H N N 5   
ACT H2   H N N 6   
ACT H3   H N N 7   
ALA N    N N N 8   
ALA CA   C N S 9   
ALA C    C N N 10  
ALA O    O N N 11  
ALA CB   C N N 12  
ALA OXT  O N N 13  
ALA H    H N N 14  
ALA H2   H N N 15  
ALA HA   H N N 16  
ALA HB1  H N N 17  
ALA HB2  H N N 18  
ALA HB3  H N N 19  
ALA HXT  H N N 20  
ARG N    N N N 21  
ARG CA   C N S 22  
ARG C    C N N 23  
ARG O    O N N 24  
ARG CB   C N N 25  
ARG CG   C N N 26  
ARG CD   C N N 27  
ARG NE   N N N 28  
ARG CZ   C N N 29  
ARG NH1  N N N 30  
ARG NH2  N N N 31  
ARG OXT  O N N 32  
ARG H    H N N 33  
ARG H2   H N N 34  
ARG HA   H N N 35  
ARG HB2  H N N 36  
ARG HB3  H N N 37  
ARG HG2  H N N 38  
ARG HG3  H N N 39  
ARG HD2  H N N 40  
ARG HD3  H N N 41  
ARG HE   H N N 42  
ARG HH11 H N N 43  
ARG HH12 H N N 44  
ARG HH21 H N N 45  
ARG HH22 H N N 46  
ARG HXT  H N N 47  
ASN N    N N N 48  
ASN CA   C N S 49  
ASN C    C N N 50  
ASN O    O N N 51  
ASN CB   C N N 52  
ASN CG   C N N 53  
ASN OD1  O N N 54  
ASN ND2  N N N 55  
ASN OXT  O N N 56  
ASN H    H N N 57  
ASN H2   H N N 58  
ASN HA   H N N 59  
ASN HB2  H N N 60  
ASN HB3  H N N 61  
ASN HD21 H N N 62  
ASN HD22 H N N 63  
ASN HXT  H N N 64  
ASP N    N N N 65  
ASP CA   C N S 66  
ASP C    C N N 67  
ASP O    O N N 68  
ASP CB   C N N 69  
ASP CG   C N N 70  
ASP OD1  O N N 71  
ASP OD2  O N N 72  
ASP OXT  O N N 73  
ASP H    H N N 74  
ASP H2   H N N 75  
ASP HA   H N N 76  
ASP HB2  H N N 77  
ASP HB3  H N N 78  
ASP HD2  H N N 79  
ASP HXT  H N N 80  
CYS N    N N N 81  
CYS CA   C N R 82  
CYS C    C N N 83  
CYS O    O N N 84  
CYS CB   C N N 85  
CYS SG   S N N 86  
CYS OXT  O N N 87  
CYS H    H N N 88  
CYS H2   H N N 89  
CYS HA   H N N 90  
CYS HB2  H N N 91  
CYS HB3  H N N 92  
CYS HG   H N N 93  
CYS HXT  H N N 94  
GLN N    N N N 95  
GLN CA   C N S 96  
GLN C    C N N 97  
GLN O    O N N 98  
GLN CB   C N N 99  
GLN CG   C N N 100 
GLN CD   C N N 101 
GLN OE1  O N N 102 
GLN NE2  N N N 103 
GLN OXT  O N N 104 
GLN H    H N N 105 
GLN H2   H N N 106 
GLN HA   H N N 107 
GLN HB2  H N N 108 
GLN HB3  H N N 109 
GLN HG2  H N N 110 
GLN HG3  H N N 111 
GLN HE21 H N N 112 
GLN HE22 H N N 113 
GLN HXT  H N N 114 
GLU N    N N N 115 
GLU CA   C N S 116 
GLU C    C N N 117 
GLU O    O N N 118 
GLU CB   C N N 119 
GLU CG   C N N 120 
GLU CD   C N N 121 
GLU OE1  O N N 122 
GLU OE2  O N N 123 
GLU OXT  O N N 124 
GLU H    H N N 125 
GLU H2   H N N 126 
GLU HA   H N N 127 
GLU HB2  H N N 128 
GLU HB3  H N N 129 
GLU HG2  H N N 130 
GLU HG3  H N N 131 
GLU HE2  H N N 132 
GLU HXT  H N N 133 
GLY N    N N N 134 
GLY CA   C N N 135 
GLY C    C N N 136 
GLY O    O N N 137 
GLY OXT  O N N 138 
GLY H    H N N 139 
GLY H2   H N N 140 
GLY HA2  H N N 141 
GLY HA3  H N N 142 
GLY HXT  H N N 143 
HIS N    N N N 144 
HIS CA   C N S 145 
HIS C    C N N 146 
HIS O    O N N 147 
HIS CB   C N N 148 
HIS CG   C Y N 149 
HIS ND1  N Y N 150 
HIS CD2  C Y N 151 
HIS CE1  C Y N 152 
HIS NE2  N Y N 153 
HIS OXT  O N N 154 
HIS H    H N N 155 
HIS H2   H N N 156 
HIS HA   H N N 157 
HIS HB2  H N N 158 
HIS HB3  H N N 159 
HIS HD1  H N N 160 
HIS HD2  H N N 161 
HIS HE1  H N N 162 
HIS HE2  H N N 163 
HIS HXT  H N N 164 
HOH O    O N N 165 
HOH H1   H N N 166 
HOH H2   H N N 167 
ILE N    N N N 168 
ILE CA   C N S 169 
ILE C    C N N 170 
ILE O    O N N 171 
ILE CB   C N S 172 
ILE CG1  C N N 173 
ILE CG2  C N N 174 
ILE CD1  C N N 175 
ILE OXT  O N N 176 
ILE H    H N N 177 
ILE H2   H N N 178 
ILE HA   H N N 179 
ILE HB   H N N 180 
ILE HG12 H N N 181 
ILE HG13 H N N 182 
ILE HG21 H N N 183 
ILE HG22 H N N 184 
ILE HG23 H N N 185 
ILE HD11 H N N 186 
ILE HD12 H N N 187 
ILE HD13 H N N 188 
ILE HXT  H N N 189 
LEU N    N N N 190 
LEU CA   C N S 191 
LEU C    C N N 192 
LEU O    O N N 193 
LEU CB   C N N 194 
LEU CG   C N N 195 
LEU CD1  C N N 196 
LEU CD2  C N N 197 
LEU OXT  O N N 198 
LEU H    H N N 199 
LEU H2   H N N 200 
LEU HA   H N N 201 
LEU HB2  H N N 202 
LEU HB3  H N N 203 
LEU HG   H N N 204 
LEU HD11 H N N 205 
LEU HD12 H N N 206 
LEU HD13 H N N 207 
LEU HD21 H N N 208 
LEU HD22 H N N 209 
LEU HD23 H N N 210 
LEU HXT  H N N 211 
LYS N    N N N 212 
LYS CA   C N S 213 
LYS C    C N N 214 
LYS O    O N N 215 
LYS CB   C N N 216 
LYS CG   C N N 217 
LYS CD   C N N 218 
LYS CE   C N N 219 
LYS NZ   N N N 220 
LYS OXT  O N N 221 
LYS H    H N N 222 
LYS H2   H N N 223 
LYS HA   H N N 224 
LYS HB2  H N N 225 
LYS HB3  H N N 226 
LYS HG2  H N N 227 
LYS HG3  H N N 228 
LYS HD2  H N N 229 
LYS HD3  H N N 230 
LYS HE2  H N N 231 
LYS HE3  H N N 232 
LYS HZ1  H N N 233 
LYS HZ2  H N N 234 
LYS HZ3  H N N 235 
LYS HXT  H N N 236 
PHE N    N N N 237 
PHE CA   C N S 238 
PHE C    C N N 239 
PHE O    O N N 240 
PHE CB   C N N 241 
PHE CG   C Y N 242 
PHE CD1  C Y N 243 
PHE CD2  C Y N 244 
PHE CE1  C Y N 245 
PHE CE2  C Y N 246 
PHE CZ   C Y N 247 
PHE OXT  O N N 248 
PHE H    H N N 249 
PHE H2   H N N 250 
PHE HA   H N N 251 
PHE HB2  H N N 252 
PHE HB3  H N N 253 
PHE HD1  H N N 254 
PHE HD2  H N N 255 
PHE HE1  H N N 256 
PHE HE2  H N N 257 
PHE HZ   H N N 258 
PHE HXT  H N N 259 
PRO N    N N N 260 
PRO CA   C N S 261 
PRO C    C N N 262 
PRO O    O N N 263 
PRO CB   C N N 264 
PRO CG   C N N 265 
PRO CD   C N N 266 
PRO OXT  O N N 267 
PRO H    H N N 268 
PRO HA   H N N 269 
PRO HB2  H N N 270 
PRO HB3  H N N 271 
PRO HG2  H N N 272 
PRO HG3  H N N 273 
PRO HD2  H N N 274 
PRO HD3  H N N 275 
PRO HXT  H N N 276 
SER N    N N N 277 
SER CA   C N S 278 
SER C    C N N 279 
SER O    O N N 280 
SER CB   C N N 281 
SER OG   O N N 282 
SER OXT  O N N 283 
SER H    H N N 284 
SER H2   H N N 285 
SER HA   H N N 286 
SER HB2  H N N 287 
SER HB3  H N N 288 
SER HG   H N N 289 
SER HXT  H N N 290 
THR N    N N N 291 
THR CA   C N S 292 
THR C    C N N 293 
THR O    O N N 294 
THR CB   C N R 295 
THR OG1  O N N 296 
THR CG2  C N N 297 
THR OXT  O N N 298 
THR H    H N N 299 
THR H2   H N N 300 
THR HA   H N N 301 
THR HB   H N N 302 
THR HG1  H N N 303 
THR HG21 H N N 304 
THR HG22 H N N 305 
THR HG23 H N N 306 
THR HXT  H N N 307 
TRP N    N N N 308 
TRP CA   C N S 309 
TRP C    C N N 310 
TRP O    O N N 311 
TRP CB   C N N 312 
TRP CG   C Y N 313 
TRP CD1  C Y N 314 
TRP CD2  C Y N 315 
TRP NE1  N Y N 316 
TRP CE2  C Y N 317 
TRP CE3  C Y N 318 
TRP CZ2  C Y N 319 
TRP CZ3  C Y N 320 
TRP CH2  C Y N 321 
TRP OXT  O N N 322 
TRP H    H N N 323 
TRP H2   H N N 324 
TRP HA   H N N 325 
TRP HB2  H N N 326 
TRP HB3  H N N 327 
TRP HD1  H N N 328 
TRP HE1  H N N 329 
TRP HE3  H N N 330 
TRP HZ2  H N N 331 
TRP HZ3  H N N 332 
TRP HH2  H N N 333 
TRP HXT  H N N 334 
TYR N    N N N 335 
TYR CA   C N S 336 
TYR C    C N N 337 
TYR O    O N N 338 
TYR CB   C N N 339 
TYR CG   C Y N 340 
TYR CD1  C Y N 341 
TYR CD2  C Y N 342 
TYR CE1  C Y N 343 
TYR CE2  C Y N 344 
TYR CZ   C Y N 345 
TYR OH   O N N 346 
TYR OXT  O N N 347 
TYR H    H N N 348 
TYR H2   H N N 349 
TYR HA   H N N 350 
TYR HB2  H N N 351 
TYR HB3  H N N 352 
TYR HD1  H N N 353 
TYR HD2  H N N 354 
TYR HE1  H N N 355 
TYR HE2  H N N 356 
TYR HH   H N N 357 
TYR HXT  H N N 358 
VAL N    N N N 359 
VAL CA   C N S 360 
VAL C    C N N 361 
VAL O    O N N 362 
VAL CB   C N N 363 
VAL CG1  C N N 364 
VAL CG2  C N N 365 
VAL OXT  O N N 366 
VAL H    H N N 367 
VAL H2   H N N 368 
VAL HA   H N N 369 
VAL HB   H N N 370 
VAL HG11 H N N 371 
VAL HG12 H N N 372 
VAL HG13 H N N 373 
VAL HG21 H N N 374 
VAL HG22 H N N 375 
VAL HG23 H N N 376 
VAL HXT  H N N 377 
# 
loop_
_chem_comp_bond.comp_id 
_chem_comp_bond.atom_id_1 
_chem_comp_bond.atom_id_2 
_chem_comp_bond.value_order 
_chem_comp_bond.pdbx_aromatic_flag 
_chem_comp_bond.pdbx_stereo_config 
_chem_comp_bond.pdbx_ordinal 
ACT C   O    doub N N 1   
ACT C   OXT  sing N N 2   
ACT C   CH3  sing N N 3   
ACT CH3 H1   sing N N 4   
ACT CH3 H2   sing N N 5   
ACT CH3 H3   sing N N 6   
ALA N   CA   sing N N 7   
ALA N   H    sing N N 8   
ALA N   H2   sing N N 9   
ALA CA  C    sing N N 10  
ALA CA  CB   sing N N 11  
ALA CA  HA   sing N N 12  
ALA C   O    doub N N 13  
ALA C   OXT  sing N N 14  
ALA CB  HB1  sing N N 15  
ALA CB  HB2  sing N N 16  
ALA CB  HB3  sing N N 17  
ALA OXT HXT  sing N N 18  
ARG N   CA   sing N N 19  
ARG N   H    sing N N 20  
ARG N   H2   sing N N 21  
ARG CA  C    sing N N 22  
ARG CA  CB   sing N N 23  
ARG CA  HA   sing N N 24  
ARG C   O    doub N N 25  
ARG C   OXT  sing N N 26  
ARG CB  CG   sing N N 27  
ARG CB  HB2  sing N N 28  
ARG CB  HB3  sing N N 29  
ARG CG  CD   sing N N 30  
ARG CG  HG2  sing N N 31  
ARG CG  HG3  sing N N 32  
ARG CD  NE   sing N N 33  
ARG CD  HD2  sing N N 34  
ARG CD  HD3  sing N N 35  
ARG NE  CZ   sing N N 36  
ARG NE  HE   sing N N 37  
ARG CZ  NH1  sing N N 38  
ARG CZ  NH2  doub N N 39  
ARG NH1 HH11 sing N N 40  
ARG NH1 HH12 sing N N 41  
ARG NH2 HH21 sing N N 42  
ARG NH2 HH22 sing N N 43  
ARG OXT HXT  sing N N 44  
ASN N   CA   sing N N 45  
ASN N   H    sing N N 46  
ASN N   H2   sing N N 47  
ASN CA  C    sing N N 48  
ASN CA  CB   sing N N 49  
ASN CA  HA   sing N N 50  
ASN C   O    doub N N 51  
ASN C   OXT  sing N N 52  
ASN CB  CG   sing N N 53  
ASN CB  HB2  sing N N 54  
ASN CB  HB3  sing N N 55  
ASN CG  OD1  doub N N 56  
ASN CG  ND2  sing N N 57  
ASN ND2 HD21 sing N N 58  
ASN ND2 HD22 sing N N 59  
ASN OXT HXT  sing N N 60  
ASP N   CA   sing N N 61  
ASP N   H    sing N N 62  
ASP N   H2   sing N N 63  
ASP CA  C    sing N N 64  
ASP CA  CB   sing N N 65  
ASP CA  HA   sing N N 66  
ASP C   O    doub N N 67  
ASP C   OXT  sing N N 68  
ASP CB  CG   sing N N 69  
ASP CB  HB2  sing N N 70  
ASP CB  HB3  sing N N 71  
ASP CG  OD1  doub N N 72  
ASP CG  OD2  sing N N 73  
ASP OD2 HD2  sing N N 74  
ASP OXT HXT  sing N N 75  
CYS N   CA   sing N N 76  
CYS N   H    sing N N 77  
CYS N   H2   sing N N 78  
CYS CA  C    sing N N 79  
CYS CA  CB   sing N N 80  
CYS CA  HA   sing N N 81  
CYS C   O    doub N N 82  
CYS C   OXT  sing N N 83  
CYS CB  SG   sing N N 84  
CYS CB  HB2  sing N N 85  
CYS CB  HB3  sing N N 86  
CYS SG  HG   sing N N 87  
CYS OXT HXT  sing N N 88  
GLN N   CA   sing N N 89  
GLN N   H    sing N N 90  
GLN N   H2   sing N N 91  
GLN CA  C    sing N N 92  
GLN CA  CB   sing N N 93  
GLN CA  HA   sing N N 94  
GLN C   O    doub N N 95  
GLN C   OXT  sing N N 96  
GLN CB  CG   sing N N 97  
GLN CB  HB2  sing N N 98  
GLN CB  HB3  sing N N 99  
GLN CG  CD   sing N N 100 
GLN CG  HG2  sing N N 101 
GLN CG  HG3  sing N N 102 
GLN CD  OE1  doub N N 103 
GLN CD  NE2  sing N N 104 
GLN NE2 HE21 sing N N 105 
GLN NE2 HE22 sing N N 106 
GLN OXT HXT  sing N N 107 
GLU N   CA   sing N N 108 
GLU N   H    sing N N 109 
GLU N   H2   sing N N 110 
GLU CA  C    sing N N 111 
GLU CA  CB   sing N N 112 
GLU CA  HA   sing N N 113 
GLU C   O    doub N N 114 
GLU C   OXT  sing N N 115 
GLU CB  CG   sing N N 116 
GLU CB  HB2  sing N N 117 
GLU CB  HB3  sing N N 118 
GLU CG  CD   sing N N 119 
GLU CG  HG2  sing N N 120 
GLU CG  HG3  sing N N 121 
GLU CD  OE1  doub N N 122 
GLU CD  OE2  sing N N 123 
GLU OE2 HE2  sing N N 124 
GLU OXT HXT  sing N N 125 
GLY N   CA   sing N N 126 
GLY N   H    sing N N 127 
GLY N   H2   sing N N 128 
GLY CA  C    sing N N 129 
GLY CA  HA2  sing N N 130 
GLY CA  HA3  sing N N 131 
GLY C   O    doub N N 132 
GLY C   OXT  sing N N 133 
GLY OXT HXT  sing N N 134 
HIS N   CA   sing N N 135 
HIS N   H    sing N N 136 
HIS N   H2   sing N N 137 
HIS CA  C    sing N N 138 
HIS CA  CB   sing N N 139 
HIS CA  HA   sing N N 140 
HIS C   O    doub N N 141 
HIS C   OXT  sing N N 142 
HIS CB  CG   sing N N 143 
HIS CB  HB2  sing N N 144 
HIS CB  HB3  sing N N 145 
HIS CG  ND1  sing Y N 146 
HIS CG  CD2  doub Y N 147 
HIS ND1 CE1  doub Y N 148 
HIS ND1 HD1  sing N N 149 
HIS CD2 NE2  sing Y N 150 
HIS CD2 HD2  sing N N 151 
HIS CE1 NE2  sing Y N 152 
HIS CE1 HE1  sing N N 153 
HIS NE2 HE2  sing N N 154 
HIS OXT HXT  sing N N 155 
HOH O   H1   sing N N 156 
HOH O   H2   sing N N 157 
ILE N   CA   sing N N 158 
ILE N   H    sing N N 159 
ILE N   H2   sing N N 160 
ILE CA  C    sing N N 161 
ILE CA  CB   sing N N 162 
ILE CA  HA   sing N N 163 
ILE C   O    doub N N 164 
ILE C   OXT  sing N N 165 
ILE CB  CG1  sing N N 166 
ILE CB  CG2  sing N N 167 
ILE CB  HB   sing N N 168 
ILE CG1 CD1  sing N N 169 
ILE CG1 HG12 sing N N 170 
ILE CG1 HG13 sing N N 171 
ILE CG2 HG21 sing N N 172 
ILE CG2 HG22 sing N N 173 
ILE CG2 HG23 sing N N 174 
ILE CD1 HD11 sing N N 175 
ILE CD1 HD12 sing N N 176 
ILE CD1 HD13 sing N N 177 
ILE OXT HXT  sing N N 178 
LEU N   CA   sing N N 179 
LEU N   H    sing N N 180 
LEU N   H2   sing N N 181 
LEU CA  C    sing N N 182 
LEU CA  CB   sing N N 183 
LEU CA  HA   sing N N 184 
LEU C   O    doub N N 185 
LEU C   OXT  sing N N 186 
LEU CB  CG   sing N N 187 
LEU CB  HB2  sing N N 188 
LEU CB  HB3  sing N N 189 
LEU CG  CD1  sing N N 190 
LEU CG  CD2  sing N N 191 
LEU CG  HG   sing N N 192 
LEU CD1 HD11 sing N N 193 
LEU CD1 HD12 sing N N 194 
LEU CD1 HD13 sing N N 195 
LEU CD2 HD21 sing N N 196 
LEU CD2 HD22 sing N N 197 
LEU CD2 HD23 sing N N 198 
LEU OXT HXT  sing N N 199 
LYS N   CA   sing N N 200 
LYS N   H    sing N N 201 
LYS N   H2   sing N N 202 
LYS CA  C    sing N N 203 
LYS CA  CB   sing N N 204 
LYS CA  HA   sing N N 205 
LYS C   O    doub N N 206 
LYS C   OXT  sing N N 207 
LYS CB  CG   sing N N 208 
LYS CB  HB2  sing N N 209 
LYS CB  HB3  sing N N 210 
LYS CG  CD   sing N N 211 
LYS CG  HG2  sing N N 212 
LYS CG  HG3  sing N N 213 
LYS CD  CE   sing N N 214 
LYS CD  HD2  sing N N 215 
LYS CD  HD3  sing N N 216 
LYS CE  NZ   sing N N 217 
LYS CE  HE2  sing N N 218 
LYS CE  HE3  sing N N 219 
LYS NZ  HZ1  sing N N 220 
LYS NZ  HZ2  sing N N 221 
LYS NZ  HZ3  sing N N 222 
LYS OXT HXT  sing N N 223 
PHE N   CA   sing N N 224 
PHE N   H    sing N N 225 
PHE N   H2   sing N N 226 
PHE CA  C    sing N N 227 
PHE CA  CB   sing N N 228 
PHE CA  HA   sing N N 229 
PHE C   O    doub N N 230 
PHE C   OXT  sing N N 231 
PHE CB  CG   sing N N 232 
PHE CB  HB2  sing N N 233 
PHE CB  HB3  sing N N 234 
PHE CG  CD1  doub Y N 235 
PHE CG  CD2  sing Y N 236 
PHE CD1 CE1  sing Y N 237 
PHE CD1 HD1  sing N N 238 
PHE CD2 CE2  doub Y N 239 
PHE CD2 HD2  sing N N 240 
PHE CE1 CZ   doub Y N 241 
PHE CE1 HE1  sing N N 242 
PHE CE2 CZ   sing Y N 243 
PHE CE2 HE2  sing N N 244 
PHE CZ  HZ   sing N N 245 
PHE OXT HXT  sing N N 246 
PRO N   CA   sing N N 247 
PRO N   CD   sing N N 248 
PRO N   H    sing N N 249 
PRO CA  C    sing N N 250 
PRO CA  CB   sing N N 251 
PRO CA  HA   sing N N 252 
PRO C   O    doub N N 253 
PRO C   OXT  sing N N 254 
PRO CB  CG   sing N N 255 
PRO CB  HB2  sing N N 256 
PRO CB  HB3  sing N N 257 
PRO CG  CD   sing N N 258 
PRO CG  HG2  sing N N 259 
PRO CG  HG3  sing N N 260 
PRO CD  HD2  sing N N 261 
PRO CD  HD3  sing N N 262 
PRO OXT HXT  sing N N 263 
SER N   CA   sing N N 264 
SER N   H    sing N N 265 
SER N   H2   sing N N 266 
SER CA  C    sing N N 267 
SER CA  CB   sing N N 268 
SER CA  HA   sing N N 269 
SER C   O    doub N N 270 
SER C   OXT  sing N N 271 
SER CB  OG   sing N N 272 
SER CB  HB2  sing N N 273 
SER CB  HB3  sing N N 274 
SER OG  HG   sing N N 275 
SER OXT HXT  sing N N 276 
THR N   CA   sing N N 277 
THR N   H    sing N N 278 
THR N   H2   sing N N 279 
THR CA  C    sing N N 280 
THR CA  CB   sing N N 281 
THR CA  HA   sing N N 282 
THR C   O    doub N N 283 
THR C   OXT  sing N N 284 
THR CB  OG1  sing N N 285 
THR CB  CG2  sing N N 286 
THR CB  HB   sing N N 287 
THR OG1 HG1  sing N N 288 
THR CG2 HG21 sing N N 289 
THR CG2 HG22 sing N N 290 
THR CG2 HG23 sing N N 291 
THR OXT HXT  sing N N 292 
TRP N   CA   sing N N 293 
TRP N   H    sing N N 294 
TRP N   H2   sing N N 295 
TRP CA  C    sing N N 296 
TRP CA  CB   sing N N 297 
TRP CA  HA   sing N N 298 
TRP C   O    doub N N 299 
TRP C   OXT  sing N N 300 
TRP CB  CG   sing N N 301 
TRP CB  HB2  sing N N 302 
TRP CB  HB3  sing N N 303 
TRP CG  CD1  doub Y N 304 
TRP CG  CD2  sing Y N 305 
TRP CD1 NE1  sing Y N 306 
TRP CD1 HD1  sing N N 307 
TRP CD2 CE2  doub Y N 308 
TRP CD2 CE3  sing Y N 309 
TRP NE1 CE2  sing Y N 310 
TRP NE1 HE1  sing N N 311 
TRP CE2 CZ2  sing Y N 312 
TRP CE3 CZ3  doub Y N 313 
TRP CE3 HE3  sing N N 314 
TRP CZ2 CH2  doub Y N 315 
TRP CZ2 HZ2  sing N N 316 
TRP CZ3 CH2  sing Y N 317 
TRP CZ3 HZ3  sing N N 318 
TRP CH2 HH2  sing N N 319 
TRP OXT HXT  sing N N 320 
TYR N   CA   sing N N 321 
TYR N   H    sing N N 322 
TYR N   H2   sing N N 323 
TYR CA  C    sing N N 324 
TYR CA  CB   sing N N 325 
TYR CA  HA   sing N N 326 
TYR C   O    doub N N 327 
TYR C   OXT  sing N N 328 
TYR CB  CG   sing N N 329 
TYR CB  HB2  sing N N 330 
TYR CB  HB3  sing N N 331 
TYR CG  CD1  doub Y N 332 
TYR CG  CD2  sing Y N 333 
TYR CD1 CE1  sing Y N 334 
TYR CD1 HD1  sing N N 335 
TYR CD2 CE2  doub Y N 336 
TYR CD2 HD2  sing N N 337 
TYR CE1 CZ   doub Y N 338 
TYR CE1 HE1  sing N N 339 
TYR CE2 CZ   sing Y N 340 
TYR CE2 HE2  sing N N 341 
TYR CZ  OH   sing N N 342 
TYR OH  HH   sing N N 343 
TYR OXT HXT  sing N N 344 
VAL N   CA   sing N N 345 
VAL N   H    sing N N 346 
VAL N   H2   sing N N 347 
VAL CA  C    sing N N 348 
VAL CA  CB   sing N N 349 
VAL CA  HA   sing N N 350 
VAL C   O    doub N N 351 
VAL C   OXT  sing N N 352 
VAL CB  CG1  sing N N 353 
VAL CB  CG2  sing N N 354 
VAL CB  HB   sing N N 355 
VAL CG1 HG11 sing N N 356 
VAL CG1 HG12 sing N N 357 
VAL CG1 HG13 sing N N 358 
VAL CG2 HG21 sing N N 359 
VAL CG2 HG22 sing N N 360 
VAL CG2 HG23 sing N N 361 
VAL OXT HXT  sing N N 362 
# 
_pdbx_initial_refinement_model.id               1 
_pdbx_initial_refinement_model.entity_id_list   ? 
_pdbx_initial_refinement_model.type             'experimental model' 
_pdbx_initial_refinement_model.source_name      PDB 
_pdbx_initial_refinement_model.accession_code   3BQE 
_pdbx_initial_refinement_model.details          'PDB ENTRY 3BQE' 
# 
_atom_sites.entry_id                    3BQH 
_atom_sites.fract_transf_matrix[1][1]   0.00961177 
_atom_sites.fract_transf_matrix[1][2]   0.00000160 
_atom_sites.fract_transf_matrix[1][3]   -0.02088320 
_atom_sites.fract_transf_matrix[2][1]   -0.00112560 
_atom_sites.fract_transf_matrix[2][2]   -0.02097139 
_atom_sites.fract_transf_matrix[2][3]   -0.00051968 
_atom_sites.fract_transf_matrix[3][1]   -0.01374011 
_atom_sites.fract_transf_matrix[3][2]   0.00089419 
_atom_sites.fract_transf_matrix[3][3]   -0.00632400 
_atom_sites.fract_transf_vector[1]      -0.103554 
_atom_sites.fract_transf_vector[2]      -0.471424 
_atom_sites.fract_transf_vector[3]      0.155016 
# 
loop_
_atom_type.symbol 
C 
N 
O 
S 
# 
loop_
_atom_site.group_PDB 
_atom_site.id 
_atom_site.type_symbol 
_atom_site.label_atom_id 
_atom_site.label_alt_id 
_atom_site.label_comp_id 
_atom_site.label_asym_id 
_atom_site.label_entity_id 
_atom_site.label_seq_id 
_atom_site.pdbx_PDB_ins_code 
_atom_site.Cartn_x 
_atom_site.Cartn_y 
_atom_site.Cartn_z 
_atom_site.occupancy 
_atom_site.B_iso_or_equiv 
_atom_site.pdbx_formal_charge 
_atom_site.auth_seq_id 
_atom_site.auth_comp_id 
_atom_site.auth_asym_id 
_atom_site.auth_atom_id 
_atom_site.pdbx_PDB_model_num 
ATOM   1    N N   . ASN A 1 1   ? -9.482  -6.636  18.011  1.00 41.48 ? 197  ASN A N   1 
ATOM   2    C CA  . ASN A 1 1   ? -8.509  -5.614  18.498  1.00 40.36 ? 197  ASN A CA  1 
ATOM   3    C C   . ASN A 1 1   ? -7.839  -4.939  17.300  1.00 37.98 ? 197  ASN A C   1 
ATOM   4    O O   . ASN A 1 1   ? -8.264  -3.867  16.865  1.00 36.65 ? 197  ASN A O   1 
ATOM   5    C CB  . ASN A 1 1   ? -7.449  -6.275  19.381  1.00 43.37 ? 197  ASN A CB  1 
ATOM   6    C CG  . ASN A 1 1   ? -6.766  -5.290  20.304  1.00 46.20 ? 197  ASN A CG  1 
ATOM   7    O OD1 . ASN A 1 1   ? -6.925  -4.076  20.163  1.00 48.23 ? 197  ASN A OD1 1 
ATOM   8    N ND2 . ASN A 1 1   ? -5.996  -5.809  21.259  1.00 47.50 ? 197  ASN A ND2 1 
ATOM   9    N N   . THR A 1 2   ? -6.793  -5.569  16.770  1.00 34.64 ? 198  THR A N   1 
ATOM   10   C CA  . THR A 1 2   ? -6.088  -5.023  15.611  1.00 31.66 ? 198  THR A CA  1 
ATOM   11   C C   . THR A 1 2   ? -6.240  -5.920  14.389  1.00 29.83 ? 198  THR A C   1 
ATOM   12   O O   . THR A 1 2   ? -6.503  -7.117  14.502  1.00 28.04 ? 198  THR A O   1 
ATOM   13   C CB  . THR A 1 2   ? -4.569  -4.854  15.863  1.00 32.41 ? 198  THR A CB  1 
ATOM   14   O OG1 . THR A 1 2   ? -3.972  -6.140  16.073  1.00 33.64 ? 198  THR A OG1 1 
ATOM   15   C CG2 . THR A 1 2   ? -4.314  -3.972  17.068  1.00 33.48 ? 198  THR A CG2 1 
ATOM   16   N N   . ARG A 1 3   ? -6.082  -5.317  13.220  1.00 26.95 ? 199  ARG A N   1 
ATOM   17   C CA  . ARG A 1 3   ? -6.152  -6.036  11.957  1.00 26.56 ? 199  ARG A CA  1 
ATOM   18   C C   . ARG A 1 3   ? -5.051  -5.449  11.086  1.00 24.84 ? 199  ARG A C   1 
ATOM   19   O O   . ARG A 1 3   ? -4.598  -4.328  11.315  1.00 21.72 ? 199  ARG A O   1 
ATOM   20   C CB  . ARG A 1 3   ? -7.519  -5.856  11.288  1.00 28.31 ? 199  ARG A CB  1 
ATOM   21   C CG  . ARG A 1 3   ? -8.642  -6.682  11.910  1.00 33.08 ? 199  ARG A CG  1 
ATOM   22   C CD  . ARG A 1 3   ? -9.952  -6.495  11.158  1.00 37.68 ? 199  ARG A CD  1 
ATOM   23   N NE  . ARG A 1 3   ? -9.891  -7.022  9.796   1.00 44.70 ? 199  ARG A NE  1 
ATOM   24   C CZ  . ARG A 1 3   ? -10.910 -7.000  8.941   1.00 47.29 ? 199  ARG A CZ  1 
ATOM   25   N NH1 . ARG A 1 3   ? -12.074 -6.478  9.306   1.00 48.75 ? 199  ARG A NH1 1 
ATOM   26   N NH2 . ARG A 1 3   ? -10.767 -7.495  7.717   1.00 48.19 ? 199  ARG A NH2 1 
ATOM   27   N N   . THR A 1 4   ? -4.609  -6.213  10.097  1.00 23.77 ? 200  THR A N   1 
ATOM   28   C CA  . THR A 1 4   ? -3.549  -5.744  9.219   1.00 23.12 ? 200  THR A CA  1 
ATOM   29   C C   . THR A 1 4   ? -3.987  -5.843  7.761   1.00 21.05 ? 200  THR A C   1 
ATOM   30   O O   . THR A 1 4   ? -4.817  -6.674  7.401   1.00 20.99 ? 200  THR A O   1 
ATOM   31   C CB  . THR A 1 4   ? -2.261  -6.584  9.414   1.00 25.39 ? 200  THR A CB  1 
ATOM   32   O OG1 . THR A 1 4   ? -1.894  -6.587  10.803  1.00 27.17 ? 200  THR A OG1 1 
ATOM   33   C CG2 . THR A 1 4   ? -1.107  -6.003  8.602   1.00 26.18 ? 200  THR A CG2 1 
ATOM   34   N N   . ILE A 1 5   ? -3.446  -4.967  6.929   1.00 18.33 ? 201  ILE A N   1 
ATOM   35   C CA  . ILE A 1 5   ? -3.749  -4.989  5.510   1.00 17.91 ? 201  ILE A CA  1 
ATOM   36   C C   . ILE A 1 5   ? -2.466  -4.513  4.847   1.00 17.35 ? 201  ILE A C   1 
ATOM   37   O O   . ILE A 1 5   ? -1.747  -3.679  5.410   1.00 19.98 ? 201  ILE A O   1 
ATOM   38   C CB  . ILE A 1 5   ? -4.956  -4.063  5.149   1.00 18.27 ? 201  ILE A CB  1 
ATOM   39   C CG1 . ILE A 1 5   ? -5.367  -4.292  3.691   1.00 18.73 ? 201  ILE A CG1 1 
ATOM   40   C CG2 . ILE A 1 5   ? -4.602  -2.600  5.376   1.00 17.57 ? 201  ILE A CG2 1 
ATOM   41   C CD1 . ILE A 1 5   ? -5.910  -5.696  3.414   1.00 18.56 ? 201  ILE A CD1 1 
ATOM   42   N N   . TYR A 1 6   ? -2.160  -5.064  3.678   1.00 15.19 ? 202  TYR A N   1 
ATOM   43   C CA  . TYR A 1 6   ? -0.943  -4.699  2.970   1.00 15.44 ? 202  TYR A CA  1 
ATOM   44   C C   . TYR A 1 6   ? -1.260  -3.869  1.732   1.00 14.97 ? 202  TYR A C   1 
ATOM   45   O O   . TYR A 1 6   ? -2.006  -4.301  0.848   1.00 15.47 ? 202  TYR A O   1 
ATOM   46   C CB  . TYR A 1 6   ? -0.160  -5.965  2.601   1.00 15.13 ? 202  TYR A CB  1 
ATOM   47   C CG  . TYR A 1 6   ? 0.316   -6.734  3.814   1.00 14.94 ? 202  TYR A CG  1 
ATOM   48   C CD1 . TYR A 1 6   ? -0.585  -7.436  4.624   1.00 16.34 ? 202  TYR A CD1 1 
ATOM   49   C CD2 . TYR A 1 6   ? 1.668   -6.754  4.158   1.00 15.65 ? 202  TYR A CD2 1 
ATOM   50   C CE1 . TYR A 1 6   ? -0.144  -8.141  5.745   1.00 18.22 ? 202  TYR A CE1 1 
ATOM   51   C CE2 . TYR A 1 6   ? 2.117   -7.454  5.275   1.00 18.27 ? 202  TYR A CE2 1 
ATOM   52   C CZ  . TYR A 1 6   ? 1.210   -8.145  6.062   1.00 18.31 ? 202  TYR A CZ  1 
ATOM   53   O OH  . TYR A 1 6   ? 1.663   -8.863  7.148   1.00 22.21 ? 202  TYR A OH  1 
ATOM   54   N N   . LEU A 1 7   ? -0.671  -2.681  1.673   1.00 15.23 ? 203  LEU A N   1 
ATOM   55   C CA  . LEU A 1 7   ? -0.935  -1.758  0.587   1.00 13.81 ? 203  LEU A CA  1 
ATOM   56   C C   . LEU A 1 7   ? 0.285   -1.332  -0.204  1.00 13.00 ? 203  LEU A C   1 
ATOM   57   O O   . LEU A 1 7   ? 1.288   -0.886  0.353   1.00 12.99 ? 203  LEU A O   1 
ATOM   58   C CB  . LEU A 1 7   ? -1.614  -0.506  1.144   1.00 13.00 ? 203  LEU A CB  1 
ATOM   59   C CG  . LEU A 1 7   ? -2.804  -0.737  2.080   1.00 14.47 ? 203  LEU A CG  1 
ATOM   60   C CD1 . LEU A 1 7   ? -3.201  0.583   2.729   1.00 14.35 ? 203  LEU A CD1 1 
ATOM   61   C CD2 . LEU A 1 7   ? -3.967  -1.331  1.302   1.00 14.03 ? 203  LEU A CD2 1 
ATOM   62   N N   . ALA A 1 8   ? 0.171   -1.452  -1.518  1.00 13.18 ? 204  ALA A N   1 
ATOM   63   C CA  . ALA A 1 8   ? 1.235   -1.056  -2.418  1.00 13.61 ? 204  ALA A CA  1 
ATOM   64   C C   . ALA A 1 8   ? 0.669   0.111   -3.223  1.00 14.11 ? 204  ALA A C   1 
ATOM   65   O O   . ALA A 1 8   ? -0.351  -0.024  -3.894  1.00 15.93 ? 204  ALA A O   1 
ATOM   66   C CB  . ALA A 1 8   ? 1.609   -2.226  -3.334  1.00 12.16 ? 204  ALA A CB  1 
ATOM   67   N N   . GLY A 1 9   ? 1.311   1.269   -3.140  1.00 17.86 ? 205  GLY A N   1 
ATOM   68   C CA  . GLY A 1 9   ? 0.803   2.406   -3.882  1.00 20.58 ? 205  GLY A CA  1 
ATOM   69   C C   . GLY A 1 9   ? 1.855   3.413   -4.291  1.00 21.64 ? 205  GLY A C   1 
ATOM   70   O O   . GLY A 1 9   ? 1.558   4.598   -4.422  1.00 21.84 ? 205  GLY A O   1 
ATOM   71   N N   . GLY A 1 10  ? 3.077   2.939   -4.510  1.00 21.92 ? 206  GLY A N   1 
ATOM   72   C CA  . GLY A 1 10  ? 4.165   3.820   -4.892  1.00 23.28 ? 206  GLY A CA  1 
ATOM   73   C C   . GLY A 1 10  ? 5.281   3.744   -3.864  1.00 23.88 ? 206  GLY A C   1 
ATOM   74   O O   . GLY A 1 10  ? 5.350   2.786   -3.098  1.00 22.19 ? 206  GLY A O   1 
ATOM   75   N N   . CYS A 1 11  ? 6.149   4.753   -3.837  1.00 25.96 ? 207  CYS A N   1 
ATOM   76   C CA  . CYS A 1 11  ? 7.268   4.772   -2.896  1.00 26.63 ? 207  CYS A CA  1 
ATOM   77   C C   . CYS A 1 11  ? 6.716   4.585   -1.486  1.00 24.33 ? 207  CYS A C   1 
ATOM   78   O O   . CYS A 1 11  ? 5.856   5.358   -1.051  1.00 22.01 ? 207  CYS A O   1 
ATOM   79   C CB  . CYS A 1 11  ? 8.009   6.111   -2.989  1.00 35.11 ? 207  CYS A CB  1 
ATOM   80   S SG  . CYS A 1 11  ? 7.114   7.498   -2.219  1.00 47.91 ? 207  CYS A SG  1 
ATOM   81   N N   . PHE A 1 12  ? 7.193   3.571   -0.766  1.00 21.17 ? 208  PHE A N   1 
ATOM   82   C CA  . PHE A 1 12  ? 6.662   3.359   0.574   1.00 20.28 ? 208  PHE A CA  1 
ATOM   83   C C   . PHE A 1 12  ? 7.047   4.425   1.594   1.00 18.82 ? 208  PHE A C   1 
ATOM   84   O O   . PHE A 1 12  ? 6.456   4.486   2.669   1.00 19.01 ? 208  PHE A O   1 
ATOM   85   C CB  . PHE A 1 12  ? 6.962   1.939   1.117   1.00 17.75 ? 208  PHE A CB  1 
ATOM   86   C CG  . PHE A 1 12  ? 8.406   1.498   1.021   1.00 18.19 ? 208  PHE A CG  1 
ATOM   87   C CD1 . PHE A 1 12  ? 9.457   2.390   1.203   1.00 19.21 ? 208  PHE A CD1 1 
ATOM   88   C CD2 . PHE A 1 12  ? 8.704   0.148   0.822   1.00 18.29 ? 208  PHE A CD2 1 
ATOM   89   C CE1 . PHE A 1 12  ? 10.787  1.947   1.193   1.00 19.70 ? 208  PHE A CE1 1 
ATOM   90   C CE2 . PHE A 1 12  ? 10.029  -0.308  0.809   1.00 19.65 ? 208  PHE A CE2 1 
ATOM   91   C CZ  . PHE A 1 12  ? 11.073  0.595   0.995   1.00 18.90 ? 208  PHE A CZ  1 
ATOM   92   N N   . TRP A 1 13  ? 8.013   5.279   1.264   1.00 19.40 ? 209  TRP A N   1 
ATOM   93   C CA  . TRP A 1 13  ? 8.396   6.348   2.188   1.00 19.93 ? 209  TRP A CA  1 
ATOM   94   C C   . TRP A 1 13  ? 7.196   7.265   2.410   1.00 20.17 ? 209  TRP A C   1 
ATOM   95   O O   . TRP A 1 13  ? 6.889   7.643   3.542   1.00 19.05 ? 209  TRP A O   1 
ATOM   96   C CB  . TRP A 1 13  ? 9.547   7.188   1.629   1.00 23.66 ? 209  TRP A CB  1 
ATOM   97   C CG  . TRP A 1 13  ? 10.867  6.479   1.540   1.00 27.55 ? 209  TRP A CG  1 
ATOM   98   C CD1 . TRP A 1 13  ? 11.224  5.313   2.163   1.00 26.37 ? 209  TRP A CD1 1 
ATOM   99   C CD2 . TRP A 1 13  ? 12.023  6.923   0.825   1.00 28.30 ? 209  TRP A CD2 1 
ATOM   100  N NE1 . TRP A 1 13  ? 12.536  5.008   1.879   1.00 27.13 ? 209  TRP A NE1 1 
ATOM   101  C CE2 . TRP A 1 13  ? 13.051  5.981   1.064   1.00 29.53 ? 209  TRP A CE2 1 
ATOM   102  C CE3 . TRP A 1 13  ? 12.294  8.034   0.013   1.00 31.21 ? 209  TRP A CE3 1 
ATOM   103  C CZ2 . TRP A 1 13  ? 14.332  6.112   0.509   1.00 31.19 ? 209  TRP A CZ2 1 
ATOM   104  C CZ3 . TRP A 1 13  ? 13.571  8.166   -0.538  1.00 32.38 ? 209  TRP A CZ3 1 
ATOM   105  C CH2 . TRP A 1 13  ? 14.572  7.210   -0.283  1.00 32.73 ? 209  TRP A CH2 1 
ATOM   106  N N   . GLY A 1 14  ? 6.523   7.615   1.316   1.00 17.29 ? 210  GLY A N   1 
ATOM   107  C CA  . GLY A 1 14  ? 5.365   8.488   1.405   1.00 18.97 ? 210  GLY A CA  1 
ATOM   108  C C   . GLY A 1 14  ? 4.132   7.808   1.977   1.00 19.40 ? 210  GLY A C   1 
ATOM   109  O O   . GLY A 1 14  ? 3.458   8.357   2.847   1.00 18.85 ? 210  GLY A O   1 
ATOM   110  N N   . LEU A 1 15  ? 3.839   6.606   1.494   1.00 18.33 ? 211  LEU A N   1 
ATOM   111  C CA  . LEU A 1 15  ? 2.670   5.870   1.960   1.00 18.73 ? 211  LEU A CA  1 
ATOM   112  C C   . LEU A 1 15  ? 2.765   5.611   3.463   1.00 18.30 ? 211  LEU A C   1 
ATOM   113  O O   . LEU A 1 15  ? 1.780   5.754   4.183   1.00 16.69 ? 211  LEU A O   1 
ATOM   114  C CB  . LEU A 1 15  ? 2.545   4.542   1.203   1.00 20.83 ? 211  LEU A CB  1 
ATOM   115  C CG  . LEU A 1 15  ? 1.185   3.842   1.294   1.00 23.43 ? 211  LEU A CG  1 
ATOM   116  C CD1 . LEU A 1 15  ? 0.103   4.735   0.691   1.00 23.93 ? 211  LEU A CD1 1 
ATOM   117  C CD2 . LEU A 1 15  ? 1.247   2.513   0.555   1.00 23.72 ? 211  LEU A CD2 1 
ATOM   118  N N   . GLU A 1 16  ? 3.951   5.222   3.927   1.00 17.48 ? 212  GLU A N   1 
ATOM   119  C CA  . GLU A 1 16  ? 4.173   4.958   5.343   1.00 17.74 ? 212  GLU A CA  1 
ATOM   120  C C   . GLU A 1 16  ? 3.876   6.208   6.175   1.00 18.46 ? 212  GLU A C   1 
ATOM   121  O O   . GLU A 1 16  ? 3.133   6.156   7.157   1.00 18.80 ? 212  GLU A O   1 
ATOM   122  C CB  . GLU A 1 16  ? 5.626   4.541   5.595   1.00 19.32 ? 212  GLU A CB  1 
ATOM   123  C CG  . GLU A 1 16  ? 6.006   4.592   7.073   1.00 21.57 ? 212  GLU A CG  1 
ATOM   124  C CD  . GLU A 1 16  ? 7.496   4.454   7.308   1.00 23.10 ? 212  GLU A CD  1 
ATOM   125  O OE1 . GLU A 1 16  ? 8.285   5.132   6.615   1.00 23.73 ? 212  GLU A OE1 1 
ATOM   126  O OE2 . GLU A 1 16  ? 7.875   3.673   8.203   1.00 19.65 ? 212  GLU A OE2 1 
ATOM   127  N N   . ALA A 1 17  ? 4.469   7.330   5.780   1.00 18.10 ? 213  ALA A N   1 
ATOM   128  C CA  . ALA A 1 17  ? 4.267   8.584   6.496   1.00 18.75 ? 213  ALA A CA  1 
ATOM   129  C C   . ALA A 1 17  ? 2.784   8.965   6.514   1.00 20.03 ? 213  ALA A C   1 
ATOM   130  O O   . ALA A 1 17  ? 2.254   9.419   7.532   1.00 21.05 ? 213  ALA A O   1 
ATOM   131  C CB  . ALA A 1 17  ? 5.091   9.681   5.847   1.00 20.27 ? 213  ALA A CB  1 
ATOM   132  N N   . TYR A 1 18  ? 2.119   8.769   5.381   1.00 19.38 ? 214  TYR A N   1 
ATOM   133  C CA  . TYR A 1 18  ? 0.702   9.084   5.259   1.00 21.85 ? 214  TYR A CA  1 
ATOM   134  C C   . TYR A 1 18  ? -0.143  8.318   6.280   1.00 22.14 ? 214  TYR A C   1 
ATOM   135  O O   . TYR A 1 18  ? -0.899  8.918   7.042   1.00 21.87 ? 214  TYR A O   1 
ATOM   136  C CB  . TYR A 1 18  ? 0.224   8.761   3.843   1.00 24.52 ? 214  TYR A CB  1 
ATOM   137  C CG  . TYR A 1 18  ? -1.264  8.899   3.638   1.00 27.32 ? 214  TYR A CG  1 
ATOM   138  C CD1 . TYR A 1 18  ? -1.886  10.148  3.674   1.00 28.25 ? 214  TYR A CD1 1 
ATOM   139  C CD2 . TYR A 1 18  ? -2.053  7.776   3.387   1.00 28.30 ? 214  TYR A CD2 1 
ATOM   140  C CE1 . TYR A 1 18  ? -3.260  10.273  3.460   1.00 29.78 ? 214  TYR A CE1 1 
ATOM   141  C CE2 . TYR A 1 18  ? -3.424  7.888   3.174   1.00 29.79 ? 214  TYR A CE2 1 
ATOM   142  C CZ  . TYR A 1 18  ? -4.020  9.136   3.209   1.00 31.30 ? 214  TYR A CZ  1 
ATOM   143  O OH  . TYR A 1 18  ? -5.375  9.240   2.973   1.00 31.78 ? 214  TYR A OH  1 
ATOM   144  N N   . PHE A 1 19  ? 0.001   6.996   6.307   1.00 21.70 ? 215  PHE A N   1 
ATOM   145  C CA  . PHE A 1 19  ? -0.781  6.174   7.229   1.00 23.43 ? 215  PHE A CA  1 
ATOM   146  C C   . PHE A 1 19  ? -0.481  6.322   8.716   1.00 25.22 ? 215  PHE A C   1 
ATOM   147  O O   . PHE A 1 19  ? -1.395  6.238   9.533   1.00 22.91 ? 215  PHE A O   1 
ATOM   148  C CB  . PHE A 1 19  ? -0.697  4.702   6.819   1.00 20.99 ? 215  PHE A CB  1 
ATOM   149  C CG  . PHE A 1 19  ? -1.675  4.331   5.742   1.00 20.93 ? 215  PHE A CG  1 
ATOM   150  C CD1 . PHE A 1 19  ? -3.023  4.136   6.047   1.00 20.12 ? 215  PHE A CD1 1 
ATOM   151  C CD2 . PHE A 1 19  ? -1.274  4.258   4.414   1.00 20.69 ? 215  PHE A CD2 1 
ATOM   152  C CE1 . PHE A 1 19  ? -3.961  3.880   5.037   1.00 21.28 ? 215  PHE A CE1 1 
ATOM   153  C CE2 . PHE A 1 19  ? -2.205  4.004   3.399   1.00 19.93 ? 215  PHE A CE2 1 
ATOM   154  C CZ  . PHE A 1 19  ? -3.548  3.817   3.712   1.00 21.10 ? 215  PHE A CZ  1 
ATOM   155  N N   . GLN A 1 20  ? 0.775   6.555   9.085   1.00 27.75 ? 216  GLN A N   1 
ATOM   156  C CA  . GLN A 1 20  ? 1.092   6.695   10.505  1.00 31.92 ? 216  GLN A CA  1 
ATOM   157  C C   . GLN A 1 20  ? 0.544   7.984   11.116  1.00 33.32 ? 216  GLN A C   1 
ATOM   158  O O   . GLN A 1 20  ? 0.579   8.159   12.333  1.00 35.81 ? 216  GLN A O   1 
ATOM   159  C CB  . GLN A 1 20  ? 2.605   6.590   10.742  1.00 31.97 ? 216  GLN A CB  1 
ATOM   160  C CG  . GLN A 1 20  ? 3.457   7.334   9.742   1.00 34.11 ? 216  GLN A CG  1 
ATOM   161  C CD  . GLN A 1 20  ? 4.941   7.145   9.986   1.00 35.05 ? 216  GLN A CD  1 
ATOM   162  O OE1 . GLN A 1 20  ? 5.408   6.031   10.250  1.00 34.14 ? 216  GLN A OE1 1 
ATOM   163  N NE2 . GLN A 1 20  ? 5.695   8.232   9.888   1.00 35.37 ? 216  GLN A NE2 1 
ATOM   164  N N   . ARG A 1 21  ? 0.027   8.878   10.280  1.00 35.04 ? 217  ARG A N   1 
ATOM   165  C CA  . ARG A 1 21  ? -0.540  10.125  10.783  1.00 37.02 ? 217  ARG A CA  1 
ATOM   166  C C   . ARG A 1 21  ? -2.055  9.990   10.951  1.00 35.53 ? 217  ARG A C   1 
ATOM   167  O O   . ARG A 1 21  ? -2.702  10.872  11.516  1.00 36.93 ? 217  ARG A O   1 
ATOM   168  C CB  . ARG A 1 21  ? -0.240  11.287  9.829   1.00 40.58 ? 217  ARG A CB  1 
ATOM   169  C CG  . ARG A 1 21  ? -1.253  11.439  8.702   1.00 46.41 ? 217  ARG A CG  1 
ATOM   170  C CD  . ARG A 1 21  ? -1.114  12.780  7.984   1.00 51.89 ? 217  ARG A CD  1 
ATOM   171  N NE  . ARG A 1 21  ? -0.236  13.704  8.698   1.00 55.77 ? 217  ARG A NE  1 
ATOM   172  C CZ  . ARG A 1 21  ? -0.105  14.995  8.402   1.00 57.43 ? 217  ARG A CZ  1 
ATOM   173  N NH1 . ARG A 1 21  ? -0.802  15.527  7.406   1.00 58.69 ? 217  ARG A NH1 1 
ATOM   174  N NH2 . ARG A 1 21  ? 0.736   15.751  9.098   1.00 58.12 ? 217  ARG A NH2 1 
ATOM   175  N N   . ILE A 1 22  ? -2.616  8.887   10.462  1.00 32.63 ? 218  ILE A N   1 
ATOM   176  C CA  . ILE A 1 22  ? -4.056  8.649   10.554  1.00 29.72 ? 218  ILE A CA  1 
ATOM   177  C C   . ILE A 1 22  ? -4.476  8.082   11.911  1.00 29.18 ? 218  ILE A C   1 
ATOM   178  O O   . ILE A 1 22  ? -3.933  7.084   12.375  1.00 25.69 ? 218  ILE A O   1 
ATOM   179  C CB  . ILE A 1 22  ? -4.534  7.675   9.443   1.00 27.97 ? 218  ILE A CB  1 
ATOM   180  C CG1 . ILE A 1 22  ? -4.333  8.314   8.066   1.00 27.53 ? 218  ILE A CG1 1 
ATOM   181  C CG2 . ILE A 1 22  ? -5.990  7.313   9.659   1.00 26.05 ? 218  ILE A CG2 1 
ATOM   182  C CD1 . ILE A 1 22  ? -4.628  7.386   6.903   1.00 26.12 ? 218  ILE A CD1 1 
ATOM   183  N N   . ASP A 1 23  ? -5.456  8.724   12.534  1.00 29.91 ? 219  ASP A N   1 
ATOM   184  C CA  . ASP A 1 23  ? -5.965  8.287   13.829  1.00 31.23 ? 219  ASP A CA  1 
ATOM   185  C C   . ASP A 1 23  ? -6.594  6.902   13.688  1.00 29.22 ? 219  ASP A C   1 
ATOM   186  O O   . ASP A 1 23  ? -7.523  6.707   12.903  1.00 30.20 ? 219  ASP A O   1 
ATOM   187  C CB  . ASP A 1 23  ? -7.012  9.278   14.340  1.00 35.31 ? 219  ASP A CB  1 
ATOM   188  C CG  . ASP A 1 23  ? -7.194  9.205   15.834  1.00 38.83 ? 219  ASP A CG  1 
ATOM   189  O OD1 . ASP A 1 23  ? -7.595  8.135   16.337  1.00 39.78 ? 219  ASP A OD1 1 
ATOM   190  O OD2 . ASP A 1 23  ? -6.926  10.223  16.505  1.00 44.46 ? 219  ASP A OD2 1 
ATOM   191  N N   . GLY A 1 24  ? -6.091  5.944   14.454  1.00 26.44 ? 220  GLY A N   1 
ATOM   192  C CA  . GLY A 1 24  ? -6.614  4.592   14.372  1.00 26.47 ? 220  GLY A CA  1 
ATOM   193  C C   . GLY A 1 24  ? -5.581  3.630   13.807  1.00 24.50 ? 220  GLY A C   1 
ATOM   194  O O   . GLY A 1 24  ? -5.678  2.418   13.998  1.00 25.81 ? 220  GLY A O   1 
ATOM   195  N N   . VAL A 1 25  ? -4.596  4.167   13.093  1.00 24.02 ? 221  VAL A N   1 
ATOM   196  C CA  . VAL A 1 25  ? -3.532  3.341   12.532  1.00 24.30 ? 221  VAL A CA  1 
ATOM   197  C C   . VAL A 1 25  ? -2.496  3.135   13.633  1.00 25.46 ? 221  VAL A C   1 
ATOM   198  O O   . VAL A 1 25  ? -1.911  4.095   14.131  1.00 24.37 ? 221  VAL A O   1 
ATOM   199  C CB  . VAL A 1 25  ? -2.861  4.022   11.317  1.00 24.35 ? 221  VAL A CB  1 
ATOM   200  C CG1 . VAL A 1 25  ? -1.532  3.332   10.992  1.00 21.67 ? 221  VAL A CG1 1 
ATOM   201  C CG2 . VAL A 1 25  ? -3.796  3.960   10.117  1.00 23.28 ? 221  VAL A CG2 1 
ATOM   202  N N   . VAL A 1 26  ? -2.278  1.879   14.006  1.00 25.76 ? 222  VAL A N   1 
ATOM   203  C CA  . VAL A 1 26  ? -1.345  1.535   15.070  1.00 27.90 ? 222  VAL A CA  1 
ATOM   204  C C   . VAL A 1 26  ? 0.117   1.510   14.634  1.00 28.43 ? 222  VAL A C   1 
ATOM   205  O O   . VAL A 1 26  ? 1.003   1.913   15.391  1.00 28.32 ? 222  VAL A O   1 
ATOM   206  C CB  . VAL A 1 26  ? -1.691  0.154   15.667  1.00 29.25 ? 222  VAL A CB  1 
ATOM   207  C CG1 . VAL A 1 26  ? -0.714  -0.192  16.780  1.00 30.75 ? 222  VAL A CG1 1 
ATOM   208  C CG2 . VAL A 1 26  ? -3.121  0.157   16.181  1.00 32.17 ? 222  VAL A CG2 1 
ATOM   209  N N   . ASP A 1 27  ? 0.368   1.035   13.417  1.00 26.86 ? 223  ASP A N   1 
ATOM   210  C CA  . ASP A 1 27  ? 1.732   0.944   12.909  1.00 27.39 ? 223  ASP A CA  1 
ATOM   211  C C   . ASP A 1 27  ? 1.704   0.809   11.386  1.00 25.39 ? 223  ASP A C   1 
ATOM   212  O O   . ASP A 1 27  ? 0.712   0.353   10.822  1.00 22.51 ? 223  ASP A O   1 
ATOM   213  C CB  . ASP A 1 27  ? 2.417   -0.270  13.550  1.00 28.95 ? 223  ASP A CB  1 
ATOM   214  C CG  . ASP A 1 27  ? 3.917   -0.312  13.301  1.00 31.28 ? 223  ASP A CG  1 
ATOM   215  O OD1 . ASP A 1 27  ? 4.537   0.762   13.151  1.00 34.04 ? 223  ASP A OD1 1 
ATOM   216  O OD2 . ASP A 1 27  ? 4.478   -1.424  13.277  1.00 31.25 ? 223  ASP A OD2 1 
ATOM   217  N N   . ALA A 1 28  ? 2.786   1.232   10.736  1.00 23.48 ? 224  ALA A N   1 
ATOM   218  C CA  . ALA A 1 28  ? 2.918   1.157   9.280   1.00 21.46 ? 224  ALA A CA  1 
ATOM   219  C C   . ALA A 1 28  ? 4.351   0.736   8.991   1.00 20.99 ? 224  ALA A C   1 
ATOM   220  O O   . ALA A 1 28  ? 5.273   1.517   9.179   1.00 21.35 ? 224  ALA A O   1 
ATOM   221  C CB  . ALA A 1 28  ? 2.631   2.514   8.649   1.00 21.20 ? 224  ALA A CB  1 
ATOM   222  N N   . VAL A 1 29  ? 4.526   -0.499  8.527   1.00 18.17 ? 225  VAL A N   1 
ATOM   223  C CA  . VAL A 1 29  ? 5.848   -1.053  8.246   1.00 17.37 ? 225  VAL A CA  1 
ATOM   224  C C   . VAL A 1 29  ? 6.147   -1.161  6.753   1.00 17.12 ? 225  VAL A C   1 
ATOM   225  O O   . VAL A 1 29  ? 5.425   -1.827  6.018   1.00 15.34 ? 225  VAL A O   1 
ATOM   226  C CB  . VAL A 1 29  ? 5.987   -2.473  8.872   1.00 19.59 ? 225  VAL A CB  1 
ATOM   227  C CG1 . VAL A 1 29  ? 7.395   -3.020  8.639   1.00 19.56 ? 225  VAL A CG1 1 
ATOM   228  C CG2 . VAL A 1 29  ? 5.656   -2.420  10.362  1.00 20.05 ? 225  VAL A CG2 1 
ATOM   229  N N   . SER A 1 30  ? 7.213   -0.507  6.308   1.00 16.08 ? 226  SER A N   1 
ATOM   230  C CA  . SER A 1 30  ? 7.572   -0.579  4.900   1.00 17.94 ? 226  SER A CA  1 
ATOM   231  C C   . SER A 1 30  ? 8.244   -1.911  4.584   1.00 16.86 ? 226  SER A C   1 
ATOM   232  O O   . SER A 1 30  ? 9.038   -2.428  5.374   1.00 17.09 ? 226  SER A O   1 
ATOM   233  C CB  . SER A 1 30  ? 8.491   0.582   4.524   1.00 16.75 ? 226  SER A CB  1 
ATOM   234  O OG  . SER A 1 30  ? 7.763   1.790   4.528   1.00 19.43 ? 226  SER A OG  1 
ATOM   235  N N   . GLY A 1 31  ? 7.916   -2.467  3.424   1.00 17.10 ? 227  GLY A N   1 
ATOM   236  C CA  . GLY A 1 31  ? 8.502   -3.733  3.035   1.00 15.80 ? 227  GLY A CA  1 
ATOM   237  C C   . GLY A 1 31  ? 8.374   -4.068  1.562   1.00 16.12 ? 227  GLY A C   1 
ATOM   238  O O   . GLY A 1 31  ? 7.969   -3.235  0.748   1.00 14.55 ? 227  GLY A O   1 
ATOM   239  N N   . TYR A 1 32  ? 8.715   -5.308  1.230   1.00 14.78 ? 228  TYR A N   1 
ATOM   240  C CA  . TYR A 1 32  ? 8.672   -5.795  -0.145  1.00 15.97 ? 228  TYR A CA  1 
ATOM   241  C C   . TYR A 1 32  ? 7.715   -6.974  -0.195  1.00 15.68 ? 228  TYR A C   1 
ATOM   242  O O   . TYR A 1 32  ? 7.919   -7.970  0.506   1.00 14.99 ? 228  TYR A O   1 
ATOM   243  C CB  . TYR A 1 32  ? 10.078  -6.218  -0.563  1.00 15.14 ? 228  TYR A CB  1 
ATOM   244  C CG  . TYR A 1 32  ? 11.112  -5.151  -0.274  1.00 16.35 ? 228  TYR A CG  1 
ATOM   245  C CD1 . TYR A 1 32  ? 11.026  -3.891  -0.865  1.00 16.78 ? 228  TYR A CD1 1 
ATOM   246  C CD2 . TYR A 1 32  ? 12.173  -5.397  0.604   1.00 18.87 ? 228  TYR A CD2 1 
ATOM   247  C CE1 . TYR A 1 32  ? 11.967  -2.897  -0.592  1.00 17.28 ? 228  TYR A CE1 1 
ATOM   248  C CE2 . TYR A 1 32  ? 13.122  -4.409  0.885   1.00 17.65 ? 228  TYR A CE2 1 
ATOM   249  C CZ  . TYR A 1 32  ? 13.010  -3.163  0.285   1.00 19.62 ? 228  TYR A CZ  1 
ATOM   250  O OH  . TYR A 1 32  ? 13.927  -2.178  0.572   1.00 18.67 ? 228  TYR A OH  1 
ATOM   251  N N   . ALA A 1 33  ? 6.672   -6.861  -1.014  1.00 14.70 ? 229  ALA A N   1 
ATOM   252  C CA  . ALA A 1 33  ? 5.674   -7.917  -1.092  1.00 14.92 ? 229  ALA A CA  1 
ATOM   253  C C   . ALA A 1 33  ? 5.403   -8.498  -2.465  1.00 15.38 ? 229  ALA A C   1 
ATOM   254  O O   . ALA A 1 33  ? 5.590   -7.843  -3.493  1.00 13.80 ? 229  ALA A O   1 
ATOM   255  C CB  . ALA A 1 33  ? 4.357   -7.422  -0.502  1.00 14.68 ? 229  ALA A CB  1 
ATOM   256  N N   . ASN A 1 34  ? 4.950   -9.746  -2.445  1.00 15.29 ? 230  ASN A N   1 
ATOM   257  C CA  . ASN A 1 34  ? 4.561   -10.489 -3.637  1.00 15.28 ? 230  ASN A CA  1 
ATOM   258  C C   . ASN A 1 34  ? 5.558   -10.512 -4.779  1.00 15.09 ? 230  ASN A C   1 
ATOM   259  O O   . ASN A 1 34  ? 5.194   -10.310 -5.941  1.00 13.94 ? 230  ASN A O   1 
ATOM   260  C CB  . ASN A 1 34  ? 3.204   -9.970  -4.126  1.00 12.70 ? 230  ASN A CB  1 
ATOM   261  C CG  . ASN A 1 34  ? 2.070   -10.406 -3.222  1.00 12.13 ? 230  ASN A CG  1 
ATOM   262  O OD1 . ASN A 1 34  ? 2.304   -10.863 -2.098  1.00 12.51 ? 230  ASN A OD1 1 
ATOM   263  N ND2 . ASN A 1 34  ? 0.839   -10.266 -3.696  1.00 14.31 ? 230  ASN A ND2 1 
ATOM   264  N N   . GLY A 1 35  ? 6.814   -10.774 -4.436  1.00 14.52 ? 231  GLY A N   1 
ATOM   265  C CA  . GLY A 1 35  ? 7.860   -10.860 -5.434  1.00 16.28 ? 231  GLY A CA  1 
ATOM   266  C C   . GLY A 1 35  ? 8.178   -12.321 -5.703  1.00 18.05 ? 231  GLY A C   1 
ATOM   267  O O   . GLY A 1 35  ? 7.512   -13.214 -5.177  1.00 17.32 ? 231  GLY A O   1 
ATOM   268  N N   . ASN A 1 36  ? 9.208   -12.569 -6.505  1.00 21.91 ? 232  ASN A N   1 
ATOM   269  C CA  . ASN A 1 36  ? 9.603   -13.928 -6.866  1.00 23.94 ? 232  ASN A CA  1 
ATOM   270  C C   . ASN A 1 36  ? 10.807  -14.466 -6.089  1.00 24.86 ? 232  ASN A C   1 
ATOM   271  O O   . ASN A 1 36  ? 11.191  -15.623 -6.258  1.00 25.20 ? 232  ASN A O   1 
ATOM   272  C CB  . ASN A 1 36  ? 9.896   -13.985 -8.366  1.00 25.09 ? 232  ASN A CB  1 
ATOM   273  C CG  . ASN A 1 36  ? 8.730   -13.500 -9.197  1.00 27.74 ? 232  ASN A CG  1 
ATOM   274  O OD1 . ASN A 1 36  ? 8.896   -12.701 -10.120 1.00 28.91 ? 232  ASN A OD1 1 
ATOM   275  N ND2 . ASN A 1 36  ? 7.536   -13.981 -8.873  1.00 27.21 ? 232  ASN A ND2 1 
ATOM   276  N N   . THR A 1 37  ? 11.404  -13.632 -5.241  1.00 24.62 ? 233  THR A N   1 
ATOM   277  C CA  . THR A 1 37  ? 12.559  -14.063 -4.458  1.00 24.35 ? 233  THR A CA  1 
ATOM   278  C C   . THR A 1 37  ? 12.327  -13.862 -2.966  1.00 25.88 ? 233  THR A C   1 
ATOM   279  O O   . THR A 1 37  ? 11.389  -13.172 -2.559  1.00 23.79 ? 233  THR A O   1 
ATOM   280  C CB  . THR A 1 37  ? 13.838  -13.299 -4.849  1.00 23.97 ? 233  THR A CB  1 
ATOM   281  O OG1 . THR A 1 37  ? 13.724  -11.929 -4.437  1.00 24.21 ? 233  THR A OG1 1 
ATOM   282  C CG2 . THR A 1 37  ? 14.057  -13.365 -6.362  1.00 23.27 ? 233  THR A CG2 1 
ATOM   283  N N   . LYS A 1 38  ? 13.194  -14.470 -2.160  1.00 25.65 ? 234  LYS A N   1 
ATOM   284  C CA  . LYS A 1 38  ? 13.103  -14.376 -0.710  1.00 26.46 ? 234  LYS A CA  1 
ATOM   285  C C   . LYS A 1 38  ? 14.117  -13.388 -0.152  1.00 26.57 ? 234  LYS A C   1 
ATOM   286  O O   . LYS A 1 38  ? 15.213  -13.237 -0.691  1.00 24.55 ? 234  LYS A O   1 
ATOM   287  C CB  . LYS A 1 38  ? 13.349  -15.744 -0.072  1.00 27.58 ? 234  LYS A CB  1 
ATOM   288  C CG  . LYS A 1 38  ? 12.365  -16.824 -0.468  1.00 29.06 ? 234  LYS A CG  1 
ATOM   289  C CD  . LYS A 1 38  ? 12.723  -18.149 0.191   1.00 31.20 ? 234  LYS A CD  1 
ATOM   290  C CE  . LYS A 1 38  ? 11.743  -19.253 -0.198  1.00 31.41 ? 234  LYS A CE  1 
ATOM   291  N NZ  . LYS A 1 38  ? 11.782  -19.548 -1.662  1.00 33.19 ? 234  LYS A NZ  1 
ATOM   292  N N   . ASN A 1 39  ? 13.737  -12.725 0.936   1.00 27.38 ? 235  ASN A N   1 
ATOM   293  C CA  . ASN A 1 39  ? 14.598  -11.759 1.617   1.00 28.71 ? 235  ASN A CA  1 
ATOM   294  C C   . ASN A 1 39  ? 15.348  -10.815 0.680   1.00 27.26 ? 235  ASN A C   1 
ATOM   295  O O   . ASN A 1 39  ? 16.572  -10.742 0.717   1.00 27.58 ? 235  ASN A O   1 
ATOM   296  C CB  . ASN A 1 39  ? 15.607  -12.499 2.504   1.00 30.17 ? 235  ASN A CB  1 
ATOM   297  C CG  . ASN A 1 39  ? 14.939  -13.301 3.604   1.00 32.81 ? 235  ASN A CG  1 
ATOM   298  O OD1 . ASN A 1 39  ? 14.287  -12.742 4.485   1.00 34.83 ? 235  ASN A OD1 1 
ATOM   299  N ND2 . ASN A 1 39  ? 15.098  -14.620 3.559   1.00 34.19 ? 235  ASN A ND2 1 
ATOM   300  N N   . PRO A 1 40  ? 14.620  -10.075 -0.169  1.00 25.66 ? 236  PRO A N   1 
ATOM   301  C CA  . PRO A 1 40  ? 15.290  -9.153  -1.088  1.00 24.92 ? 236  PRO A CA  1 
ATOM   302  C C   . PRO A 1 40  ? 15.765  -7.889  -0.372  1.00 25.59 ? 236  PRO A C   1 
ATOM   303  O O   . PRO A 1 40  ? 15.220  -7.506  0.661   1.00 23.42 ? 236  PRO A O   1 
ATOM   304  C CB  . PRO A 1 40  ? 14.203  -8.849  -2.110  1.00 24.38 ? 236  PRO A CB  1 
ATOM   305  C CG  . PRO A 1 40  ? 12.966  -8.801  -1.236  1.00 23.17 ? 236  PRO A CG  1 
ATOM   306  C CD  . PRO A 1 40  ? 13.156  -10.027 -0.348  1.00 23.96 ? 236  PRO A CD  1 
ATOM   307  N N   . SER A 1 41  ? 16.797  -7.258  -0.918  1.00 25.78 ? 237  SER A N   1 
ATOM   308  C CA  . SER A 1 41  ? 17.322  -6.019  -0.363  1.00 25.67 ? 237  SER A CA  1 
ATOM   309  C C   . SER A 1 41  ? 16.719  -4.931  -1.232  1.00 24.78 ? 237  SER A C   1 
ATOM   310  O O   . SER A 1 41  ? 16.115  -5.229  -2.265  1.00 23.10 ? 237  SER A O   1 
ATOM   311  C CB  . SER A 1 41  ? 18.845  -5.967  -0.499  1.00 27.98 ? 237  SER A CB  1 
ATOM   312  O OG  . SER A 1 41  ? 19.208  -5.862  -1.866  1.00 29.82 ? 237  SER A OG  1 
ATOM   313  N N   . TYR A 1 42  ? 16.881  -3.676  -0.825  1.00 24.10 ? 238  TYR A N   1 
ATOM   314  C CA  . TYR A 1 42  ? 16.353  -2.569  -1.609  1.00 25.55 ? 238  TYR A CA  1 
ATOM   315  C C   . TYR A 1 42  ? 16.941  -2.623  -3.020  1.00 26.00 ? 238  TYR A C   1 
ATOM   316  O O   . TYR A 1 42  ? 16.245  -2.377  -4.005  1.00 24.37 ? 238  TYR A O   1 
ATOM   317  C CB  . TYR A 1 42  ? 16.713  -1.232  -0.962  1.00 26.34 ? 238  TYR A CB  1 
ATOM   318  C CG  . TYR A 1 42  ? 16.148  -0.040  -1.696  1.00 29.63 ? 238  TYR A CG  1 
ATOM   319  C CD1 . TYR A 1 42  ? 14.770  0.191   -1.736  1.00 28.90 ? 238  TYR A CD1 1 
ATOM   320  C CD2 . TYR A 1 42  ? 16.986  0.858   -2.361  1.00 29.53 ? 238  TYR A CD2 1 
ATOM   321  C CE1 . TYR A 1 42  ? 14.242  1.283   -2.415  1.00 28.34 ? 238  TYR A CE1 1 
ATOM   322  C CE2 . TYR A 1 42  ? 16.468  1.956   -3.046  1.00 29.88 ? 238  TYR A CE2 1 
ATOM   323  C CZ  . TYR A 1 42  ? 15.095  2.163   -3.066  1.00 31.88 ? 238  TYR A CZ  1 
ATOM   324  O OH  . TYR A 1 42  ? 14.571  3.255   -3.723  1.00 32.39 ? 238  TYR A OH  1 
ATOM   325  N N   . GLU A 1 43  ? 18.228  -2.948  -3.108  1.00 26.58 ? 239  GLU A N   1 
ATOM   326  C CA  . GLU A 1 43  ? 18.915  -3.024  -4.396  1.00 26.68 ? 239  GLU A CA  1 
ATOM   327  C C   . GLU A 1 43  ? 18.328  -4.112  -5.294  1.00 25.08 ? 239  GLU A C   1 
ATOM   328  O O   . GLU A 1 43  ? 18.169  -3.906  -6.495  1.00 24.32 ? 239  GLU A O   1 
ATOM   329  C CB  . GLU A 1 43  ? 20.414  -3.280  -4.192  1.00 30.12 ? 239  GLU A CB  1 
ATOM   330  C CG  . GLU A 1 43  ? 21.144  -2.192  -3.417  1.00 35.47 ? 239  GLU A CG  1 
ATOM   331  C CD  . GLU A 1 43  ? 20.744  -2.134  -1.949  1.00 38.95 ? 239  GLU A CD  1 
ATOM   332  O OE1 . GLU A 1 43  ? 20.823  -3.177  -1.261  1.00 40.68 ? 239  GLU A OE1 1 
ATOM   333  O OE2 . GLU A 1 43  ? 20.358  -1.043  -1.481  1.00 42.34 ? 239  GLU A OE2 1 
ATOM   334  N N   . ASP A 1 44  ? 18.005  -5.265  -4.709  1.00 24.35 ? 240  ASP A N   1 
ATOM   335  C CA  . ASP A 1 44  ? 17.433  -6.368  -5.482  1.00 24.40 ? 240  ASP A CA  1 
ATOM   336  C C   . ASP A 1 44  ? 16.083  -5.949  -6.065  1.00 23.58 ? 240  ASP A C   1 
ATOM   337  O O   . ASP A 1 44  ? 15.800  -6.170  -7.240  1.00 22.73 ? 240  ASP A O   1 
ATOM   338  C CB  . ASP A 1 44  ? 17.239  -7.613  -4.606  1.00 25.51 ? 240  ASP A CB  1 
ATOM   339  C CG  . ASP A 1 44  ? 18.527  -8.065  -3.927  1.00 30.23 ? 240  ASP A CG  1 
ATOM   340  O OD1 . ASP A 1 44  ? 19.610  -7.956  -4.546  1.00 28.79 ? 240  ASP A OD1 1 
ATOM   341  O OD2 . ASP A 1 44  ? 18.453  -8.542  -2.772  1.00 29.86 ? 240  ASP A OD2 1 
ATOM   342  N N   . VAL A 1 45  ? 15.254  -5.331  -5.230  1.00 21.92 ? 241  VAL A N   1 
ATOM   343  C CA  . VAL A 1 45  ? 13.935  -4.879  -5.659  1.00 20.12 ? 241  VAL A CA  1 
ATOM   344  C C   . VAL A 1 45  ? 14.001  -3.793  -6.731  1.00 19.20 ? 241  VAL A C   1 
ATOM   345  O O   . VAL A 1 45  ? 13.273  -3.836  -7.725  1.00 18.37 ? 241  VAL A O   1 
ATOM   346  C CB  . VAL A 1 45  ? 13.132  -4.336  -4.455  1.00 19.70 ? 241  VAL A CB  1 
ATOM   347  C CG1 . VAL A 1 45  ? 11.783  -3.776  -4.930  1.00 18.37 ? 241  VAL A CG1 1 
ATOM   348  C CG2 . VAL A 1 45  ? 12.926  -5.447  -3.429  1.00 16.84 ? 241  VAL A CG2 1 
ATOM   349  N N   . SER A 1 46  ? 14.886  -2.825  -6.522  1.00 19.76 ? 242  SER A N   1 
ATOM   350  C CA  . SER A 1 46  ? 15.041  -1.693  -7.431  1.00 21.06 ? 242  SER A CA  1 
ATOM   351  C C   . SER A 1 46  ? 15.799  -1.954  -8.725  1.00 22.99 ? 242  SER A C   1 
ATOM   352  O O   . SER A 1 46  ? 15.512  -1.331  -9.748  1.00 23.27 ? 242  SER A O   1 
ATOM   353  C CB  . SER A 1 46  ? 15.736  -0.535  -6.705  1.00 21.76 ? 242  SER A CB  1 
ATOM   354  O OG  . SER A 1 46  ? 14.998  -0.101  -5.578  1.00 24.60 ? 242  SER A OG  1 
ATOM   355  N N   . TYR A 1 47  ? 16.762  -2.869  -8.689  1.00 22.54 ? 243  TYR A N   1 
ATOM   356  C CA  . TYR A 1 47  ? 17.586  -3.118  -9.870  1.00 25.49 ? 243  TYR A CA  1 
ATOM   357  C C   . TYR A 1 47  ? 17.562  -4.511  -10.483 1.00 24.68 ? 243  TYR A C   1 
ATOM   358  O O   . TYR A 1 47  ? 17.789  -4.658  -11.688 1.00 25.40 ? 243  TYR A O   1 
ATOM   359  C CB  . TYR A 1 47  ? 19.040  -2.742  -9.547  1.00 25.40 ? 243  TYR A CB  1 
ATOM   360  C CG  . TYR A 1 47  ? 19.207  -1.306  -9.104  1.00 29.22 ? 243  TYR A CG  1 
ATOM   361  C CD1 . TYR A 1 47  ? 18.948  -0.255  -9.981  1.00 31.33 ? 243  TYR A CD1 1 
ATOM   362  C CD2 . TYR A 1 47  ? 19.607  -0.997  -7.802  1.00 29.23 ? 243  TYR A CD2 1 
ATOM   363  C CE1 . TYR A 1 47  ? 19.081  1.072   -9.575  1.00 33.86 ? 243  TYR A CE1 1 
ATOM   364  C CE2 . TYR A 1 47  ? 19.744  0.325   -7.386  1.00 31.68 ? 243  TYR A CE2 1 
ATOM   365  C CZ  . TYR A 1 47  ? 19.479  1.354   -8.277  1.00 33.47 ? 243  TYR A CZ  1 
ATOM   366  O OH  . TYR A 1 47  ? 19.622  2.666   -7.881  1.00 36.41 ? 243  TYR A OH  1 
ATOM   367  N N   . ARG A 1 48  ? 17.293  -5.530  -9.676  1.00 26.10 ? 244  ARG A N   1 
ATOM   368  C CA  . ARG A 1 48  ? 17.297  -6.894  -10.199 1.00 27.80 ? 244  ARG A CA  1 
ATOM   369  C C   . ARG A 1 48  ? 15.953  -7.517  -10.568 1.00 28.08 ? 244  ARG A C   1 
ATOM   370  O O   . ARG A 1 48  ? 15.867  -8.724  -10.790 1.00 29.03 ? 244  ARG A O   1 
ATOM   371  C CB  . ARG A 1 48  ? 18.068  -7.806  -9.239  1.00 28.06 ? 244  ARG A CB  1 
ATOM   372  C CG  . ARG A 1 48  ? 19.529  -7.383  -9.101  1.00 30.15 ? 244  ARG A CG  1 
ATOM   373  C CD  . ARG A 1 48  ? 20.368  -8.383  -8.336  1.00 32.00 ? 244  ARG A CD  1 
ATOM   374  N NE  . ARG A 1 48  ? 21.782  -8.007  -8.314  1.00 34.78 ? 244  ARG A NE  1 
ATOM   375  C CZ  . ARG A 1 48  ? 22.549  -7.887  -9.398  1.00 34.30 ? 244  ARG A CZ  1 
ATOM   376  N NH1 . ARG A 1 48  ? 22.048  -8.110  -10.608 1.00 33.63 ? 244  ARG A NH1 1 
ATOM   377  N NH2 . ARG A 1 48  ? 23.823  -7.549  -9.271  1.00 33.72 ? 244  ARG A NH2 1 
ATOM   378  N N   . HIS A 1 49  ? 14.915  -6.692  -10.641 1.00 27.41 ? 245  HIS A N   1 
ATOM   379  C CA  . HIS A 1 49  ? 13.582  -7.147  -11.032 1.00 28.59 ? 245  HIS A CA  1 
ATOM   380  C C   . HIS A 1 49  ? 13.065  -8.377  -10.282 1.00 26.13 ? 245  HIS A C   1 
ATOM   381  O O   . HIS A 1 49  ? 12.563  -9.308  -10.903 1.00 26.49 ? 245  HIS A O   1 
ATOM   382  C CB  . HIS A 1 49  ? 13.569  -7.449  -12.535 1.00 32.21 ? 245  HIS A CB  1 
ATOM   383  C CG  . HIS A 1 49  ? 14.380  -6.492  -13.355 1.00 36.14 ? 245  HIS A CG  1 
ATOM   384  N ND1 . HIS A 1 49  ? 14.027  -5.170  -13.526 1.00 36.90 ? 245  HIS A ND1 1 
ATOM   385  C CD2 . HIS A 1 49  ? 15.530  -6.666  -14.049 1.00 37.87 ? 245  HIS A CD2 1 
ATOM   386  C CE1 . HIS A 1 49  ? 14.924  -4.572  -14.291 1.00 37.23 ? 245  HIS A CE1 1 
ATOM   387  N NE2 . HIS A 1 49  ? 15.847  -5.458  -14.622 1.00 37.70 ? 245  HIS A NE2 1 
ATOM   388  N N   . THR A 1 50  ? 13.177  -8.380  -8.958  1.00 24.29 ? 246  THR A N   1 
ATOM   389  C CA  . THR A 1 50  ? 12.713  -9.515  -8.154  1.00 21.87 ? 246  THR A CA  1 
ATOM   390  C C   . THR A 1 50  ? 11.192  -9.682  -8.188  1.00 19.81 ? 246  THR A C   1 
ATOM   391  O O   . THR A 1 50  ? 10.660  -10.708 -7.753  1.00 18.93 ? 246  THR A O   1 
ATOM   392  C CB  . THR A 1 50  ? 13.133  -9.364  -6.679  1.00 22.59 ? 246  THR A CB  1 
ATOM   393  O OG1 . THR A 1 50  ? 12.650  -8.114  -6.169  1.00 23.00 ? 246  THR A OG1 1 
ATOM   394  C CG2 . THR A 1 50  ? 14.642  -9.414  -6.546  1.00 24.21 ? 246  THR A CG2 1 
ATOM   395  N N   . GLY A 1 51  ? 10.498  -8.663  -8.684  1.00 18.01 ? 247  GLY A N   1 
ATOM   396  C CA  . GLY A 1 51  ? 9.048   -8.717  -8.761  1.00 16.69 ? 247  GLY A CA  1 
ATOM   397  C C   . GLY A 1 51  ? 8.307   -8.187  -7.542  1.00 15.20 ? 247  GLY A C   1 
ATOM   398  O O   . GLY A 1 51  ? 7.073   -8.083  -7.566  1.00 15.68 ? 247  GLY A O   1 
ATOM   399  N N   . HIS A 1 52  ? 9.029   -7.841  -6.480  1.00 14.91 ? 248  HIS A N   1 
ATOM   400  C CA  . HIS A 1 52  ? 8.375   -7.323  -5.269  1.00 13.95 ? 248  HIS A CA  1 
ATOM   401  C C   . HIS A 1 52  ? 7.845   -5.912  -5.454  1.00 15.10 ? 248  HIS A C   1 
ATOM   402  O O   . HIS A 1 52  ? 8.430   -5.104  -6.181  1.00 14.87 ? 248  HIS A O   1 
ATOM   403  C CB  . HIS A 1 52  ? 9.339   -7.271  -4.079  1.00 14.95 ? 248  HIS A CB  1 
ATOM   404  C CG  . HIS A 1 52  ? 9.866   -8.603  -3.656  1.00 16.74 ? 248  HIS A CG  1 
ATOM   405  N ND1 . HIS A 1 52  ? 10.946  -9.205  -4.265  1.00 16.42 ? 248  HIS A ND1 1 
ATOM   406  C CD2 . HIS A 1 52  ? 9.450   -9.457  -2.692  1.00 15.58 ? 248  HIS A CD2 1 
ATOM   407  C CE1 . HIS A 1 52  ? 11.172  -10.375 -3.693  1.00 16.82 ? 248  HIS A CE1 1 
ATOM   408  N NE2 . HIS A 1 52  ? 10.277  -10.551 -2.737  1.00 17.61 ? 248  HIS A NE2 1 
ATOM   409  N N   . ALA A 1 53  ? 6.746   -5.605  -4.772  1.00 13.11 ? 249  ALA A N   1 
ATOM   410  C CA  . ALA A 1 53  ? 6.179   -4.264  -4.834  1.00 12.30 ? 249  ALA A CA  1 
ATOM   411  C C   . ALA A 1 53  ? 6.490   -3.571  -3.518  1.00 13.01 ? 249  ALA A C   1 
ATOM   412  O O   . ALA A 1 53  ? 6.420   -4.199  -2.456  1.00 12.93 ? 249  ALA A O   1 
ATOM   413  C CB  . ALA A 1 53  ? 4.654   -4.329  -5.035  1.00 11.98 ? 249  ALA A CB  1 
ATOM   414  N N   . GLU A 1 54  ? 6.858   -2.293  -3.583  1.00 12.06 ? 250  GLU A N   1 
ATOM   415  C CA  . GLU A 1 54  ? 7.094   -1.538  -2.353  1.00 14.34 ? 250  GLU A CA  1 
ATOM   416  C C   . GLU A 1 54  ? 5.721   -1.519  -1.706  1.00 13.35 ? 250  GLU A C   1 
ATOM   417  O O   . GLU A 1 54  ? 4.739   -1.067  -2.307  1.00 14.47 ? 250  GLU A O   1 
ATOM   418  C CB  . GLU A 1 54  ? 7.602   -0.128  -2.658  1.00 14.64 ? 250  GLU A CB  1 
ATOM   419  C CG  . GLU A 1 54  ? 9.099   -0.138  -2.960  1.00 15.50 ? 250  GLU A CG  1 
ATOM   420  C CD  . GLU A 1 54  ? 9.740   1.234   -2.937  1.00 17.32 ? 250  GLU A CD  1 
ATOM   421  O OE1 . GLU A 1 54  ? 9.111   2.198   -2.454  1.00 16.35 ? 250  GLU A OE1 1 
ATOM   422  O OE2 . GLU A 1 54  ? 10.898  1.337   -3.396  1.00 16.65 ? 250  GLU A OE2 1 
ATOM   423  N N   . THR A 1 55  ? 5.666   -2.049  -0.489  1.00 15.10 ? 251  THR A N   1 
ATOM   424  C CA  . THR A 1 55  ? 4.417   -2.217  0.234   1.00 13.00 ? 251  THR A CA  1 
ATOM   425  C C   . THR A 1 55  ? 4.491   -1.764  1.685   1.00 13.83 ? 251  THR A C   1 
ATOM   426  O O   . THR A 1 55  ? 5.537   -1.854  2.320   1.00 14.75 ? 251  THR A O   1 
ATOM   427  C CB  . THR A 1 55  ? 4.029   -3.720  0.221   1.00 15.89 ? 251  THR A CB  1 
ATOM   428  O OG1 . THR A 1 55  ? 4.003   -4.195  -1.133  1.00 13.08 ? 251  THR A OG1 1 
ATOM   429  C CG2 . THR A 1 55  ? 2.671   -3.948  0.865   1.00 12.71 ? 251  THR A CG2 1 
ATOM   430  N N   . VAL A 1 56  ? 3.363   -1.289  2.204   1.00 13.22 ? 252  VAL A N   1 
ATOM   431  C CA  . VAL A 1 56  ? 3.286   -0.867  3.595   1.00 12.68 ? 252  VAL A CA  1 
ATOM   432  C C   . VAL A 1 56  ? 2.323   -1.782  4.340   1.00 13.65 ? 252  VAL A C   1 
ATOM   433  O O   . VAL A 1 56  ? 1.156   -1.919  3.961   1.00 14.23 ? 252  VAL A O   1 
ATOM   434  C CB  . VAL A 1 56  ? 2.775   0.589   3.742   1.00 14.51 ? 252  VAL A CB  1 
ATOM   435  C CG1 . VAL A 1 56  ? 2.637   0.946   5.228   1.00 13.84 ? 252  VAL A CG1 1 
ATOM   436  C CG2 . VAL A 1 56  ? 3.738   1.554   3.059   1.00 11.61 ? 252  VAL A CG2 1 
ATOM   437  N N   . LYS A 1 57  ? 2.824   -2.427  5.387   1.00 15.14 ? 253  LYS A N   1 
ATOM   438  C CA  . LYS A 1 57  ? 1.996   -3.296  6.211   1.00 16.18 ? 253  LYS A CA  1 
ATOM   439  C C   . LYS A 1 57  ? 1.324   -2.369  7.216   1.00 17.45 ? 253  LYS A C   1 
ATOM   440  O O   . LYS A 1 57  ? 1.980   -1.811  8.097   1.00 17.86 ? 253  LYS A O   1 
ATOM   441  C CB  . LYS A 1 57  ? 2.864   -4.326  6.934   1.00 17.84 ? 253  LYS A CB  1 
ATOM   442  C CG  . LYS A 1 57  ? 2.208   -5.011  8.127   1.00 22.40 ? 253  LYS A CG  1 
ATOM   443  C CD  . LYS A 1 57  ? 3.143   -6.073  8.699   1.00 26.24 ? 253  LYS A CD  1 
ATOM   444  C CE  . LYS A 1 57  ? 2.720   -6.542  10.088  1.00 30.07 ? 253  LYS A CE  1 
ATOM   445  N NZ  . LYS A 1 57  ? 3.062   -5.537  11.143  1.00 32.06 ? 253  LYS A NZ  1 
ATOM   446  N N   . VAL A 1 58  ? 0.017   -2.191  7.066   1.00 15.73 ? 254  VAL A N   1 
ATOM   447  C CA  . VAL A 1 58  ? -0.725  -1.318  7.958   1.00 17.41 ? 254  VAL A CA  1 
ATOM   448  C C   . VAL A 1 58  ? -1.504  -2.101  9.008   1.00 18.55 ? 254  VAL A C   1 
ATOM   449  O O   . VAL A 1 58  ? -2.314  -2.963  8.677   1.00 19.09 ? 254  VAL A O   1 
ATOM   450  C CB  . VAL A 1 58  ? -1.704  -0.422  7.160   1.00 16.85 ? 254  VAL A CB  1 
ATOM   451  C CG1 . VAL A 1 58  ? -2.519  0.461   8.109   1.00 15.65 ? 254  VAL A CG1 1 
ATOM   452  C CG2 . VAL A 1 58  ? -0.924  0.446   6.182   1.00 13.37 ? 254  VAL A CG2 1 
ATOM   453  N N   . THR A 1 59  ? -1.238  -1.807  10.276  1.00 19.56 ? 255  THR A N   1 
ATOM   454  C CA  . THR A 1 59  ? -1.941  -2.454  11.375  1.00 21.32 ? 255  THR A CA  1 
ATOM   455  C C   . THR A 1 59  ? -2.841  -1.359  11.947  1.00 21.77 ? 255  THR A C   1 
ATOM   456  O O   . THR A 1 59  ? -2.379  -0.258  12.242  1.00 20.21 ? 255  THR A O   1 
ATOM   457  C CB  . THR A 1 59  ? -0.967  -2.952  12.466  1.00 23.27 ? 255  THR A CB  1 
ATOM   458  O OG1 . THR A 1 59  ? -0.017  -3.853  11.884  1.00 23.61 ? 255  THR A OG1 1 
ATOM   459  C CG2 . THR A 1 59  ? -1.732  -3.679  13.566  1.00 21.75 ? 255  THR A CG2 1 
ATOM   460  N N   . TYR A 1 60  ? -4.128  -1.653  12.086  1.00 22.01 ? 256  TYR A N   1 
ATOM   461  C CA  . TYR A 1 60  ? -5.065  -0.653  12.581  1.00 23.76 ? 256  TYR A CA  1 
ATOM   462  C C   . TYR A 1 60  ? -6.003  -1.177  13.655  1.00 25.11 ? 256  TYR A C   1 
ATOM   463  O O   . TYR A 1 60  ? -6.248  -2.379  13.748  1.00 23.23 ? 256  TYR A O   1 
ATOM   464  C CB  . TYR A 1 60  ? -5.880  -0.094  11.409  1.00 23.73 ? 256  TYR A CB  1 
ATOM   465  C CG  . TYR A 1 60  ? -6.717  -1.129  10.684  1.00 23.38 ? 256  TYR A CG  1 
ATOM   466  C CD1 . TYR A 1 60  ? -8.055  -1.335  11.022  1.00 23.99 ? 256  TYR A CD1 1 
ATOM   467  C CD2 . TYR A 1 60  ? -6.171  -1.898  9.652   1.00 23.35 ? 256  TYR A CD2 1 
ATOM   468  C CE1 . TYR A 1 60  ? -8.833  -2.276  10.355  1.00 24.26 ? 256  TYR A CE1 1 
ATOM   469  C CE2 . TYR A 1 60  ? -6.943  -2.848  8.974   1.00 23.73 ? 256  TYR A CE2 1 
ATOM   470  C CZ  . TYR A 1 60  ? -8.275  -3.029  9.332   1.00 25.70 ? 256  TYR A CZ  1 
ATOM   471  O OH  . TYR A 1 60  ? -9.053  -3.947  8.672   1.00 24.55 ? 256  TYR A OH  1 
ATOM   472  N N   . ASP A 1 61  ? -6.527  -0.258  14.457  1.00 27.62 ? 257  ASP A N   1 
ATOM   473  C CA  . ASP A 1 61  ? -7.447  -0.602  15.531  1.00 30.11 ? 257  ASP A CA  1 
ATOM   474  C C   . ASP A 1 61  ? -8.825  -0.878  14.948  1.00 29.75 ? 257  ASP A C   1 
ATOM   475  O O   . ASP A 1 61  ? -9.524  0.044   14.519  1.00 27.92 ? 257  ASP A O   1 
ATOM   476  C CB  . ASP A 1 61  ? -7.553  0.547   16.538  1.00 33.07 ? 257  ASP A CB  1 
ATOM   477  C CG  . ASP A 1 61  ? -8.277  0.140   17.808  1.00 35.44 ? 257  ASP A CG  1 
ATOM   478  O OD1 . ASP A 1 61  ? -9.235  -0.659  17.725  1.00 34.97 ? 257  ASP A OD1 1 
ATOM   479  O OD2 . ASP A 1 61  ? -7.886  0.623   18.892  1.00 39.90 ? 257  ASP A OD2 1 
ATOM   480  N N   . ALA A 1 62  ? -9.211  -2.148  14.942  1.00 30.74 ? 258  ALA A N   1 
ATOM   481  C CA  . ALA A 1 62  ? -10.502 -2.556  14.402  1.00 33.41 ? 258  ALA A CA  1 
ATOM   482  C C   . ALA A 1 62  ? -11.685 -1.914  15.133  1.00 34.78 ? 258  ALA A C   1 
ATOM   483  O O   . ALA A 1 62  ? -12.820 -1.980  14.658  1.00 34.94 ? 258  ALA A O   1 
ATOM   484  C CB  . ALA A 1 62  ? -10.620 -4.074  14.440  1.00 33.87 ? 258  ALA A CB  1 
ATOM   485  N N   . ASP A 1 63  ? -11.425 -1.299  16.283  1.00 36.45 ? 259  ASP A N   1 
ATOM   486  C CA  . ASP A 1 63  ? -12.483 -0.642  17.047  1.00 38.38 ? 259  ASP A CA  1 
ATOM   487  C C   . ASP A 1 63  ? -12.673 0.804   16.595  1.00 38.90 ? 259  ASP A C   1 
ATOM   488  O O   . ASP A 1 63  ? -13.691 1.429   16.898  1.00 39.12 ? 259  ASP A O   1 
ATOM   489  C CB  . ASP A 1 63  ? -12.170 -0.660  18.546  1.00 40.67 ? 259  ASP A CB  1 
ATOM   490  C CG  . ASP A 1 63  ? -12.411 -2.016  19.181  1.00 42.89 ? 259  ASP A CG  1 
ATOM   491  O OD1 . ASP A 1 63  ? -13.516 -2.572  19.001  1.00 43.47 ? 259  ASP A OD1 1 
ATOM   492  O OD2 . ASP A 1 63  ? -11.499 -2.520  19.869  1.00 44.80 ? 259  ASP A OD2 1 
ATOM   493  N N   . LYS A 1 64  ? -11.688 1.330   15.874  1.00 37.33 ? 260  LYS A N   1 
ATOM   494  C CA  . LYS A 1 64  ? -11.744 2.701   15.388  1.00 37.24 ? 260  LYS A CA  1 
ATOM   495  C C   . LYS A 1 64  ? -11.998 2.760   13.884  1.00 35.77 ? 260  LYS A C   1 
ATOM   496  O O   . LYS A 1 64  ? -12.805 3.560   13.414  1.00 36.57 ? 260  LYS A O   1 
ATOM   497  C CB  . LYS A 1 64  ? -10.426 3.431   15.689  1.00 39.15 ? 260  LYS A CB  1 
ATOM   498  C CG  . LYS A 1 64  ? -10.009 3.506   17.157  1.00 42.97 ? 260  LYS A CG  1 
ATOM   499  C CD  . LYS A 1 64  ? -8.699  4.288   17.265  1.00 46.11 ? 260  LYS A CD  1 
ATOM   500  C CE  . LYS A 1 64  ? -8.033  4.179   18.635  1.00 48.36 ? 260  LYS A CE  1 
ATOM   501  N NZ  . LYS A 1 64  ? -8.418  5.266   19.583  1.00 49.70 ? 260  LYS A NZ  1 
ATOM   502  N N   . LEU A 1 65  ? -11.304 1.915   13.129  1.00 33.11 ? 261  LEU A N   1 
ATOM   503  C CA  . LEU A 1 65  ? -11.450 1.907   11.679  1.00 29.74 ? 261  LEU A CA  1 
ATOM   504  C C   . LEU A 1 65  ? -11.827 0.547   11.119  1.00 28.41 ? 261  LEU A C   1 
ATOM   505  O O   . LEU A 1 65  ? -11.455 -0.490  11.664  1.00 28.26 ? 261  LEU A O   1 
ATOM   506  C CB  . LEU A 1 65  ? -10.146 2.362   11.027  1.00 29.14 ? 261  LEU A CB  1 
ATOM   507  C CG  . LEU A 1 65  ? -9.624  3.746   11.409  1.00 30.00 ? 261  LEU A CG  1 
ATOM   508  C CD1 . LEU A 1 65  ? -8.230  3.948   10.834  1.00 27.85 ? 261  LEU A CD1 1 
ATOM   509  C CD2 . LEU A 1 65  ? -10.583 4.808   10.897  1.00 29.73 ? 261  LEU A CD2 1 
ATOM   510  N N   . SER A 1 66  ? -12.580 0.562   10.025  1.00 26.29 ? 262  SER A N   1 
ATOM   511  C CA  . SER A 1 66  ? -12.975 -0.671  9.358   1.00 24.28 ? 262  SER A CA  1 
ATOM   512  C C   . SER A 1 66  ? -12.012 -0.804  8.186   1.00 21.35 ? 262  SER A C   1 
ATOM   513  O O   . SER A 1 66  ? -11.360 0.170   7.806   1.00 20.55 ? 262  SER A O   1 
ATOM   514  C CB  . SER A 1 66  ? -14.403 -0.561  8.814   1.00 25.62 ? 262  SER A CB  1 
ATOM   515  O OG  . SER A 1 66  ? -14.458 0.371   7.740   1.00 25.31 ? 262  SER A OG  1 
ATOM   516  N N   . LEU A 1 67  ? -11.912 -1.996  7.613   1.00 19.99 ? 263  LEU A N   1 
ATOM   517  C CA  . LEU A 1 67  ? -11.029 -2.178  6.471   1.00 18.99 ? 263  LEU A CA  1 
ATOM   518  C C   . LEU A 1 67  ? -11.464 -1.206  5.370   1.00 19.12 ? 263  LEU A C   1 
ATOM   519  O O   . LEU A 1 67  ? -10.634 -0.649  4.651   1.00 16.60 ? 263  LEU A O   1 
ATOM   520  C CB  . LEU A 1 67  ? -11.102 -3.619  5.958   1.00 16.96 ? 263  LEU A CB  1 
ATOM   521  C CG  . LEU A 1 67  ? -10.388 -3.872  4.623   1.00 16.53 ? 263  LEU A CG  1 
ATOM   522  C CD1 . LEU A 1 67  ? -8.946  -3.382  4.694   1.00 13.84 ? 263  LEU A CD1 1 
ATOM   523  C CD2 . LEU A 1 67  ? -10.445 -5.355  4.300   1.00 17.95 ? 263  LEU A CD2 1 
ATOM   524  N N   . ASP A 1 68  ? -12.773 -0.995  5.248   1.00 18.20 ? 264  ASP A N   1 
ATOM   525  C CA  . ASP A 1 68  ? -13.286 -0.082  4.233   1.00 19.09 ? 264  ASP A CA  1 
ATOM   526  C C   . ASP A 1 68  ? -12.746 1.336   4.406   1.00 17.78 ? 264  ASP A C   1 
ATOM   527  O O   . ASP A 1 68  ? -12.456 2.019   3.425   1.00 17.66 ? 264  ASP A O   1 
ATOM   528  C CB  . ASP A 1 68  ? -14.820 -0.078  4.245   1.00 19.95 ? 264  ASP A CB  1 
ATOM   529  C CG  . ASP A 1 68  ? -15.406 -1.069  3.259   1.00 22.27 ? 264  ASP A CG  1 
ATOM   530  O OD1 . ASP A 1 68  ? -15.195 -0.885  2.039   1.00 23.71 ? 264  ASP A OD1 1 
ATOM   531  O OD2 . ASP A 1 68  ? -16.068 -2.033  3.697   1.00 22.14 ? 264  ASP A OD2 1 
ATOM   532  N N   . ASP A 1 69  ? -12.610 1.774   5.654   1.00 17.80 ? 265  ASP A N   1 
ATOM   533  C CA  . ASP A 1 69  ? -12.085 3.105   5.947   1.00 18.51 ? 265  ASP A CA  1 
ATOM   534  C C   . ASP A 1 69  ? -10.638 3.219   5.470   1.00 18.83 ? 265  ASP A C   1 
ATOM   535  O O   . ASP A 1 69  ? -10.254 4.200   4.823   1.00 19.29 ? 265  ASP A O   1 
ATOM   536  C CB  . ASP A 1 69  ? -12.143 3.384   7.453   1.00 20.28 ? 265  ASP A CB  1 
ATOM   537  C CG  . ASP A 1 69  ? -13.565 3.499   7.972   1.00 22.51 ? 265  ASP A CG  1 
ATOM   538  O OD1 . ASP A 1 69  ? -14.415 4.078   7.262   1.00 23.81 ? 265  ASP A OD1 1 
ATOM   539  O OD2 . ASP A 1 69  ? -13.830 3.026   9.097   1.00 25.12 ? 265  ASP A OD2 1 
ATOM   540  N N   . ILE A 1 70  ? -9.840  2.207   5.793   1.00 17.25 ? 266  ILE A N   1 
ATOM   541  C CA  . ILE A 1 70  ? -8.432  2.184   5.401   1.00 17.65 ? 266  ILE A CA  1 
ATOM   542  C C   . ILE A 1 70  ? -8.300  2.268   3.886   1.00 17.90 ? 266  ILE A C   1 
ATOM   543  O O   . ILE A 1 70  ? -7.474  3.016   3.369   1.00 18.45 ? 266  ILE A O   1 
ATOM   544  C CB  . ILE A 1 70  ? -7.732  0.896   5.909   1.00 18.48 ? 266  ILE A CB  1 
ATOM   545  C CG1 . ILE A 1 70  ? -7.614  0.937   7.438   1.00 19.12 ? 266  ILE A CG1 1 
ATOM   546  C CG2 . ILE A 1 70  ? -6.349  0.747   5.259   1.00 16.38 ? 266  ILE A CG2 1 
ATOM   547  C CD1 . ILE A 1 70  ? -6.780  2.089   7.968   1.00 19.59 ? 266  ILE A CD1 1 
ATOM   548  N N   . LEU A 1 71  ? -9.126  1.508   3.174   1.00 18.56 ? 267  LEU A N   1 
ATOM   549  C CA  . LEU A 1 71  ? -9.077  1.519   1.716   1.00 19.42 ? 267  LEU A CA  1 
ATOM   550  C C   . LEU A 1 71  ? -9.415  2.893   1.132   1.00 18.55 ? 267  LEU A C   1 
ATOM   551  O O   . LEU A 1 71  ? -8.806  3.317   0.153   1.00 17.67 ? 267  LEU A O   1 
ATOM   552  C CB  . LEU A 1 71  ? -10.017 0.453   1.144   1.00 19.33 ? 267  LEU A CB  1 
ATOM   553  C CG  . LEU A 1 71  ? -9.689  -0.996  1.529   1.00 20.29 ? 267  LEU A CG  1 
ATOM   554  C CD1 . LEU A 1 71  ? -10.718 -1.928  0.906   1.00 18.02 ? 267  LEU A CD1 1 
ATOM   555  C CD2 . LEU A 1 71  ? -8.278  -1.360  1.062   1.00 19.64 ? 267  LEU A CD2 1 
ATOM   556  N N   . GLN A 1 72  ? -10.385 3.589   1.722   1.00 19.98 ? 268  GLN A N   1 
ATOM   557  C CA  . GLN A 1 72  ? -10.747 4.917   1.229   1.00 19.76 ? 268  GLN A CA  1 
ATOM   558  C C   . GLN A 1 72  ? -9.564  5.862   1.393   1.00 18.24 ? 268  GLN A C   1 
ATOM   559  O O   . GLN A 1 72  ? -9.290  6.686   0.522   1.00 19.17 ? 268  GLN A O   1 
ATOM   560  C CB  . GLN A 1 72  ? -11.968 5.462   1.974   1.00 22.28 ? 268  GLN A CB  1 
ATOM   561  C CG  . GLN A 1 72  ? -13.256 4.786   1.550   1.00 26.11 ? 268  GLN A CG  1 
ATOM   562  C CD  . GLN A 1 72  ? -13.457 4.822   0.044   1.00 26.72 ? 268  GLN A CD  1 
ATOM   563  O OE1 . GLN A 1 72  ? -13.442 5.890   -0.566  1.00 27.91 ? 268  GLN A OE1 1 
ATOM   564  N NE2 . GLN A 1 72  ? -13.641 3.650   -0.562  1.00 29.43 ? 268  GLN A NE2 1 
ATOM   565  N N   . TYR A 1 73  ? -8.870  5.749   2.521   1.00 19.06 ? 269  TYR A N   1 
ATOM   566  C CA  . TYR A 1 73  ? -7.693  6.571   2.765   1.00 18.72 ? 269  TYR A CA  1 
ATOM   567  C C   . TYR A 1 73  ? -6.653  6.238   1.692   1.00 19.19 ? 269  TYR A C   1 
ATOM   568  O O   . TYR A 1 73  ? -6.009  7.126   1.136   1.00 16.79 ? 269  TYR A O   1 
ATOM   569  C CB  . TYR A 1 73  ? -7.116  6.286   4.154   1.00 21.28 ? 269  TYR A CB  1 
ATOM   570  C CG  . TYR A 1 73  ? -7.814  7.019   5.286   1.00 23.37 ? 269  TYR A CG  1 
ATOM   571  C CD1 . TYR A 1 73  ? -7.918  8.411   5.283   1.00 26.59 ? 269  TYR A CD1 1 
ATOM   572  C CD2 . TYR A 1 73  ? -8.330  6.323   6.379   1.00 25.47 ? 269  TYR A CD2 1 
ATOM   573  C CE1 . TYR A 1 73  ? -8.515  9.094   6.345   1.00 27.39 ? 269  TYR A CE1 1 
ATOM   574  C CE2 . TYR A 1 73  ? -8.929  6.996   7.449   1.00 27.93 ? 269  TYR A CE2 1 
ATOM   575  C CZ  . TYR A 1 73  ? -9.016  8.381   7.423   1.00 29.64 ? 269  TYR A CZ  1 
ATOM   576  O OH  . TYR A 1 73  ? -9.589  9.050   8.483   1.00 30.70 ? 269  TYR A OH  1 
ATOM   577  N N   . PHE A 1 74  ? -6.514  4.944   1.404   1.00 17.67 ? 270  PHE A N   1 
ATOM   578  C CA  . PHE A 1 74  ? -5.573  4.460   0.386   1.00 17.92 ? 270  PHE A CA  1 
ATOM   579  C C   . PHE A 1 74  ? -5.868  5.076   -0.987  1.00 18.31 ? 270  PHE A C   1 
ATOM   580  O O   . PHE A 1 74  ? -4.961  5.569   -1.668  1.00 17.58 ? 270  PHE A O   1 
ATOM   581  C CB  . PHE A 1 74  ? -5.660  2.927   0.307   1.00 15.86 ? 270  PHE A CB  1 
ATOM   582  C CG  . PHE A 1 74  ? -4.797  2.306   -0.769  1.00 16.80 ? 270  PHE A CG  1 
ATOM   583  C CD1 . PHE A 1 74  ? -3.411  2.359   -0.693  1.00 15.77 ? 270  PHE A CD1 1 
ATOM   584  C CD2 . PHE A 1 74  ? -5.379  1.630   -1.838  1.00 17.47 ? 270  PHE A CD2 1 
ATOM   585  C CE1 . PHE A 1 74  ? -2.611  1.741   -1.667  1.00 16.41 ? 270  PHE A CE1 1 
ATOM   586  C CE2 . PHE A 1 74  ? -4.594  1.012   -2.815  1.00 18.90 ? 270  PHE A CE2 1 
ATOM   587  C CZ  . PHE A 1 74  ? -3.207  1.067   -2.728  1.00 16.44 ? 270  PHE A CZ  1 
ATOM   588  N N   . PHE A 1 75  ? -7.138  5.068   -1.383  1.00 16.98 ? 271  PHE A N   1 
ATOM   589  C CA  . PHE A 1 75  ? -7.526  5.603   -2.688  1.00 20.02 ? 271  PHE A CA  1 
ATOM   590  C C   . PHE A 1 75  ? -7.294  7.104   -2.826  1.00 20.98 ? 271  PHE A C   1 
ATOM   591  O O   . PHE A 1 75  ? -7.207  7.621   -3.938  1.00 21.78 ? 271  PHE A O   1 
ATOM   592  C CB  . PHE A 1 75  ? -9.001  5.296   -2.987  1.00 20.24 ? 271  PHE A CB  1 
ATOM   593  C CG  . PHE A 1 75  ? -9.309  3.826   -3.105  1.00 19.84 ? 271  PHE A CG  1 
ATOM   594  C CD1 . PHE A 1 75  ? -8.477  2.980   -3.832  1.00 21.10 ? 271  PHE A CD1 1 
ATOM   595  C CD2 . PHE A 1 75  ? -10.442 3.295   -2.502  1.00 20.98 ? 271  PHE A CD2 1 
ATOM   596  C CE1 . PHE A 1 75  ? -8.772  1.616   -3.955  1.00 23.15 ? 271  PHE A CE1 1 
ATOM   597  C CE2 . PHE A 1 75  ? -10.748 1.937   -2.620  1.00 23.96 ? 271  PHE A CE2 1 
ATOM   598  C CZ  . PHE A 1 75  ? -9.911  1.097   -3.348  1.00 22.17 ? 271  PHE A CZ  1 
ATOM   599  N N   . ARG A 1 76  ? -7.201  7.798   -1.694  1.00 23.07 ? 272  ARG A N   1 
ATOM   600  C CA  . ARG A 1 76  ? -6.988  9.242   -1.690  1.00 25.60 ? 272  ARG A CA  1 
ATOM   601  C C   . ARG A 1 76  ? -5.579  9.643   -2.109  1.00 26.49 ? 272  ARG A C   1 
ATOM   602  O O   . ARG A 1 76  ? -5.368  10.745  -2.620  1.00 28.26 ? 272  ARG A O   1 
ATOM   603  C CB  . ARG A 1 76  ? -7.257  9.817   -0.295  1.00 26.35 ? 272  ARG A CB  1 
ATOM   604  C CG  . ARG A 1 76  ? -8.709  9.777   0.157   1.00 29.05 ? 272  ARG A CG  1 
ATOM   605  C CD  . ARG A 1 76  ? -8.867  10.479  1.506   1.00 33.57 ? 272  ARG A CD  1 
ATOM   606  N NE  . ARG A 1 76  ? -10.243 10.470  1.996   1.00 36.41 ? 272  ARG A NE  1 
ATOM   607  C CZ  . ARG A 1 76  ? -10.619 10.964  3.172   1.00 38.74 ? 272  ARG A CZ  1 
ATOM   608  N NH1 . ARG A 1 76  ? -9.722  11.507  3.984   1.00 39.22 ? 272  ARG A NH1 1 
ATOM   609  N NH2 . ARG A 1 76  ? -11.892 10.914  3.539   1.00 40.03 ? 272  ARG A NH2 1 
ATOM   610  N N   . VAL A 1 77  ? -4.614  8.754   -1.894  1.00 26.36 ? 273  VAL A N   1 
ATOM   611  C CA  . VAL A 1 77  ? -3.226  9.061   -2.212  1.00 26.69 ? 273  VAL A CA  1 
ATOM   612  C C   . VAL A 1 77  ? -2.562  8.214   -3.294  1.00 27.32 ? 273  VAL A C   1 
ATOM   613  O O   . VAL A 1 77  ? -1.462  8.539   -3.743  1.00 28.92 ? 273  VAL A O   1 
ATOM   614  C CB  . VAL A 1 77  ? -2.348  8.989   -0.940  1.00 26.45 ? 273  VAL A CB  1 
ATOM   615  C CG1 . VAL A 1 77  ? -2.748  10.091  0.029   1.00 25.78 ? 273  VAL A CG1 1 
ATOM   616  C CG2 . VAL A 1 77  ? -2.499  7.627   -0.277  1.00 25.86 ? 273  VAL A CG2 1 
ATOM   617  N N   . VAL A 1 78  ? -3.207  7.136   -3.718  1.00 25.76 ? 274  VAL A N   1 
ATOM   618  C CA  . VAL A 1 78  ? -2.610  6.288   -4.748  1.00 25.20 ? 274  VAL A CA  1 
ATOM   619  C C   . VAL A 1 78  ? -3.202  6.562   -6.124  1.00 23.53 ? 274  VAL A C   1 
ATOM   620  O O   . VAL A 1 78  ? -4.324  7.056   -6.236  1.00 25.39 ? 274  VAL A O   1 
ATOM   621  C CB  . VAL A 1 78  ? -2.826  4.775   -4.433  1.00 25.20 ? 274  VAL A CB  1 
ATOM   622  C CG1 . VAL A 1 78  ? -4.303  4.425   -4.545  1.00 25.56 ? 274  VAL A CG1 1 
ATOM   623  C CG2 . VAL A 1 78  ? -2.011  3.911   -5.384  1.00 27.77 ? 274  VAL A CG2 1 
ATOM   624  N N   . ASP A 1 79  ? -2.433  6.267   -7.168  1.00 20.45 ? 275  ASP A N   1 
ATOM   625  C CA  . ASP A 1 79  ? -2.933  6.401   -8.531  1.00 20.37 ? 275  ASP A CA  1 
ATOM   626  C C   . ASP A 1 79  ? -3.266  4.956   -8.906  1.00 18.85 ? 275  ASP A C   1 
ATOM   627  O O   . ASP A 1 79  ? -2.367  4.172   -9.209  1.00 17.48 ? 275  ASP A O   1 
ATOM   628  C CB  . ASP A 1 79  ? -1.861  6.931   -9.482  1.00 18.91 ? 275  ASP A CB  1 
ATOM   629  C CG  . ASP A 1 79  ? -2.364  7.020   -10.905 1.00 20.23 ? 275  ASP A CG  1 
ATOM   630  O OD1 . ASP A 1 79  ? -3.463  6.483   -11.167 1.00 16.72 ? 275  ASP A OD1 1 
ATOM   631  O OD2 . ASP A 1 79  ? -1.666  7.614   -11.760 1.00 20.70 ? 275  ASP A OD2 1 
ATOM   632  N N   . PRO A 1 80  ? -4.559  4.591   -8.892  1.00 18.89 ? 276  PRO A N   1 
ATOM   633  C CA  . PRO A 1 80  ? -5.030  3.239   -9.210  1.00 18.66 ? 276  PRO A CA  1 
ATOM   634  C C   . PRO A 1 80  ? -5.183  2.921   -10.696 1.00 19.33 ? 276  PRO A C   1 
ATOM   635  O O   . PRO A 1 80  ? -5.712  1.871   -11.055 1.00 18.31 ? 276  PRO A O   1 
ATOM   636  C CB  . PRO A 1 80  ? -6.364  3.178   -8.479  1.00 18.62 ? 276  PRO A CB  1 
ATOM   637  C CG  . PRO A 1 80  ? -6.908  4.567   -8.736  1.00 18.09 ? 276  PRO A CG  1 
ATOM   638  C CD  . PRO A 1 80  ? -5.692  5.471   -8.543  1.00 18.95 ? 276  PRO A CD  1 
ATOM   639  N N   . THR A 1 81  ? -4.722  3.822   -11.555 1.00 19.55 ? 277  THR A N   1 
ATOM   640  C CA  . THR A 1 81  ? -4.844  3.614   -12.993 1.00 21.10 ? 277  THR A CA  1 
ATOM   641  C C   . THR A 1 81  ? -3.508  3.291   -13.628 1.00 22.99 ? 277  THR A C   1 
ATOM   642  O O   . THR A 1 81  ? -2.479  3.225   -12.957 1.00 22.51 ? 277  THR A O   1 
ATOM   643  C CB  . THR A 1 81  ? -5.391  4.868   -13.700 1.00 20.91 ? 277  THR A CB  1 
ATOM   644  O OG1 . THR A 1 81  ? -4.408  5.909   -13.645 1.00 18.35 ? 277  THR A OG1 1 
ATOM   645  C CG2 . THR A 1 81  ? -6.665  5.347   -13.029 1.00 20.48 ? 277  THR A CG2 1 
ATOM   646  N N   . SER A 1 82  ? -3.536  3.103   -14.940 1.00 25.73 ? 278  SER A N   1 
ATOM   647  C CA  . SER A 1 82  ? -2.336  2.799   -15.697 1.00 29.15 ? 278  SER A CA  1 
ATOM   648  C C   . SER A 1 82  ? -1.442  4.041   -15.731 1.00 30.36 ? 278  SER A C   1 
ATOM   649  O O   . SER A 1 82  ? -0.275  3.969   -16.093 1.00 31.00 ? 278  SER A O   1 
ATOM   650  C CB  . SER A 1 82  ? -2.723  2.374   -17.119 1.00 31.49 ? 278  SER A CB  1 
ATOM   651  O OG  . SER A 1 82  ? -1.766  1.484   -17.668 1.00 35.61 ? 278  SER A OG  1 
ATOM   652  N N   . LEU A 1 83  ? -1.988  5.188   -15.338 1.00 31.56 ? 279  LEU A N   1 
ATOM   653  C CA  . LEU A 1 83  ? -1.208  6.427   -15.326 1.00 33.57 ? 279  LEU A CA  1 
ATOM   654  C C   . LEU A 1 83  ? -0.160  6.434   -14.209 1.00 34.94 ? 279  LEU A C   1 
ATOM   655  O O   . LEU A 1 83  ? 0.749   7.265   -14.214 1.00 34.46 ? 279  LEU A O   1 
ATOM   656  C CB  . LEU A 1 83  ? -2.126  7.647   -15.162 1.00 32.61 ? 279  LEU A CB  1 
ATOM   657  C CG  . LEU A 1 83  ? -3.239  7.862   -16.189 1.00 33.14 ? 279  LEU A CG  1 
ATOM   658  C CD1 . LEU A 1 83  ? -3.944  9.188   -15.906 1.00 33.18 ? 279  LEU A CD1 1 
ATOM   659  C CD2 . LEU A 1 83  ? -2.648  7.862   -17.587 1.00 34.00 ? 279  LEU A CD2 1 
ATOM   660  N N   . ASN A 1 84  ? -0.292  5.514   -13.255 1.00 36.85 ? 280  ASN A N   1 
ATOM   661  C CA  . ASN A 1 84  ? 0.650   5.428   -12.141 1.00 40.27 ? 280  ASN A CA  1 
ATOM   662  C C   . ASN A 1 84  ? 2.089   5.301   -12.642 1.00 43.12 ? 280  ASN A C   1 
ATOM   663  O O   . ASN A 1 84  ? 3.036   5.690   -11.958 1.00 44.45 ? 280  ASN A O   1 
ATOM   664  C CB  . ASN A 1 84  ? 0.293   4.236   -11.244 1.00 38.29 ? 280  ASN A CB  1 
ATOM   665  C CG  . ASN A 1 84  ? 1.185   4.136   -10.012 1.00 39.44 ? 280  ASN A CG  1 
ATOM   666  O OD1 . ASN A 1 84  ? 1.445   5.135   -9.334  1.00 37.12 ? 280  ASN A OD1 1 
ATOM   667  N ND2 . ASN A 1 84  ? 1.646   2.923   -9.710  1.00 37.73 ? 280  ASN A ND2 1 
ATOM   668  N N   . LYS A 1 85  ? 2.237   4.751   -13.842 1.00 45.47 ? 281  LYS A N   1 
ATOM   669  C CA  . LYS A 1 85  ? 3.545   4.567   -14.460 1.00 47.83 ? 281  LYS A CA  1 
ATOM   670  C C   . LYS A 1 85  ? 3.405   4.017   -15.881 1.00 48.71 ? 281  LYS A C   1 
ATOM   671  O O   . LYS A 1 85  ? 2.399   3.404   -16.233 1.00 49.61 ? 281  LYS A O   1 
ATOM   672  C CB  . LYS A 1 85  ? 4.415   3.631   -13.611 1.00 48.29 ? 281  LYS A CB  1 
ATOM   673  C CG  . LYS A 1 85  ? 3.669   2.459   -12.982 1.00 48.89 ? 281  LYS A CG  1 
ATOM   674  C CD  . LYS A 1 85  ? 2.910   1.638   -14.002 1.00 48.66 ? 281  LYS A CD  1 
ATOM   675  C CE  . LYS A 1 85  ? 1.414   1.881   -13.876 1.00 49.09 ? 281  LYS A CE  1 
ATOM   676  N NZ  . LYS A 1 85  ? 0.645   0.848   -14.615 1.00 47.04 ? 281  LYS A NZ  1 
ATOM   677  N N   . GLN A 1 86  ? 4.430   4.251   -16.693 1.00 50.06 ? 282  GLN A N   1 
ATOM   678  C CA  . GLN A 1 86  ? 4.453   3.819   -18.091 1.00 51.63 ? 282  GLN A CA  1 
ATOM   679  C C   . GLN A 1 86  ? 4.348   2.317   -18.308 1.00 51.52 ? 282  GLN A C   1 
ATOM   680  O O   . GLN A 1 86  ? 5.088   1.530   -17.719 1.00 51.90 ? 282  GLN A O   1 
ATOM   681  C CB  . GLN A 1 86  ? 5.730   4.321   -18.772 1.00 53.65 ? 282  GLN A CB  1 
ATOM   682  C CG  . GLN A 1 86  ? 5.633   5.712   -19.372 1.00 56.71 ? 282  GLN A CG  1 
ATOM   683  C CD  . GLN A 1 86  ? 4.628   5.795   -20.515 1.00 58.65 ? 282  GLN A CD  1 
ATOM   684  O OE1 . GLN A 1 86  ? 4.300   4.789   -21.149 1.00 59.26 ? 282  GLN A OE1 1 
ATOM   685  N NE2 . GLN A 1 86  ? 4.151   7.006   -20.795 1.00 59.59 ? 282  GLN A NE2 1 
ATOM   686  N N   . GLY A 1 87  ? 3.421   1.926   -19.172 1.00 51.44 ? 283  GLY A N   1 
ATOM   687  C CA  . GLY A 1 87  ? 3.244   0.522   -19.480 1.00 51.80 ? 283  GLY A CA  1 
ATOM   688  C C   . GLY A 1 87  ? 2.544   -0.313  -18.429 1.00 51.83 ? 283  GLY A C   1 
ATOM   689  O O   . GLY A 1 87  ? 1.790   0.194   -17.600 1.00 51.62 ? 283  GLY A O   1 
ATOM   690  N N   . ASN A 1 88  ? 2.804   -1.614  -18.474 1.00 51.32 ? 284  ASN A N   1 
ATOM   691  C CA  . ASN A 1 88  ? 2.201   -2.566  -17.551 1.00 50.67 ? 284  ASN A CA  1 
ATOM   692  C C   . ASN A 1 88  ? 2.956   -2.579  -16.221 1.00 49.59 ? 284  ASN A C   1 
ATOM   693  O O   . ASN A 1 88  ? 4.180   -2.712  -16.194 1.00 50.10 ? 284  ASN A O   1 
ATOM   694  C CB  . ASN A 1 88  ? 2.223   -3.962  -18.180 1.00 51.63 ? 284  ASN A CB  1 
ATOM   695  C CG  . ASN A 1 88  ? 1.272   -4.923  -17.504 1.00 52.30 ? 284  ASN A CG  1 
ATOM   696  O OD1 . ASN A 1 88  ? 1.325   -5.115  -16.292 1.00 52.94 ? 284  ASN A OD1 1 
ATOM   697  N ND2 . ASN A 1 88  ? 0.399   -5.542  -18.291 1.00 52.22 ? 284  ASN A ND2 1 
ATOM   698  N N   . ASP A 1 89  ? 2.220   -2.445  -15.120 1.00 47.92 ? 285  ASP A N   1 
ATOM   699  C CA  . ASP A 1 89  ? 2.826   -2.434  -13.792 1.00 45.83 ? 285  ASP A CA  1 
ATOM   700  C C   . ASP A 1 89  ? 3.050   -3.834  -13.210 1.00 43.57 ? 285  ASP A C   1 
ATOM   701  O O   . ASP A 1 89  ? 3.668   -3.976  -12.152 1.00 42.12 ? 285  ASP A O   1 
ATOM   702  C CB  . ASP A 1 89  ? 1.959   -1.625  -12.821 1.00 46.97 ? 285  ASP A CB  1 
ATOM   703  C CG  . ASP A 1 89  ? 0.600   -2.261  -12.585 1.00 47.51 ? 285  ASP A CG  1 
ATOM   704  O OD1 . ASP A 1 89  ? 0.442   -3.462  -12.886 1.00 47.79 ? 285  ASP A OD1 1 
ATOM   705  O OD2 . ASP A 1 89  ? -0.307  -1.562  -12.086 1.00 48.37 ? 285  ASP A OD2 1 
ATOM   706  N N   . THR A 1 90  ? 2.544   -4.857  -13.893 1.00 41.40 ? 286  THR A N   1 
ATOM   707  C CA  . THR A 1 90  ? 2.693   -6.236  -13.430 1.00 38.99 ? 286  THR A CA  1 
ATOM   708  C C   . THR A 1 90  ? 4.127   -6.533  -12.999 1.00 37.84 ? 286  THR A C   1 
ATOM   709  O O   . THR A 1 90  ? 5.064   -6.399  -13.790 1.00 36.39 ? 286  THR A O   1 
ATOM   710  C CB  . THR A 1 90  ? 2.295   -7.257  -14.531 1.00 40.00 ? 286  THR A CB  1 
ATOM   711  O OG1 . THR A 1 90  ? 0.908   -7.097  -14.857 1.00 39.68 ? 286  THR A OG1 1 
ATOM   712  C CG2 . THR A 1 90  ? 2.534   -8.689  -14.044 1.00 40.28 ? 286  THR A CG2 1 
ATOM   713  N N   . GLY A 1 91  ? 4.286   -6.932  -11.739 1.00 35.87 ? 287  GLY A N   1 
ATOM   714  C CA  . GLY A 1 91  ? 5.604   -7.255  -11.223 1.00 34.54 ? 287  GLY A CA  1 
ATOM   715  C C   . GLY A 1 91  ? 6.565   -6.087  -11.043 1.00 33.34 ? 287  GLY A C   1 
ATOM   716  O O   . GLY A 1 91  ? 7.764   -6.304  -10.858 1.00 34.88 ? 287  GLY A O   1 
ATOM   717  N N   . THR A 1 92  ? 6.066   -4.855  -11.088 1.00 30.87 ? 288  THR A N   1 
ATOM   718  C CA  . THR A 1 92  ? 6.945   -3.702  -10.922 1.00 29.80 ? 288  THR A CA  1 
ATOM   719  C C   . THR A 1 92  ? 6.953   -3.168  -9.488  1.00 27.34 ? 288  THR A C   1 
ATOM   720  O O   . THR A 1 92  ? 6.001   -3.351  -8.727  1.00 24.73 ? 288  THR A O   1 
ATOM   721  C CB  . THR A 1 92  ? 6.574   -2.560  -11.885 1.00 30.81 ? 288  THR A CB  1 
ATOM   722  O OG1 . THR A 1 92  ? 5.289   -2.031  -11.536 1.00 32.43 ? 288  THR A OG1 1 
ATOM   723  C CG2 . THR A 1 92  ? 6.535   -3.080  -13.319 1.00 33.49 ? 288  THR A CG2 1 
ATOM   724  N N   . GLN A 1 93  ? 8.044   -2.493  -9.153  1.00 23.90 ? 289  GLN A N   1 
ATOM   725  C CA  . GLN A 1 93  ? 8.295   -1.934  -7.830  1.00 22.63 ? 289  GLN A CA  1 
ATOM   726  C C   . GLN A 1 93  ? 7.279   -0.960  -7.235  1.00 21.34 ? 289  GLN A C   1 
ATOM   727  O O   . GLN A 1 93  ? 7.040   -0.972  -6.024  1.00 19.30 ? 289  GLN A O   1 
ATOM   728  C CB  . GLN A 1 93  ? 9.686   -1.295  -7.851  1.00 22.78 ? 289  GLN A CB  1 
ATOM   729  C CG  . GLN A 1 93  ? 10.058  -0.449  -6.657  1.00 23.34 ? 289  GLN A CG  1 
ATOM   730  C CD  . GLN A 1 93  ? 11.538  -0.105  -6.661  1.00 23.68 ? 289  GLN A CD  1 
ATOM   731  O OE1 . GLN A 1 93  ? 12.154  -0.001  -7.720  1.00 26.34 ? 289  GLN A OE1 1 
ATOM   732  N NE2 . GLN A 1 93  ? 12.111  0.078   -5.478  1.00 21.50 ? 289  GLN A NE2 1 
ATOM   733  N N   . TYR A 1 94  ? 6.678   -0.126  -8.073  1.00 18.72 ? 290  TYR A N   1 
ATOM   734  C CA  . TYR A 1 94  ? 5.720   0.862   -7.588  1.00 19.49 ? 290  TYR A CA  1 
ATOM   735  C C   . TYR A 1 94  ? 4.269   0.585   -7.963  1.00 18.26 ? 290  TYR A C   1 
ATOM   736  O O   . TYR A 1 94  ? 3.422   1.477   -7.864  1.00 15.99 ? 290  TYR A O   1 
ATOM   737  C CB  . TYR A 1 94  ? 6.136   2.246   -8.095  1.00 20.87 ? 290  TYR A CB  1 
ATOM   738  C CG  . TYR A 1 94  ? 7.516   2.643   -7.628  1.00 20.87 ? 290  TYR A CG  1 
ATOM   739  C CD1 . TYR A 1 94  ? 7.767   2.913   -6.278  1.00 24.11 ? 290  TYR A CD1 1 
ATOM   740  C CD2 . TYR A 1 94  ? 8.578   2.737   -8.528  1.00 24.01 ? 290  TYR A CD2 1 
ATOM   741  C CE1 . TYR A 1 94  ? 9.042   3.267   -5.838  1.00 22.69 ? 290  TYR A CE1 1 
ATOM   742  C CE2 . TYR A 1 94  ? 9.858   3.090   -8.099  1.00 24.50 ? 290  TYR A CE2 1 
ATOM   743  C CZ  . TYR A 1 94  ? 10.080  3.355   -6.754  1.00 24.66 ? 290  TYR A CZ  1 
ATOM   744  O OH  . TYR A 1 94  ? 11.337  3.716   -6.328  1.00 26.64 ? 290  TYR A OH  1 
ATOM   745  N N   . ARG A 1 95  ? 3.976   -0.648  -8.374  1.00 15.81 ? 291  ARG A N   1 
ATOM   746  C CA  . ARG A 1 95  ? 2.617   -1.006  -8.770  1.00 17.57 ? 291  ARG A CA  1 
ATOM   747  C C   . ARG A 1 95  ? 1.612   -0.840  -7.630  1.00 16.77 ? 291  ARG A C   1 
ATOM   748  O O   . ARG A 1 95  ? 1.984   -0.851  -6.460  1.00 15.78 ? 291  ARG A O   1 
ATOM   749  C CB  . ARG A 1 95  ? 2.573   -2.451  -9.292  1.00 17.01 ? 291  ARG A CB  1 
ATOM   750  C CG  . ARG A 1 95  ? 2.937   -3.537  -8.276  1.00 17.44 ? 291  ARG A CG  1 
ATOM   751  C CD  . ARG A 1 95  ? 2.667   -4.904  -8.900  1.00 16.08 ? 291  ARG A CD  1 
ATOM   752  N NE  . ARG A 1 95  ? 2.868   -6.048  -8.013  1.00 15.54 ? 291  ARG A NE  1 
ATOM   753  C CZ  . ARG A 1 95  ? 4.053   -6.569  -7.700  1.00 18.35 ? 291  ARG A CZ  1 
ATOM   754  N NH1 . ARG A 1 95  ? 5.171   -6.044  -8.189  1.00 15.77 ? 291  ARG A NH1 1 
ATOM   755  N NH2 . ARG A 1 95  ? 4.117   -7.645  -6.923  1.00 14.97 ? 291  ARG A NH2 1 
ATOM   756  N N   . SER A 1 96  ? 0.337   -0.691  -7.988  1.00 15.95 ? 292  SER A N   1 
ATOM   757  C CA  . SER A 1 96  ? -0.727  -0.532  -6.999  1.00 16.53 ? 292  SER A CA  1 
ATOM   758  C C   . SER A 1 96  ? -1.387  -1.869  -6.658  1.00 14.43 ? 292  SER A C   1 
ATOM   759  O O   . SER A 1 96  ? -1.703  -2.664  -7.540  1.00 14.02 ? 292  SER A O   1 
ATOM   760  C CB  . SER A 1 96  ? -1.789  0.440   -7.517  1.00 16.56 ? 292  SER A CB  1 
ATOM   761  O OG  . SER A 1 96  ? -2.367  -0.046  -8.718  1.00 21.63 ? 292  SER A OG  1 
ATOM   762  N N   . GLY A 1 97  ? -1.601  -2.110  -5.371  1.00 14.14 ? 293  GLY A N   1 
ATOM   763  C CA  . GLY A 1 97  ? -2.220  -3.357  -4.972  1.00 12.82 ? 293  GLY A CA  1 
ATOM   764  C C   . GLY A 1 97  ? -2.643  -3.377  -3.521  1.00 14.22 ? 293  GLY A C   1 
ATOM   765  O O   . GLY A 1 97  ? -2.193  -2.560  -2.710  1.00 13.40 ? 293  GLY A O   1 
ATOM   766  N N   . VAL A 1 98  ? -3.538  -4.308  -3.207  1.00 14.21 ? 294  VAL A N   1 
ATOM   767  C CA  . VAL A 1 98  ? -4.017  -4.498  -1.847  1.00 13.15 ? 294  VAL A CA  1 
ATOM   768  C C   . VAL A 1 98  ? -3.890  -6.004  -1.647  1.00 13.03 ? 294  VAL A C   1 
ATOM   769  O O   . VAL A 1 98  ? -4.500  -6.786  -2.373  1.00 11.44 ? 294  VAL A O   1 
ATOM   770  C CB  . VAL A 1 98  ? -5.496  -4.050  -1.681  1.00 13.08 ? 294  VAL A CB  1 
ATOM   771  C CG1 . VAL A 1 98  ? -5.926  -4.202  -0.215  1.00 11.71 ? 294  VAL A CG1 1 
ATOM   772  C CG2 . VAL A 1 98  ? -5.661  -2.595  -2.124  1.00 13.56 ? 294  VAL A CG2 1 
ATOM   773  N N   . TYR A 1 99  ? -3.066  -6.408  -0.688  1.00 11.95 ? 295  TYR A N   1 
ATOM   774  C CA  . TYR A 1 99  ? -2.848  -7.827  -0.445  1.00 13.86 ? 295  TYR A CA  1 
ATOM   775  C C   . TYR A 1 99  ? -3.490  -8.240  0.865   1.00 14.49 ? 295  TYR A C   1 
ATOM   776  O O   . TYR A 1 99  ? -3.212  -7.657  1.914   1.00 15.07 ? 295  TYR A O   1 
ATOM   777  C CB  . TYR A 1 99  ? -1.341  -8.119  -0.461  1.00 11.74 ? 295  TYR A CB  1 
ATOM   778  C CG  . TYR A 1 99  ? -0.660  -7.508  -1.674  1.00 13.34 ? 295  TYR A CG  1 
ATOM   779  C CD1 . TYR A 1 99  ? -1.203  -7.668  -2.951  1.00 15.73 ? 295  TYR A CD1 1 
ATOM   780  C CD2 . TYR A 1 99  ? 0.489   -6.724  -1.541  1.00 14.20 ? 295  TYR A CD2 1 
ATOM   781  C CE1 . TYR A 1 99  ? -0.622  -7.053  -4.073  1.00 14.86 ? 295  TYR A CE1 1 
ATOM   782  C CE2 . TYR A 1 99  ? 1.077   -6.106  -2.654  1.00 14.86 ? 295  TYR A CE2 1 
ATOM   783  C CZ  . TYR A 1 99  ? 0.514   -6.274  -3.916  1.00 16.16 ? 295  TYR A CZ  1 
ATOM   784  O OH  . TYR A 1 99  ? 1.071   -5.655  -5.017  1.00 13.30 ? 295  TYR A OH  1 
ATOM   785  N N   . TYR A 1 100 ? -4.349  -9.251  0.793   1.00 14.78 ? 296  TYR A N   1 
ATOM   786  C CA  . TYR A 1 100 ? -5.081  -9.713  1.967   1.00 16.47 ? 296  TYR A CA  1 
ATOM   787  C C   . TYR A 1 100 ? -4.496  -10.936 2.656   1.00 17.79 ? 296  TYR A C   1 
ATOM   788  O O   . TYR A 1 100 ? -3.726  -11.701 2.066   1.00 15.48 ? 296  TYR A O   1 
ATOM   789  C CB  . TYR A 1 100 ? -6.546  -9.974  1.574   1.00 15.10 ? 296  TYR A CB  1 
ATOM   790  C CG  . TYR A 1 100 ? -6.736  -10.991 0.456   1.00 16.17 ? 296  TYR A CG  1 
ATOM   791  C CD1 . TYR A 1 100 ? -6.789  -12.361 0.727   1.00 15.27 ? 296  TYR A CD1 1 
ATOM   792  C CD2 . TYR A 1 100 ? -6.863  -10.577 -0.869  1.00 15.24 ? 296  TYR A CD2 1 
ATOM   793  C CE1 . TYR A 1 100 ? -6.964  -13.296 -0.302  1.00 14.22 ? 296  TYR A CE1 1 
ATOM   794  C CE2 . TYR A 1 100 ? -7.035  -11.498 -1.903  1.00 14.49 ? 296  TYR A CE2 1 
ATOM   795  C CZ  . TYR A 1 100 ? -7.083  -12.854 -1.612  1.00 15.82 ? 296  TYR A CZ  1 
ATOM   796  O OH  . TYR A 1 100 ? -7.228  -13.765 -2.637  1.00 13.64 ? 296  TYR A OH  1 
ATOM   797  N N   . THR A 1 101 ? -4.868  -11.109 3.921   1.00 20.42 ? 297  THR A N   1 
ATOM   798  C CA  . THR A 1 101 ? -4.401  -12.240 4.708   1.00 21.63 ? 297  THR A CA  1 
ATOM   799  C C   . THR A 1 101 ? -5.606  -13.000 5.244   1.00 23.38 ? 297  THR A C   1 
ATOM   800  O O   . THR A 1 101 ? -5.460  -13.937 6.029   1.00 24.46 ? 297  THR A O   1 
ATOM   801  C CB  . THR A 1 101 ? -3.529  -11.783 5.896   1.00 23.46 ? 297  THR A CB  1 
ATOM   802  O OG1 . THR A 1 101 ? -4.305  -10.953 6.763   1.00 22.97 ? 297  THR A OG1 1 
ATOM   803  C CG2 . THR A 1 101 ? -2.315  -11.004 5.408   1.00 24.58 ? 297  THR A CG2 1 
ATOM   804  N N   . ASP A 1 102 ? -6.794  -12.593 4.808   1.00 24.92 ? 298  ASP A N   1 
ATOM   805  C CA  . ASP A 1 102 ? -8.040  -13.224 5.236   1.00 28.19 ? 298  ASP A CA  1 
ATOM   806  C C   . ASP A 1 102 ? -9.008  -13.289 4.056   1.00 28.56 ? 298  ASP A C   1 
ATOM   807  O O   . ASP A 1 102 ? -9.165  -12.322 3.310   1.00 27.01 ? 298  ASP A O   1 
ATOM   808  C CB  . ASP A 1 102 ? -8.670  -12.426 6.381   1.00 30.62 ? 298  ASP A CB  1 
ATOM   809  C CG  . ASP A 1 102 ? -9.925  -13.081 6.933   1.00 34.30 ? 298  ASP A CG  1 
ATOM   810  O OD1 . ASP A 1 102 ? -10.919 -13.217 6.188   1.00 36.21 ? 298  ASP A OD1 1 
ATOM   811  O OD2 . ASP A 1 102 ? -9.914  -13.462 8.123   1.00 37.20 ? 298  ASP A OD2 1 
ATOM   812  N N   . PRO A 1 103 ? -9.671  -14.438 3.872   1.00 31.99 ? 299  PRO A N   1 
ATOM   813  C CA  . PRO A 1 103 ? -10.624 -14.621 2.770   1.00 32.32 ? 299  PRO A CA  1 
ATOM   814  C C   . PRO A 1 103 ? -11.774 -13.616 2.743   1.00 32.66 ? 299  PRO A C   1 
ATOM   815  O O   . PRO A 1 103 ? -12.301 -13.304 1.679   1.00 33.48 ? 299  PRO A O   1 
ATOM   816  C CB  . PRO A 1 103 ? -11.105 -16.057 2.968   1.00 34.21 ? 299  PRO A CB  1 
ATOM   817  C CG  . PRO A 1 103 ? -10.972 -16.259 4.446   1.00 34.08 ? 299  PRO A CG  1 
ATOM   818  C CD  . PRO A 1 103 ? -9.640  -15.626 4.741   1.00 31.44 ? 299  PRO A CD  1 
ATOM   819  N N   . ALA A 1 104 ? -12.158 -13.109 3.913   1.00 32.62 ? 300  ALA A N   1 
ATOM   820  C CA  . ALA A 1 104 ? -13.248 -12.140 4.009   1.00 32.16 ? 300  ALA A CA  1 
ATOM   821  C C   . ALA A 1 104 ? -12.848 -10.790 3.419   1.00 31.76 ? 300  ALA A C   1 
ATOM   822  O O   . ALA A 1 104 ? -13.665 -10.089 2.818   1.00 32.55 ? 300  ALA A O   1 
ATOM   823  C CB  . ALA A 1 104 ? -13.662 -11.965 5.467   1.00 33.39 ? 300  ALA A CB  1 
ATOM   824  N N   . GLU A 1 105 ? -11.583 -10.432 3.595   1.00 29.34 ? 301  GLU A N   1 
ATOM   825  C CA  . GLU A 1 105 ? -11.069 -9.165  3.095   1.00 27.18 ? 301  GLU A CA  1 
ATOM   826  C C   . GLU A 1 105 ? -11.130 -9.061  1.578   1.00 25.85 ? 301  GLU A C   1 
ATOM   827  O O   . GLU A 1 105 ? -11.313 -7.975  1.032   1.00 25.55 ? 301  GLU A O   1 
ATOM   828  C CB  . GLU A 1 105 ? -9.633  -8.982  3.560   1.00 25.28 ? 301  GLU A CB  1 
ATOM   829  C CG  . GLU A 1 105 ? -9.468  -9.187  5.042   1.00 25.55 ? 301  GLU A CG  1 
ATOM   830  C CD  . GLU A 1 105 ? -8.050  -8.978  5.492   1.00 26.62 ? 301  GLU A CD  1 
ATOM   831  O OE1 . GLU A 1 105 ? -7.128  -9.402  4.765   1.00 24.32 ? 301  GLU A OE1 1 
ATOM   832  O OE2 . GLU A 1 105 ? -7.857  -8.407  6.582   1.00 29.02 ? 301  GLU A OE2 1 
ATOM   833  N N   . LYS A 1 106 ? -10.975 -10.192 0.900   1.00 25.22 ? 302  LYS A N   1 
ATOM   834  C CA  . LYS A 1 106 ? -10.997 -10.214 -0.553  1.00 23.51 ? 302  LYS A CA  1 
ATOM   835  C C   . LYS A 1 106 ? -12.278 -9.612  -1.128  1.00 22.83 ? 302  LYS A C   1 
ATOM   836  O O   . LYS A 1 106 ? -12.236 -8.875  -2.113  1.00 18.55 ? 302  LYS A O   1 
ATOM   837  C CB  . LYS A 1 106 ? -10.808 -11.647 -1.049  1.00 25.69 ? 302  LYS A CB  1 
ATOM   838  C CG  . LYS A 1 106 ? -10.842 -11.790 -2.558  1.00 29.41 ? 302  LYS A CG  1 
ATOM   839  C CD  . LYS A 1 106 ? -10.317 -13.147 -3.015  1.00 34.76 ? 302  LYS A CD  1 
ATOM   840  C CE  . LYS A 1 106 ? -11.124 -14.302 -2.452  1.00 36.75 ? 302  LYS A CE  1 
ATOM   841  N NZ  . LYS A 1 106 ? -10.693 -15.589 -3.067  1.00 40.69 ? 302  LYS A NZ  1 
ATOM   842  N N   . ALA A 1 107 ? -13.414 -9.922  -0.504  1.00 21.89 ? 303  ALA A N   1 
ATOM   843  C CA  . ALA A 1 107 ? -14.707 -9.409  -0.952  1.00 21.28 ? 303  ALA A CA  1 
ATOM   844  C C   . ALA A 1 107 ? -14.834 -7.916  -0.646  1.00 18.92 ? 303  ALA A C   1 
ATOM   845  O O   . ALA A 1 107 ? -15.412 -7.158  -1.424  1.00 17.11 ? 303  ALA A O   1 
ATOM   846  C CB  . ALA A 1 107 ? -15.837 -10.183 -0.276  1.00 23.11 ? 303  ALA A CB  1 
ATOM   847  N N   . VAL A 1 108 ? -14.299 -7.502  0.495   1.00 18.47 ? 304  VAL A N   1 
ATOM   848  C CA  . VAL A 1 108 ? -14.347 -6.097  0.884   1.00 17.71 ? 304  VAL A CA  1 
ATOM   849  C C   . VAL A 1 108 ? -13.517 -5.288  -0.110  1.00 18.08 ? 304  VAL A C   1 
ATOM   850  O O   . VAL A 1 108 ? -13.938 -4.229  -0.582  1.00 17.12 ? 304  VAL A O   1 
ATOM   851  C CB  . VAL A 1 108 ? -13.779 -5.886  2.308   1.00 18.90 ? 304  VAL A CB  1 
ATOM   852  C CG1 . VAL A 1 108 ? -13.756 -4.401  2.643   1.00 15.63 ? 304  VAL A CG1 1 
ATOM   853  C CG2 . VAL A 1 108 ? -14.633 -6.646  3.332   1.00 17.71 ? 304  VAL A CG2 1 
ATOM   854  N N   . ILE A 1 109 ? -12.339 -5.809  -0.437  1.00 16.42 ? 305  ILE A N   1 
ATOM   855  C CA  . ILE A 1 109 ? -11.448 -5.148  -1.377  1.00 15.51 ? 305  ILE A CA  1 
ATOM   856  C C   . ILE A 1 109 ? -12.070 -5.100  -2.774  1.00 14.94 ? 305  ILE A C   1 
ATOM   857  O O   . ILE A 1 109 ? -12.055 -4.054  -3.427  1.00 14.56 ? 305  ILE A O   1 
ATOM   858  C CB  . ILE A 1 109 ? -10.074 -5.866  -1.426  1.00 16.43 ? 305  ILE A CB  1 
ATOM   859  C CG1 . ILE A 1 109 ? -9.458  -5.900  -0.021  1.00 17.27 ? 305  ILE A CG1 1 
ATOM   860  C CG2 . ILE A 1 109 ? -9.138  -5.152  -2.399  1.00 15.80 ? 305  ILE A CG2 1 
ATOM   861  C CD1 . ILE A 1 109 ? -8.282  -6.867  0.126   1.00 16.28 ? 305  ILE A CD1 1 
ATOM   862  N N   . ALA A 1 110 ? -12.625 -6.222  -3.227  1.00 14.20 ? 306  ALA A N   1 
ATOM   863  C CA  . ALA A 1 110 ? -13.243 -6.287  -4.551  1.00 14.82 ? 306  ALA A CA  1 
ATOM   864  C C   . ALA A 1 110 ? -14.364 -5.254  -4.696  1.00 15.44 ? 306  ALA A C   1 
ATOM   865  O O   . ALA A 1 110 ? -14.423 -4.516  -5.678  1.00 14.25 ? 306  ALA A O   1 
ATOM   866  C CB  . ALA A 1 110 ? -13.799 -7.697  -4.810  1.00 14.97 ? 306  ALA A CB  1 
ATOM   867  N N   . ALA A 1 111 ? -15.250 -5.211  -3.708  1.00 16.80 ? 307  ALA A N   1 
ATOM   868  C CA  . ALA A 1 111 ? -16.368 -4.276  -3.729  1.00 17.80 ? 307  ALA A CA  1 
ATOM   869  C C   . ALA A 1 111 ? -15.867 -2.839  -3.676  1.00 17.28 ? 307  ALA A C   1 
ATOM   870  O O   . ALA A 1 111 ? -16.411 -1.969  -4.348  1.00 18.02 ? 307  ALA A O   1 
ATOM   871  C CB  . ALA A 1 111 ? -17.303 -4.550  -2.561  1.00 17.62 ? 307  ALA A CB  1 
ATOM   872  N N   . ALA A 1 112 ? -14.831 -2.596  -2.873  1.00 16.86 ? 308  ALA A N   1 
ATOM   873  C CA  . ALA A 1 112 ? -14.259 -1.259  -2.744  1.00 13.78 ? 308  ALA A CA  1 
ATOM   874  C C   . ALA A 1 112 ? -13.680 -0.791  -4.077  1.00 15.52 ? 308  ALA A C   1 
ATOM   875  O O   . ALA A 1 112 ? -13.851 0.362   -4.459  1.00 15.22 ? 308  ALA A O   1 
ATOM   876  C CB  . ALA A 1 112 ? -13.177 -1.246  -1.677  1.00 15.32 ? 308  ALA A CB  1 
ATOM   877  N N   . LEU A 1 113 ? -12.994 -1.689  -4.778  1.00 15.39 ? 309  LEU A N   1 
ATOM   878  C CA  . LEU A 1 113 ? -12.410 -1.360  -6.077  1.00 16.56 ? 309  LEU A CA  1 
ATOM   879  C C   . LEU A 1 113 ? -13.512 -1.084  -7.099  1.00 17.05 ? 309  LEU A C   1 
ATOM   880  O O   . LEU A 1 113 ? -13.367 -0.230  -7.976  1.00 16.21 ? 309  LEU A O   1 
ATOM   881  C CB  . LEU A 1 113 ? -11.518 -2.508  -6.559  1.00 15.88 ? 309  LEU A CB  1 
ATOM   882  C CG  . LEU A 1 113 ? -10.178 -2.602  -5.828  1.00 17.59 ? 309  LEU A CG  1 
ATOM   883  C CD1 . LEU A 1 113 ? -9.424  -3.869  -6.243  1.00 18.56 ? 309  LEU A CD1 1 
ATOM   884  C CD2 . LEU A 1 113 ? -9.359  -1.345  -6.142  1.00 18.41 ? 309  LEU A CD2 1 
ATOM   885  N N   . LYS A 1 114 ? -14.619 -1.810  -6.975  1.00 17.73 ? 310  LYS A N   1 
ATOM   886  C CA  . LYS A 1 114 ? -15.749 -1.625  -7.873  1.00 19.58 ? 310  LYS A CA  1 
ATOM   887  C C   . LYS A 1 114 ? -16.305 -0.217  -7.697  1.00 18.94 ? 310  LYS A C   1 
ATOM   888  O O   . LYS A 1 114 ? -16.588 0.471   -8.676  1.00 17.56 ? 310  LYS A O   1 
ATOM   889  C CB  . LYS A 1 114 ? -16.844 -2.657  -7.576  1.00 20.99 ? 310  LYS A CB  1 
ATOM   890  C CG  . LYS A 1 114 ? -18.117 -2.468  -8.401  1.00 24.96 ? 310  LYS A CG  1 
ATOM   891  C CD  . LYS A 1 114 ? -19.208 -3.453  -7.993  1.00 28.59 ? 310  LYS A CD  1 
ATOM   892  C CE  . LYS A 1 114 ? -19.651 -3.263  -6.539  1.00 29.56 ? 310  LYS A CE  1 
ATOM   893  N NZ  . LYS A 1 114 ? -20.365 -1.975  -6.297  1.00 31.73 ? 310  LYS A NZ  1 
ATOM   894  N N   . ARG A 1 115 ? -16.457 0.205   -6.442  1.00 19.85 ? 311  ARG A N   1 
ATOM   895  C CA  . ARG A 1 115 ? -16.982 1.535   -6.138  1.00 21.24 ? 311  ARG A CA  1 
ATOM   896  C C   . ARG A 1 115 ? -16.032 2.628   -6.605  1.00 22.01 ? 311  ARG A C   1 
ATOM   897  O O   . ARG A 1 115 ? -16.463 3.659   -7.122  1.00 22.56 ? 311  ARG A O   1 
ATOM   898  C CB  . ARG A 1 115 ? -17.229 1.690   -4.638  1.00 20.86 ? 311  ARG A CB  1 
ATOM   899  C CG  . ARG A 1 115 ? -18.191 0.668   -4.069  1.00 23.49 ? 311  ARG A CG  1 
ATOM   900  C CD  . ARG A 1 115 ? -18.792 1.149   -2.762  1.00 24.33 ? 311  ARG A CD  1 
ATOM   901  N NE  . ARG A 1 115 ? -17.812 1.294   -1.691  1.00 21.99 ? 311  ARG A NE  1 
ATOM   902  C CZ  . ARG A 1 115 ? -17.250 0.275   -1.050  1.00 22.12 ? 311  ARG A CZ  1 
ATOM   903  N NH1 . ARG A 1 115 ? -17.571 -0.975  -1.373  1.00 20.83 ? 311  ARG A NH1 1 
ATOM   904  N NH2 . ARG A 1 115 ? -16.375 0.509   -0.084  1.00 18.79 ? 311  ARG A NH2 1 
ATOM   905  N N   . GLU A 1 116 ? -14.736 2.399   -6.420  1.00 21.27 ? 312  GLU A N   1 
ATOM   906  C CA  . GLU A 1 116 ? -13.733 3.371   -6.826  1.00 22.02 ? 312  GLU A CA  1 
ATOM   907  C C   . GLU A 1 116 ? -13.725 3.509   -8.350  1.00 21.92 ? 312  GLU A C   1 
ATOM   908  O O   . GLU A 1 116 ? -13.554 4.604   -8.878  1.00 21.64 ? 312  GLU A O   1 
ATOM   909  C CB  . GLU A 1 116 ? -12.351 2.941   -6.318  1.00 20.98 ? 312  GLU A CB  1 
ATOM   910  C CG  . GLU A 1 116 ? -11.276 4.022   -6.385  1.00 21.50 ? 312  GLU A CG  1 
ATOM   911  C CD  . GLU A 1 116 ? -11.586 5.223   -5.505  1.00 22.39 ? 312  GLU A CD  1 
ATOM   912  O OE1 . GLU A 1 116 ? -12.508 5.134   -4.666  1.00 20.83 ? 312  GLU A OE1 1 
ATOM   913  O OE2 . GLU A 1 116 ? -10.899 6.256   -5.642  1.00 22.81 ? 312  GLU A OE2 1 
ATOM   914  N N   . GLN A 1 117 ? -13.914 2.393   -9.051  1.00 22.16 ? 313  GLN A N   1 
ATOM   915  C CA  . GLN A 1 117 ? -13.941 2.398   -10.513 1.00 24.09 ? 313  GLN A CA  1 
ATOM   916  C C   . GLN A 1 117 ? -15.059 3.324   -11.006 1.00 26.62 ? 313  GLN A C   1 
ATOM   917  O O   . GLN A 1 117 ? -14.976 3.885   -12.099 1.00 25.61 ? 313  GLN A O   1 
ATOM   918  C CB  . GLN A 1 117 ? -14.167 0.971   -11.030 1.00 23.91 ? 313  GLN A CB  1 
ATOM   919  C CG  . GLN A 1 117 ? -14.263 0.819   -12.547 1.00 23.09 ? 313  GLN A CG  1 
ATOM   920  C CD  . GLN A 1 117 ? -12.980 1.192   -13.274 1.00 21.11 ? 313  GLN A CD  1 
ATOM   921  O OE1 . GLN A 1 117 ? -12.740 2.361   -13.582 1.00 23.50 ? 313  GLN A OE1 1 
ATOM   922  N NE2 . GLN A 1 117 ? -12.149 0.198   -13.548 1.00 17.85 ? 313  GLN A NE2 1 
ATOM   923  N N   . GLN A 1 118 ? -16.094 3.476   -10.184 1.00 27.81 ? 314  GLN A N   1 
ATOM   924  C CA  . GLN A 1 118 ? -17.242 4.331   -10.500 1.00 29.88 ? 314  GLN A CA  1 
ATOM   925  C C   . GLN A 1 118 ? -16.833 5.787   -10.703 1.00 29.64 ? 314  GLN A C   1 
ATOM   926  O O   . GLN A 1 118 ? -17.492 6.532   -11.432 1.00 30.74 ? 314  GLN A O   1 
ATOM   927  C CB  . GLN A 1 118 ? -18.269 4.279   -9.362  1.00 33.34 ? 314  GLN A CB  1 
ATOM   928  C CG  . GLN A 1 118 ? -18.831 2.904   -9.084  1.00 36.81 ? 314  GLN A CG  1 
ATOM   929  C CD  . GLN A 1 118 ? -19.877 2.496   -10.092 1.00 39.28 ? 314  GLN A CD  1 
ATOM   930  O OE1 . GLN A 1 118 ? -20.003 3.110   -11.153 1.00 41.99 ? 314  GLN A OE1 1 
ATOM   931  N NE2 . GLN A 1 118 ? -20.634 1.451   -9.773  1.00 41.48 ? 314  GLN A NE2 1 
ATOM   932  N N   . LYS A 1 119 ? -15.756 6.199   -10.046 1.00 27.20 ? 315  LYS A N   1 
ATOM   933  C CA  . LYS A 1 119 ? -15.309 7.577   -10.163 1.00 27.71 ? 315  LYS A CA  1 
ATOM   934  C C   . LYS A 1 119 ? -14.135 7.764   -11.115 1.00 25.47 ? 315  LYS A C   1 
ATOM   935  O O   . LYS A 1 119 ? -13.556 8.842   -11.183 1.00 25.52 ? 315  LYS A O   1 
ATOM   936  C CB  . LYS A 1 119 ? -14.955 8.129   -8.780  1.00 31.37 ? 315  LYS A CB  1 
ATOM   937  C CG  . LYS A 1 119 ? -13.855 7.375   -8.053  1.00 34.83 ? 315  LYS A CG  1 
ATOM   938  C CD  . LYS A 1 119 ? -13.607 7.968   -6.669  1.00 38.95 ? 315  LYS A CD  1 
ATOM   939  C CE  . LYS A 1 119 ? -13.188 9.432   -6.757  1.00 40.93 ? 315  LYS A CE  1 
ATOM   940  N NZ  . LYS A 1 119 ? -12.946 10.034  -5.414  1.00 43.66 ? 315  LYS A NZ  1 
ATOM   941  N N   . TYR A 1 120 ? -13.787 6.712   -11.849 1.00 22.68 ? 316  TYR A N   1 
ATOM   942  C CA  . TYR A 1 120 ? -12.682 6.785   -12.790 1.00 20.84 ? 316  TYR A CA  1 
ATOM   943  C C   . TYR A 1 120 ? -13.119 6.477   -14.211 1.00 21.49 ? 316  TYR A C   1 
ATOM   944  O O   . TYR A 1 120 ? -13.823 5.499   -14.462 1.00 19.26 ? 316  TYR A O   1 
ATOM   945  C CB  . TYR A 1 120 ? -11.568 5.816   -12.405 1.00 21.74 ? 316  TYR A CB  1 
ATOM   946  C CG  . TYR A 1 120 ? -10.614 6.338   -11.357 1.00 19.37 ? 316  TYR A CG  1 
ATOM   947  C CD1 . TYR A 1 120 ? -10.944 6.307   -10.003 1.00 19.79 ? 316  TYR A CD1 1 
ATOM   948  C CD2 . TYR A 1 120 ? -9.364  6.845   -11.723 1.00 19.98 ? 316  TYR A CD2 1 
ATOM   949  C CE1 . TYR A 1 120 ? -10.038 6.764   -9.028  1.00 18.26 ? 316  TYR A CE1 1 
ATOM   950  C CE2 . TYR A 1 120 ? -8.460  7.303   -10.766 1.00 21.04 ? 316  TYR A CE2 1 
ATOM   951  C CZ  . TYR A 1 120 ? -8.799  7.258   -9.423  1.00 19.65 ? 316  TYR A CZ  1 
ATOM   952  O OH  . TYR A 1 120 ? -7.892  7.693   -8.481  1.00 19.25 ? 316  TYR A OH  1 
ATOM   953  N N   . GLN A 1 121 ? -12.692 7.320   -15.140 1.00 19.54 ? 317  GLN A N   1 
ATOM   954  C CA  . GLN A 1 121 ? -13.024 7.116   -16.534 1.00 22.74 ? 317  GLN A CA  1 
ATOM   955  C C   . GLN A 1 121 ? -12.129 6.008   -17.090 1.00 20.96 ? 317  GLN A C   1 
ATOM   956  O O   . GLN A 1 121 ? -12.567 5.212   -17.920 1.00 22.74 ? 317  GLN A O   1 
ATOM   957  C CB  . GLN A 1 121 ? -12.856 8.430   -17.301 1.00 24.32 ? 317  GLN A CB  1 
ATOM   958  C CG  . GLN A 1 121 ? -13.715 9.543   -16.702 1.00 28.22 ? 317  GLN A CG  1 
ATOM   959  C CD  . GLN A 1 121 ? -13.661 10.852  -17.465 1.00 30.32 ? 317  GLN A CD  1 
ATOM   960  O OE1 . GLN A 1 121 ? -12.590 11.337  -17.827 1.00 32.99 ? 317  GLN A OE1 1 
ATOM   961  N NE2 . GLN A 1 121 ? -14.831 11.441  -17.699 1.00 31.82 ? 317  GLN A NE2 1 
ATOM   962  N N   . LEU A 1 122 ? -10.886 5.942   -16.617 1.00 18.30 ? 318  LEU A N   1 
ATOM   963  C CA  . LEU A 1 122 ? -9.959  4.906   -17.074 1.00 20.69 ? 318  LEU A CA  1 
ATOM   964  C C   . LEU A 1 122 ? -10.103 3.658   -16.204 1.00 20.01 ? 318  LEU A C   1 
ATOM   965  O O   . LEU A 1 122 ? -10.513 3.744   -15.044 1.00 17.18 ? 318  LEU A O   1 
ATOM   966  C CB  . LEU A 1 122 ? -8.512  5.405   -17.018 1.00 23.75 ? 318  LEU A CB  1 
ATOM   967  C CG  . LEU A 1 122 ? -8.136  6.531   -17.986 1.00 27.87 ? 318  LEU A CG  1 
ATOM   968  C CD1 . LEU A 1 122 ? -6.690  6.946   -17.756 1.00 30.17 ? 318  LEU A CD1 1 
ATOM   969  C CD2 . LEU A 1 122 ? -8.330  6.059   -19.424 1.00 29.97 ? 318  LEU A CD2 1 
ATOM   970  N N   . PRO A 1 123 ? -9.777  2.480   -16.759 1.00 21.13 ? 319  PRO A N   1 
ATOM   971  C CA  . PRO A 1 123 ? -9.881  1.226   -16.004 1.00 21.44 ? 319  PRO A CA  1 
ATOM   972  C C   . PRO A 1 123 ? -8.887  1.214   -14.846 1.00 20.85 ? 319  PRO A C   1 
ATOM   973  O O   . PRO A 1 123 ? -7.766  1.702   -14.982 1.00 19.62 ? 319  PRO A O   1 
ATOM   974  C CB  . PRO A 1 123 ? -9.536  0.160   -17.047 1.00 22.52 ? 319  PRO A CB  1 
ATOM   975  C CG  . PRO A 1 123 ? -9.854  0.820   -18.357 1.00 24.80 ? 319  PRO A CG  1 
ATOM   976  C CD  . PRO A 1 123 ? -9.348  2.220   -18.143 1.00 21.82 ? 319  PRO A CD  1 
ATOM   977  N N   . LEU A 1 124 ? -9.296  0.667   -13.707 1.00 20.24 ? 320  LEU A N   1 
ATOM   978  C CA  . LEU A 1 124 ? -8.402  0.586   -12.556 1.00 20.22 ? 320  LEU A CA  1 
ATOM   979  C C   . LEU A 1 124 ? -7.498  -0.631  -12.750 1.00 20.95 ? 320  LEU A C   1 
ATOM   980  O O   . LEU A 1 124 ? -7.933  -1.642  -13.296 1.00 21.91 ? 320  LEU A O   1 
ATOM   981  C CB  . LEU A 1 124 ? -9.208  0.444   -11.257 1.00 20.43 ? 320  LEU A CB  1 
ATOM   982  C CG  . LEU A 1 124 ? -10.125 1.618   -10.896 1.00 20.67 ? 320  LEU A CG  1 
ATOM   983  C CD1 . LEU A 1 124 ? -10.605 1.475   -9.451  1.00 20.27 ? 320  LEU A CD1 1 
ATOM   984  C CD2 . LEU A 1 124 ? -9.364  2.919   -11.063 1.00 18.73 ? 320  LEU A CD2 1 
ATOM   985  N N   . VAL A 1 125 ? -6.243  -0.539  -12.318 1.00 19.48 ? 321  VAL A N   1 
ATOM   986  C CA  . VAL A 1 125 ? -5.314  -1.659  -12.476 1.00 21.54 ? 321  VAL A CA  1 
ATOM   987  C C   . VAL A 1 125 ? -4.758  -2.154  -11.145 1.00 20.22 ? 321  VAL A C   1 
ATOM   988  O O   . VAL A 1 125 ? -3.738  -2.840  -11.103 1.00 21.22 ? 321  VAL A O   1 
ATOM   989  C CB  . VAL A 1 125 ? -4.133  -1.277  -13.408 1.00 22.06 ? 321  VAL A CB  1 
ATOM   990  C CG1 . VAL A 1 125 ? -4.665  -0.880  -14.780 1.00 22.65 ? 321  VAL A CG1 1 
ATOM   991  C CG2 . VAL A 1 125 ? -3.318  -0.135  -12.795 1.00 23.58 ? 321  VAL A CG2 1 
ATOM   992  N N   . VAL A 1 126 ? -5.444  -1.811  -10.062 1.00 19.02 ? 322  VAL A N   1 
ATOM   993  C CA  . VAL A 1 126 ? -5.036  -2.203  -8.717  1.00 18.37 ? 322  VAL A CA  1 
ATOM   994  C C   . VAL A 1 126 ? -5.186  -3.708  -8.517  1.00 18.78 ? 322  VAL A C   1 
ATOM   995  O O   . VAL A 1 126 ? -6.242  -4.270  -8.806  1.00 20.33 ? 322  VAL A O   1 
ATOM   996  C CB  . VAL A 1 126 ? -5.906  -1.482  -7.667  1.00 19.36 ? 322  VAL A CB  1 
ATOM   997  C CG1 . VAL A 1 126 ? -5.444  -1.832  -6.263  1.00 19.76 ? 322  VAL A CG1 1 
ATOM   998  C CG2 . VAL A 1 126 ? -5.851  0.013   -7.898  1.00 18.10 ? 322  VAL A CG2 1 
ATOM   999  N N   . GLU A 1 127 ? -4.137  -4.361  -8.025  1.00 17.58 ? 323  GLU A N   1 
ATOM   1000 C CA  . GLU A 1 127 ? -4.197  -5.804  -7.784  1.00 18.27 ? 323  GLU A CA  1 
ATOM   1001 C C   . GLU A 1 127 ? -4.943  -6.099  -6.486  1.00 16.53 ? 323  GLU A C   1 
ATOM   1002 O O   . GLU A 1 127 ? -4.850  -5.347  -5.516  1.00 17.65 ? 323  GLU A O   1 
ATOM   1003 C CB  . GLU A 1 127 ? -2.794  -6.410  -7.665  1.00 18.15 ? 323  GLU A CB  1 
ATOM   1004 C CG  . GLU A 1 127 ? -1.806  -5.979  -8.721  1.00 20.81 ? 323  GLU A CG  1 
ATOM   1005 C CD  . GLU A 1 127 ? -0.475  -6.699  -8.599  1.00 19.15 ? 323  GLU A CD  1 
ATOM   1006 O OE1 . GLU A 1 127 ? 0.113   -6.727  -7.494  1.00 16.82 ? 323  GLU A OE1 1 
ATOM   1007 O OE2 . GLU A 1 127 ? -0.008  -7.234  -9.625  1.00 24.17 ? 323  GLU A OE2 1 
ATOM   1008 N N   . ASN A 1 128 ? -5.702  -7.187  -6.488  1.00 16.63 ? 324  ASN A N   1 
ATOM   1009 C CA  . ASN A 1 128 ? -6.431  -7.639  -5.312  1.00 17.25 ? 324  ASN A CA  1 
ATOM   1010 C C   . ASN A 1 128 ? -5.975  -9.090  -5.226  1.00 17.16 ? 324  ASN A C   1 
ATOM   1011 O O   . ASN A 1 128 ? -6.564  -9.975  -5.843  1.00 16.06 ? 324  ASN A O   1 
ATOM   1012 C CB  . ASN A 1 128 ? -7.949  -7.544  -5.533  1.00 16.71 ? 324  ASN A CB  1 
ATOM   1013 C CG  . ASN A 1 128 ? -8.749  -8.121  -4.367  1.00 18.19 ? 324  ASN A CG  1 
ATOM   1014 O OD1 . ASN A 1 128 ? -8.211  -8.350  -3.286  1.00 16.23 ? 324  ASN A OD1 1 
ATOM   1015 N ND2 . ASN A 1 128 ? -10.042 -8.347  -4.586  1.00 16.41 ? 324  ASN A ND2 1 
ATOM   1016 N N   . GLU A 1 129 ? -4.897  -9.316  -4.481  1.00 16.43 ? 325  GLU A N   1 
ATOM   1017 C CA  . GLU A 1 129 ? -4.317  -10.649 -4.363  1.00 17.02 ? 325  GLU A CA  1 
ATOM   1018 C C   . GLU A 1 129 ? -3.977  -11.020 -2.931  1.00 16.22 ? 325  GLU A C   1 
ATOM   1019 O O   . GLU A 1 129 ? -3.864  -10.160 -2.060  1.00 15.21 ? 325  GLU A O   1 
ATOM   1020 C CB  . GLU A 1 129 ? -3.013  -10.727 -5.165  1.00 18.01 ? 325  GLU A CB  1 
ATOM   1021 C CG  . GLU A 1 129 ? -3.090  -10.240 -6.595  1.00 26.59 ? 325  GLU A CG  1 
ATOM   1022 C CD  . GLU A 1 129 ? -1.722  -10.189 -7.253  1.00 29.16 ? 325  GLU A CD  1 
ATOM   1023 O OE1 . GLU A 1 129 ? -1.645  -9.840  -8.450  1.00 31.97 ? 325  GLU A OE1 1 
ATOM   1024 O OE2 . GLU A 1 129 ? -0.718  -10.494 -6.570  1.00 32.75 ? 325  GLU A OE2 1 
ATOM   1025 N N   . PRO A 1 130 ? -3.810  -12.321 -2.669  1.00 14.30 ? 326  PRO A N   1 
ATOM   1026 C CA  . PRO A 1 130 ? -3.464  -12.680 -1.297  1.00 15.11 ? 326  PRO A CA  1 
ATOM   1027 C C   . PRO A 1 130 ? -2.031  -12.207 -1.068  1.00 14.31 ? 326  PRO A C   1 
ATOM   1028 O O   . PRO A 1 130 ? -1.287  -11.972 -2.028  1.00 13.79 ? 326  PRO A O   1 
ATOM   1029 C CB  . PRO A 1 130 ? -3.556  -14.205 -1.306  1.00 16.33 ? 326  PRO A CB  1 
ATOM   1030 C CG  . PRO A 1 130 ? -3.111  -14.552 -2.722  1.00 15.28 ? 326  PRO A CG  1 
ATOM   1031 C CD  . PRO A 1 130 ? -3.886  -13.514 -3.535  1.00 16.01 ? 326  PRO A CD  1 
ATOM   1032 N N   . LEU A 1 131 ? -1.653  -12.041 0.192   1.00 12.72 ? 327  LEU A N   1 
ATOM   1033 C CA  . LEU A 1 131 ? -0.290  -11.663 0.516   1.00 14.97 ? 327  LEU A CA  1 
ATOM   1034 C C   . LEU A 1 131 ? 0.520   -12.940 0.310   1.00 15.67 ? 327  LEU A C   1 
ATOM   1035 O O   . LEU A 1 131 ? 0.468   -13.862 1.131   1.00 15.13 ? 327  LEU A O   1 
ATOM   1036 C CB  . LEU A 1 131 ? -0.166  -11.216 1.977   1.00 14.28 ? 327  LEU A CB  1 
ATOM   1037 C CG  . LEU A 1 131 ? 1.281   -10.908 2.389   1.00 16.78 ? 327  LEU A CG  1 
ATOM   1038 C CD1 . LEU A 1 131 ? 1.768   -9.658  1.668   1.00 16.74 ? 327  LEU A CD1 1 
ATOM   1039 C CD2 . LEU A 1 131 ? 1.361   -10.735 3.897   1.00 18.35 ? 327  LEU A CD2 1 
ATOM   1040 N N   . LYS A 1 132 ? 1.254   -13.001 -0.796  1.00 15.81 ? 328  LYS A N   1 
ATOM   1041 C CA  . LYS A 1 132 ? 2.054   -14.175 -1.109  1.00 16.62 ? 328  LYS A CA  1 
ATOM   1042 C C   . LYS A 1 132 ? 3.283   -14.211 -0.207  1.00 17.29 ? 328  LYS A C   1 
ATOM   1043 O O   . LYS A 1 132 ? 3.590   -15.225 0.422   1.00 18.64 ? 328  LYS A O   1 
ATOM   1044 C CB  . LYS A 1 132 ? 2.439   -14.132 -2.589  1.00 16.52 ? 328  LYS A CB  1 
ATOM   1045 C CG  . LYS A 1 132 ? 1.210   -13.990 -3.474  1.00 18.17 ? 328  LYS A CG  1 
ATOM   1046 C CD  . LYS A 1 132 ? 1.528   -13.820 -4.950  1.00 20.85 ? 328  LYS A CD  1 
ATOM   1047 C CE  . LYS A 1 132 ? 0.232   -13.644 -5.727  1.00 24.08 ? 328  LYS A CE  1 
ATOM   1048 N NZ  . LYS A 1 132 ? 0.448   -13.478 -7.187  1.00 24.83 ? 328  LYS A NZ  1 
ATOM   1049 N N   . ASN A 1 133 ? 3.981   -13.091 -0.140  1.00 15.56 ? 329  ASN A N   1 
ATOM   1050 C CA  . ASN A 1 133 ? 5.156   -12.979 0.706   1.00 16.61 ? 329  ASN A CA  1 
ATOM   1051 C C   . ASN A 1 133 ? 5.383   -11.515 1.047   1.00 16.13 ? 329  ASN A C   1 
ATOM   1052 O O   . ASN A 1 133 ? 5.014   -10.626 0.277   1.00 13.60 ? 329  ASN A O   1 
ATOM   1053 C CB  . ASN A 1 133 ? 6.390   -13.569 0.003   1.00 16.63 ? 329  ASN A CB  1 
ATOM   1054 C CG  . ASN A 1 133 ? 6.680   -12.914 -1.341  1.00 18.88 ? 329  ASN A CG  1 
ATOM   1055 O OD1 . ASN A 1 133 ? 7.120   -11.769 -1.407  1.00 20.11 ? 329  ASN A OD1 1 
ATOM   1056 N ND2 . ASN A 1 133 ? 6.434   -13.650 -2.420  1.00 20.42 ? 329  ASN A ND2 1 
ATOM   1057 N N   . PHE A 1 134 ? 5.959   -11.272 2.220   1.00 16.68 ? 330  PHE A N   1 
ATOM   1058 C CA  . PHE A 1 134 ? 6.257   -9.916  2.671   1.00 17.79 ? 330  PHE A CA  1 
ATOM   1059 C C   . PHE A 1 134 ? 7.574   -9.931  3.433   1.00 19.18 ? 330  PHE A C   1 
ATOM   1060 O O   . PHE A 1 134 ? 7.784   -10.766 4.318   1.00 18.85 ? 330  PHE A O   1 
ATOM   1061 C CB  . PHE A 1 134 ? 5.155   -9.377  3.591   1.00 17.76 ? 330  PHE A CB  1 
ATOM   1062 C CG  . PHE A 1 134 ? 5.410   -7.969  4.080   1.00 19.87 ? 330  PHE A CG  1 
ATOM   1063 C CD1 . PHE A 1 134 ? 5.060   -6.867  3.300   1.00 18.10 ? 330  PHE A CD1 1 
ATOM   1064 C CD2 . PHE A 1 134 ? 6.052   -7.746  5.299   1.00 19.85 ? 330  PHE A CD2 1 
ATOM   1065 C CE1 . PHE A 1 134 ? 5.347   -5.569  3.724   1.00 19.27 ? 330  PHE A CE1 1 
ATOM   1066 C CE2 . PHE A 1 134 ? 6.345   -6.450  5.733   1.00 18.96 ? 330  PHE A CE2 1 
ATOM   1067 C CZ  . PHE A 1 134 ? 5.993   -5.360  4.944   1.00 18.12 ? 330  PHE A CZ  1 
ATOM   1068 N N   . TYR A 1 135 ? 8.460   -9.012  3.077   1.00 18.39 ? 331  TYR A N   1 
ATOM   1069 C CA  . TYR A 1 135 ? 9.753   -8.906  3.730   1.00 20.88 ? 331  TYR A CA  1 
ATOM   1070 C C   . TYR A 1 135 ? 9.971   -7.461  4.175   1.00 22.40 ? 331  TYR A C   1 
ATOM   1071 O O   . TYR A 1 135 ? 9.879   -6.534  3.376   1.00 20.64 ? 331  TYR A O   1 
ATOM   1072 C CB  . TYR A 1 135 ? 10.855  -9.342  2.764   1.00 20.88 ? 331  TYR A CB  1 
ATOM   1073 C CG  . TYR A 1 135 ? 10.655  -10.754 2.259   1.00 22.67 ? 331  TYR A CG  1 
ATOM   1074 C CD1 . TYR A 1 135 ? 10.950  -11.849 3.069   1.00 23.24 ? 331  TYR A CD1 1 
ATOM   1075 C CD2 . TYR A 1 135 ? 10.103  -10.995 0.998   1.00 21.84 ? 331  TYR A CD2 1 
ATOM   1076 C CE1 . TYR A 1 135 ? 10.697  -13.153 2.640   1.00 24.57 ? 331  TYR A CE1 1 
ATOM   1077 C CE2 . TYR A 1 135 ? 9.845   -12.298 0.559   1.00 23.00 ? 331  TYR A CE2 1 
ATOM   1078 C CZ  . TYR A 1 135 ? 10.144  -13.368 1.385   1.00 25.27 ? 331  TYR A CZ  1 
ATOM   1079 O OH  . TYR A 1 135 ? 9.896   -14.659 0.961   1.00 26.16 ? 331  TYR A OH  1 
ATOM   1080 N N   . ASP A 1 136 ? 10.245  -7.276  5.461   1.00 23.12 ? 332  ASP A N   1 
ATOM   1081 C CA  . ASP A 1 136 ? 10.492  -5.945  6.006   1.00 22.87 ? 332  ASP A CA  1 
ATOM   1082 C C   . ASP A 1 136 ? 11.638  -5.257  5.266   1.00 21.91 ? 332  ASP A C   1 
ATOM   1083 O O   . ASP A 1 136 ? 12.648  -5.888  4.962   1.00 21.21 ? 332  ASP A O   1 
ATOM   1084 C CB  . ASP A 1 136 ? 10.860  -6.058  7.484   1.00 27.77 ? 332  ASP A CB  1 
ATOM   1085 C CG  . ASP A 1 136 ? 9.668   -6.338  8.361   1.00 28.96 ? 332  ASP A CG  1 
ATOM   1086 O OD1 . ASP A 1 136 ? 8.753   -7.056  7.914   1.00 33.48 ? 332  ASP A OD1 1 
ATOM   1087 O OD2 . ASP A 1 136 ? 9.649   -5.847  9.506   1.00 35.00 ? 332  ASP A OD2 1 
ATOM   1088 N N   . ALA A 1 137 ? 11.485  -3.970  4.976   1.00 20.65 ? 333  ALA A N   1 
ATOM   1089 C CA  . ALA A 1 137 ? 12.548  -3.228  4.307   1.00 19.41 ? 333  ALA A CA  1 
ATOM   1090 C C   . ALA A 1 137 ? 13.639  -3.025  5.360   1.00 20.99 ? 333  ALA A C   1 
ATOM   1091 O O   . ALA A 1 137 ? 13.401  -3.247  6.548   1.00 21.12 ? 333  ALA A O   1 
ATOM   1092 C CB  . ALA A 1 137 ? 12.031  -1.875  3.815   1.00 18.81 ? 333  ALA A CB  1 
ATOM   1093 N N   . GLU A 1 138 ? 14.825  -2.614  4.926   1.00 20.72 ? 334  GLU A N   1 
ATOM   1094 C CA  . GLU A 1 138 ? 15.934  -2.374  5.844   1.00 22.55 ? 334  GLU A CA  1 
ATOM   1095 C C   . GLU A 1 138 ? 15.508  -1.333  6.874   1.00 22.39 ? 334  GLU A C   1 
ATOM   1096 O O   . GLU A 1 138 ? 14.684  -0.468  6.576   1.00 20.23 ? 334  GLU A O   1 
ATOM   1097 C CB  . GLU A 1 138 ? 17.167  -1.878  5.074   1.00 22.87 ? 334  GLU A CB  1 
ATOM   1098 C CG  . GLU A 1 138 ? 17.724  -2.888  4.075   1.00 23.86 ? 334  GLU A CG  1 
ATOM   1099 C CD  . GLU A 1 138 ? 17.059  -2.812  2.710   1.00 28.07 ? 334  GLU A CD  1 
ATOM   1100 O OE1 . GLU A 1 138 ? 15.821  -2.640  2.642   1.00 24.53 ? 334  GLU A OE1 1 
ATOM   1101 O OE2 . GLU A 1 138 ? 17.782  -2.942  1.697   1.00 29.17 ? 334  GLU A OE2 1 
ATOM   1102 N N   . GLU A 1 139 ? 16.063  -1.419  8.083   1.00 23.08 ? 335  GLU A N   1 
ATOM   1103 C CA  . GLU A 1 139 ? 15.719  -0.479  9.149   1.00 23.53 ? 335  GLU A CA  1 
ATOM   1104 C C   . GLU A 1 139 ? 15.890  0.962   8.711   1.00 22.69 ? 335  GLU A C   1 
ATOM   1105 O O   . GLU A 1 139 ? 15.129  1.840   9.116   1.00 20.31 ? 335  GLU A O   1 
ATOM   1106 C CB  . GLU A 1 139 ? 16.574  -0.730  10.391  1.00 26.15 ? 335  GLU A CB  1 
ATOM   1107 C CG  . GLU A 1 139 ? 16.169  -1.956  11.175  1.00 32.25 ? 335  GLU A CG  1 
ATOM   1108 C CD  . GLU A 1 139 ? 14.723  -1.900  11.637  1.00 34.25 ? 335  GLU A CD  1 
ATOM   1109 O OE1 . GLU A 1 139 ? 14.331  -0.907  12.288  1.00 34.89 ? 335  GLU A OE1 1 
ATOM   1110 O OE2 . GLU A 1 139 ? 13.980  -2.856  11.352  1.00 36.27 ? 335  GLU A OE2 1 
ATOM   1111 N N   . TYR A 1 140 ? 16.903  1.203   7.887   1.00 23.17 ? 336  TYR A N   1 
ATOM   1112 C CA  . TYR A 1 140 ? 17.164  2.543   7.388   1.00 25.67 ? 336  TYR A CA  1 
ATOM   1113 C C   . TYR A 1 140 ? 15.937  3.135   6.674   1.00 24.68 ? 336  TYR A C   1 
ATOM   1114 O O   . TYR A 1 140 ? 15.733  4.349   6.680   1.00 22.90 ? 336  TYR A O   1 
ATOM   1115 C CB  . TYR A 1 140 ? 18.399  2.503   6.468   1.00 31.49 ? 336  TYR A CB  1 
ATOM   1116 C CG  . TYR A 1 140 ? 18.322  3.338   5.209   1.00 39.04 ? 336  TYR A CG  1 
ATOM   1117 C CD1 . TYR A 1 140 ? 17.750  2.826   4.046   1.00 41.22 ? 336  TYR A CD1 1 
ATOM   1118 C CD2 . TYR A 1 140 ? 18.842  4.632   5.173   1.00 42.38 ? 336  TYR A CD2 1 
ATOM   1119 C CE1 . TYR A 1 140 ? 17.700  3.578   2.876   1.00 44.35 ? 336  TYR A CE1 1 
ATOM   1120 C CE2 . TYR A 1 140 ? 18.794  5.398   4.005   1.00 44.34 ? 336  TYR A CE2 1 
ATOM   1121 C CZ  . TYR A 1 140 ? 18.223  4.862   2.859   1.00 46.10 ? 336  TYR A CZ  1 
ATOM   1122 O OH  . TYR A 1 140 ? 18.183  5.602   1.696   1.00 48.37 ? 336  TYR A OH  1 
ATOM   1123 N N   . HIS A 1 141 ? 15.112  2.277   6.084   1.00 22.52 ? 337  HIS A N   1 
ATOM   1124 C CA  . HIS A 1 141 ? 13.915  2.724   5.365   1.00 22.96 ? 337  HIS A CA  1 
ATOM   1125 C C   . HIS A 1 141 ? 12.687  3.013   6.244   1.00 22.18 ? 337  HIS A C   1 
ATOM   1126 O O   . HIS A 1 141 ? 11.795  3.766   5.842   1.00 21.69 ? 337  HIS A O   1 
ATOM   1127 C CB  . HIS A 1 141 ? 13.527  1.690   4.305   1.00 23.22 ? 337  HIS A CB  1 
ATOM   1128 C CG  . HIS A 1 141 ? 14.381  1.724   3.075   1.00 25.79 ? 337  HIS A CG  1 
ATOM   1129 N ND1 . HIS A 1 141 ? 14.394  2.796   2.208   1.00 26.87 ? 337  HIS A ND1 1 
ATOM   1130 C CD2 . HIS A 1 141 ? 15.225  0.804   2.547   1.00 25.24 ? 337  HIS A CD2 1 
ATOM   1131 C CE1 . HIS A 1 141 ? 15.206  2.533   1.198   1.00 27.88 ? 337  HIS A CE1 1 
ATOM   1132 N NE2 . HIS A 1 141 ? 15.723  1.330   1.381   1.00 25.25 ? 337  HIS A NE2 1 
ATOM   1133 N N   . GLN A 1 142 ? 12.634  2.412   7.429   1.00 19.56 ? 338  GLN A N   1 
ATOM   1134 C CA  . GLN A 1 142 ? 11.497  2.617   8.321   1.00 20.10 ? 338  GLN A CA  1 
ATOM   1135 C C   . GLN A 1 142 ? 11.478  4.057   8.835   1.00 21.15 ? 338  GLN A C   1 
ATOM   1136 O O   . GLN A 1 142 ? 12.520  4.607   9.194   1.00 22.03 ? 338  GLN A O   1 
ATOM   1137 C CB  . GLN A 1 142 ? 11.562  1.640   9.501   1.00 19.20 ? 338  GLN A CB  1 
ATOM   1138 C CG  . GLN A 1 142 ? 11.724  0.157   9.118   1.00 18.89 ? 338  GLN A CG  1 
ATOM   1139 C CD  . GLN A 1 142 ? 10.610  -0.356  8.210   1.00 19.54 ? 338  GLN A CD  1 
ATOM   1140 O OE1 . GLN A 1 142 ? 9.475   0.099   8.289   1.00 16.93 ? 338  GLN A OE1 1 
ATOM   1141 N NE2 . GLN A 1 142 ? 10.934  -1.325  7.355   1.00 18.11 ? 338  GLN A NE2 1 
ATOM   1142 N N   . ASP A 1 143 ? 10.292  4.660   8.872   1.00 21.31 ? 339  ASP A N   1 
ATOM   1143 C CA  . ASP A 1 143 ? 10.133  6.042   9.334   1.00 23.96 ? 339  ASP A CA  1 
ATOM   1144 C C   . ASP A 1 143 ? 11.075  6.986   8.595   1.00 25.96 ? 339  ASP A C   1 
ATOM   1145 O O   . ASP A 1 143 ? 11.569  7.963   9.162   1.00 25.63 ? 339  ASP A O   1 
ATOM   1146 C CB  . ASP A 1 143 ? 10.401  6.142   10.834  1.00 24.87 ? 339  ASP A CB  1 
ATOM   1147 C CG  . ASP A 1 143 ? 9.385   5.386   11.657  1.00 27.21 ? 339  ASP A CG  1 
ATOM   1148 O OD1 . ASP A 1 143 ? 8.183   5.468   11.335  1.00 28.13 ? 339  ASP A OD1 1 
ATOM   1149 O OD2 . ASP A 1 143 ? 9.781   4.719   12.633  1.00 28.19 ? 339  ASP A OD2 1 
ATOM   1150 N N   . TYR A 1 144 ? 11.302  6.698   7.319   1.00 27.29 ? 340  TYR A N   1 
ATOM   1151 C CA  . TYR A 1 144 ? 12.212  7.497   6.508   1.00 29.69 ? 340  TYR A CA  1 
ATOM   1152 C C   . TYR A 1 144 ? 11.944  8.997   6.523   1.00 30.60 ? 340  TYR A C   1 
ATOM   1153 O O   . TYR A 1 144 ? 12.855  9.784   6.761   1.00 30.74 ? 340  TYR A O   1 
ATOM   1154 C CB  . TYR A 1 144 ? 12.204  7.008   5.062   1.00 30.57 ? 340  TYR A CB  1 
ATOM   1155 C CG  . TYR A 1 144 ? 13.334  7.585   4.254   1.00 32.73 ? 340  TYR A CG  1 
ATOM   1156 C CD1 . TYR A 1 144 ? 14.624  7.072   4.367   1.00 34.36 ? 340  TYR A CD1 1 
ATOM   1157 C CD2 . TYR A 1 144 ? 13.126  8.668   3.399   1.00 34.07 ? 340  TYR A CD2 1 
ATOM   1158 C CE1 . TYR A 1 144 ? 15.682  7.622   3.647   1.00 36.82 ? 340  TYR A CE1 1 
ATOM   1159 C CE2 . TYR A 1 144 ? 14.175  9.227   2.676   1.00 35.65 ? 340  TYR A CE2 1 
ATOM   1160 C CZ  . TYR A 1 144 ? 15.449  8.698   2.805   1.00 36.82 ? 340  TYR A CZ  1 
ATOM   1161 O OH  . TYR A 1 144 ? 16.493  9.242   2.096   1.00 40.73 ? 340  TYR A OH  1 
ATOM   1162 N N   . LEU A 1 145 ? 10.701  9.398   6.273   1.00 30.83 ? 341  LEU A N   1 
ATOM   1163 C CA  . LEU A 1 145 ? 10.370  10.815  6.249   1.00 33.50 ? 341  LEU A CA  1 
ATOM   1164 C C   . LEU A 1 145 ? 10.429  11.497  7.614   1.00 36.05 ? 341  LEU A C   1 
ATOM   1165 O O   . LEU A 1 145 ? 10.563  12.719  7.692   1.00 37.60 ? 341  LEU A O   1 
ATOM   1166 C CB  . LEU A 1 145 ? 8.999   11.029  5.595   1.00 32.38 ? 341  LEU A CB  1 
ATOM   1167 C CG  . LEU A 1 145 ? 8.962   10.639  4.111   1.00 32.32 ? 341  LEU A CG  1 
ATOM   1168 C CD1 . LEU A 1 145 ? 7.621   11.035  3.497   1.00 31.23 ? 341  LEU A CD1 1 
ATOM   1169 C CD2 . LEU A 1 145 ? 10.106  11.331  3.372   1.00 31.93 ? 341  LEU A CD2 1 
ATOM   1170 N N   . ILE A 1 146 ? 10.331  10.716  8.687   1.00 37.30 ? 342  ILE A N   1 
ATOM   1171 C CA  . ILE A 1 146 ? 10.413  11.273  10.037  1.00 39.48 ? 342  ILE A CA  1 
ATOM   1172 C C   . ILE A 1 146 ? 11.881  11.568  10.359  1.00 40.96 ? 342  ILE A C   1 
ATOM   1173 O O   . ILE A 1 146 ? 12.192  12.400  11.216  1.00 41.20 ? 342  ILE A O   1 
ATOM   1174 C CB  . ILE A 1 146 ? 9.867   10.292  11.097  1.00 39.34 ? 342  ILE A CB  1 
ATOM   1175 C CG1 . ILE A 1 146 ? 8.359   10.113  10.925  1.00 39.76 ? 342  ILE A CG1 1 
ATOM   1176 C CG2 . ILE A 1 146 ? 10.175  10.808  12.494  1.00 40.88 ? 342  ILE A CG2 1 
ATOM   1177 C CD1 . ILE A 1 146 ? 7.747   9.127   11.904  1.00 40.19 ? 342  ILE A CD1 1 
ATOM   1178 N N   . LYS A 1 147 ? 12.779  10.879  9.662   1.00 41.58 ? 343  LYS A N   1 
ATOM   1179 C CA  . LYS A 1 147 ? 14.215  11.050  9.854   1.00 42.79 ? 343  LYS A CA  1 
ATOM   1180 C C   . LYS A 1 147 ? 14.804  11.955  8.780   1.00 44.97 ? 343  LYS A C   1 
ATOM   1181 O O   . LYS A 1 147 ? 15.793  12.647  9.017   1.00 45.30 ? 343  LYS A O   1 
ATOM   1182 C CB  . LYS A 1 147 ? 14.916  9.689   9.806   1.00 40.58 ? 343  LYS A CB  1 
ATOM   1183 C CG  . LYS A 1 147 ? 14.557  8.770   10.955  1.00 38.79 ? 343  LYS A CG  1 
ATOM   1184 C CD  . LYS A 1 147 ? 15.217  7.410   10.807  1.00 34.96 ? 343  LYS A CD  1 
ATOM   1185 C CE  . LYS A 1 147 ? 14.680  6.658   9.605   1.00 30.74 ? 343  LYS A CE  1 
ATOM   1186 N NZ  . LYS A 1 147 ? 15.225  5.282   9.526   1.00 26.59 ? 343  LYS A NZ  1 
ATOM   1187 N N   . ASN A 1 148 ? 14.194  11.938  7.600   1.00 47.55 ? 344  ASN A N   1 
ATOM   1188 C CA  . ASN A 1 148 ? 14.651  12.749  6.480   1.00 50.91 ? 344  ASN A CA  1 
ATOM   1189 C C   . ASN A 1 148 ? 13.445  13.429  5.837   1.00 53.23 ? 344  ASN A C   1 
ATOM   1190 O O   . ASN A 1 148 ? 12.929  12.971  4.815   1.00 53.29 ? 344  ASN A O   1 
ATOM   1191 C CB  . ASN A 1 148 ? 15.365  11.874  5.454   1.00 52.02 ? 344  ASN A CB  1 
ATOM   1192 C CG  . ASN A 1 148 ? 16.257  10.830  6.102   1.00 53.41 ? 344  ASN A CG  1 
ATOM   1193 O OD1 . ASN A 1 148 ? 15.844  9.686   6.311   1.00 53.27 ? 344  ASN A OD1 1 
ATOM   1194 N ND2 . ASN A 1 148 ? 17.479  11.223  6.441   1.00 54.39 ? 344  ASN A ND2 1 
ATOM   1195 N N   . PRO A 1 149 ? 12.986  14.543  6.436   1.00 55.40 ? 345  PRO A N   1 
ATOM   1196 C CA  . PRO A 1 149 ? 11.846  15.369  6.017   1.00 57.23 ? 345  PRO A CA  1 
ATOM   1197 C C   . PRO A 1 149 ? 11.781  15.796  4.548   1.00 59.20 ? 345  PRO A C   1 
ATOM   1198 O O   . PRO A 1 149 ? 10.696  16.054  4.025   1.00 59.53 ? 345  PRO A O   1 
ATOM   1199 C CB  . PRO A 1 149 ? 11.941  16.574  6.947   1.00 57.09 ? 345  PRO A CB  1 
ATOM   1200 C CG  . PRO A 1 149 ? 12.482  15.969  8.199   1.00 56.26 ? 345  PRO A CG  1 
ATOM   1201 C CD  . PRO A 1 149 ? 13.590  15.105  7.659   1.00 55.58 ? 345  PRO A CD  1 
ATOM   1202 N N   . ASN A 1 150 ? 12.928  15.866  3.881   1.00 61.24 ? 346  ASN A N   1 
ATOM   1203 C CA  . ASN A 1 150 ? 12.962  16.283  2.484   1.00 62.86 ? 346  ASN A CA  1 
ATOM   1204 C C   . ASN A 1 150 ? 13.183  15.155  1.479   1.00 64.00 ? 346  ASN A C   1 
ATOM   1205 O O   . ASN A 1 150 ? 13.613  15.398  0.348   1.00 63.86 ? 346  ASN A O   1 
ATOM   1206 C CB  . ASN A 1 150 ? 14.032  17.364  2.289   1.00 63.80 ? 346  ASN A CB  1 
ATOM   1207 C CG  . ASN A 1 150 ? 15.399  16.933  2.789   1.00 64.68 ? 346  ASN A CG  1 
ATOM   1208 O OD1 . ASN A 1 150 ? 16.372  17.677  2.674   1.00 65.53 ? 346  ASN A OD1 1 
ATOM   1209 N ND2 . ASN A 1 150 ? 15.479  15.729  3.346   1.00 65.25 ? 346  ASN A ND2 1 
ATOM   1210 N N   . GLY A 1 151 ? 12.885  13.925  1.884   1.00 64.43 ? 347  GLY A N   1 
ATOM   1211 C CA  . GLY A 1 151 ? 13.056  12.795  0.986   1.00 65.36 ? 347  GLY A CA  1 
ATOM   1212 C C   . GLY A 1 151 ? 12.148  12.922  -0.222  1.00 65.92 ? 347  GLY A C   1 
ATOM   1213 O O   . GLY A 1 151 ? 11.042  13.453  -0.116  1.00 66.03 ? 347  GLY A O   1 
ATOM   1214 N N   . TYR A 1 152 ? 12.609  12.441  -1.374  1.00 66.39 ? 348  TYR A N   1 
ATOM   1215 C CA  . TYR A 1 152 ? 11.817  12.513  -2.598  1.00 67.08 ? 348  TYR A CA  1 
ATOM   1216 C C   . TYR A 1 152 ? 10.529  11.714  -2.450  1.00 65.94 ? 348  TYR A C   1 
ATOM   1217 O O   . TYR A 1 152 ? 10.451  10.798  -1.633  1.00 66.30 ? 348  TYR A O   1 
ATOM   1218 C CB  . TYR A 1 152 ? 12.634  11.989  -3.788  1.00 69.23 ? 348  TYR A CB  1 
ATOM   1219 C CG  . TYR A 1 152 ? 11.880  11.936  -5.105  1.00 71.32 ? 348  TYR A CG  1 
ATOM   1220 C CD1 . TYR A 1 152 ? 11.061  10.850  -5.423  1.00 72.34 ? 348  TYR A CD1 1 
ATOM   1221 C CD2 . TYR A 1 152 ? 11.979  12.977  -6.032  1.00 72.36 ? 348  TYR A CD2 1 
ATOM   1222 C CE1 . TYR A 1 152 ? 10.359  10.800  -6.632  1.00 73.09 ? 348  TYR A CE1 1 
ATOM   1223 C CE2 . TYR A 1 152 ? 11.282  12.938  -7.243  1.00 73.29 ? 348  TYR A CE2 1 
ATOM   1224 C CZ  . TYR A 1 152 ? 10.475  11.847  -7.536  1.00 73.53 ? 348  TYR A CZ  1 
ATOM   1225 O OH  . TYR A 1 152 ? 9.788   11.803  -8.731  1.00 73.82 ? 348  TYR A OH  1 
ATOM   1226 N N   . CYS A 1 153 ? 9.520   12.085  -3.235  1.00 64.63 ? 349  CYS A N   1 
ATOM   1227 C CA  . CYS A 1 153 ? 8.218   11.419  -3.227  1.00 62.99 ? 349  CYS A CA  1 
ATOM   1228 C C   . CYS A 1 153 ? 7.468   11.640  -1.913  1.00 63.28 ? 349  CYS A C   1 
ATOM   1229 O O   . CYS A 1 153 ? 8.012   12.189  -0.954  1.00 64.01 ? 349  CYS A O   1 
ATOM   1230 C CB  . CYS A 1 153 ? 8.397   9.916   -3.474  1.00 59.78 ? 349  CYS A CB  1 
ATOM   1231 S SG  . CYS A 1 153 ? 8.533   8.920   -1.954  1.00 55.20 ? 349  CYS A SG  1 
ATOM   1232 N N   . ILE A 1 157 ? -1.134  13.836  1.632   1.00 67.84 ? 353  ILE A N   1 
ATOM   1233 C CA  . ILE A 1 157 ? -0.375  14.205  2.818   1.00 68.26 ? 353  ILE A CA  1 
ATOM   1234 C C   . ILE A 1 157 ? -1.350  14.711  3.876   1.00 67.86 ? 353  ILE A C   1 
ATOM   1235 O O   . ILE A 1 157 ? -1.366  14.221  5.010   1.00 67.91 ? 353  ILE A O   1 
ATOM   1236 C CB  . ILE A 1 157 ? 0.649   15.326  2.512   1.00 69.29 ? 353  ILE A CB  1 
ATOM   1237 C CG1 . ILE A 1 157 ? 1.221   15.160  1.103   1.00 70.19 ? 353  ILE A CG1 1 
ATOM   1238 C CG2 . ILE A 1 157 ? 1.784   15.282  3.523   1.00 69.28 ? 353  ILE A CG2 1 
ATOM   1239 C CD1 . ILE A 1 157 ? 0.282   15.614  -0.011  1.00 70.58 ? 353  ILE A CD1 1 
ATOM   1240 N N   . ARG A 1 158 ? -2.160  15.694  3.496   1.00 67.51 ? 354  ARG A N   1 
ATOM   1241 C CA  . ARG A 1 158 ? -3.148  16.272  4.397   1.00 66.60 ? 354  ARG A CA  1 
ATOM   1242 C C   . ARG A 1 158 ? -4.481  15.583  4.148   1.00 65.76 ? 354  ARG A C   1 
ATOM   1243 O O   . ARG A 1 158 ? -5.477  15.869  4.814   1.00 65.16 ? 354  ARG A O   1 
ATOM   1244 C CB  . ARG A 1 158 ? -3.302  17.775  4.146   1.00 67.43 ? 354  ARG A CB  1 
ATOM   1245 C CG  . ARG A 1 158 ? -2.324  18.388  3.144   1.00 68.45 ? 354  ARG A CG  1 
ATOM   1246 C CD  . ARG A 1 158 ? -0.877  18.298  3.618   1.00 69.84 ? 354  ARG A CD  1 
ATOM   1247 N NE  . ARG A 1 158 ? 0.004   19.202  2.879   1.00 70.57 ? 354  ARG A NE  1 
ATOM   1248 C CZ  . ARG A 1 158 ? 1.318   19.285  3.064   1.00 71.45 ? 354  ARG A CZ  1 
ATOM   1249 N NH1 . ARG A 1 158 ? 1.912   18.516  3.963   1.00 71.78 ? 354  ARG A NH1 1 
ATOM   1250 N NH2 . ARG A 1 158 ? 2.038   20.144  2.357   1.00 72.06 ? 354  ARG A NH2 1 
ATOM   1251 N N   . LYS A 1 159 ? -4.491  14.682  3.171   1.00 64.64 ? 355  LYS A N   1 
ATOM   1252 C CA  . LYS A 1 159 ? -5.695  13.940  2.823   1.00 63.88 ? 355  LYS A CA  1 
ATOM   1253 C C   . LYS A 1 159 ? -6.077  13.051  3.994   1.00 63.22 ? 355  LYS A C   1 
ATOM   1254 O O   . LYS A 1 159 ? -7.211  12.585  4.097   1.00 62.12 ? 355  LYS A O   1 
ATOM   1255 C CB  . LYS A 1 159 ? -5.445  13.068  1.590   1.00 63.79 ? 355  LYS A CB  1 
ATOM   1256 C CG  . LYS A 1 159 ? -4.986  13.821  0.351   1.00 64.58 ? 355  LYS A CG  1 
ATOM   1257 C CD  . LYS A 1 159 ? -6.007  14.858  -0.080  1.00 65.54 ? 355  LYS A CD  1 
ATOM   1258 C CE  . LYS A 1 159 ? -6.215  14.838  -1.585  1.00 66.13 ? 355  LYS A CE  1 
ATOM   1259 N NZ  . LYS A 1 159 ? -7.600  14.400  -1.929  1.00 66.50 ? 355  LYS A NZ  1 
ATOM   1260 N N   . ALA A 1 160 ? -5.109  12.823  4.875   1.00 63.01 ? 356  ALA A N   1 
ATOM   1261 C CA  . ALA A 1 160 ? -5.310  11.984  6.046   1.00 62.83 ? 356  ALA A CA  1 
ATOM   1262 C C   . ALA A 1 160 ? -6.123  12.696  7.124   1.00 62.79 ? 356  ALA A C   1 
ATOM   1263 O O   . ALA A 1 160 ? -6.653  12.055  8.031   1.00 63.10 ? 356  ALA A O   1 
ATOM   1264 C CB  . ALA A 1 160 ? -3.964  11.554  6.604   1.00 62.33 ? 356  ALA A CB  1 
ATOM   1265 N N   . ASP A 1 161 ? -6.224  14.019  7.023   1.00 62.83 ? 357  ASP A N   1 
ATOM   1266 C CA  . ASP A 1 161 ? -6.972  14.805  8.000   1.00 62.48 ? 357  ASP A CA  1 
ATOM   1267 C C   . ASP A 1 161 ? -8.470  14.811  7.700   1.00 61.93 ? 357  ASP A C   1 
ATOM   1268 O O   . ASP A 1 161 ? -9.295  14.878  8.613   1.00 61.59 ? 357  ASP A O   1 
ATOM   1269 C CB  . ASP A 1 161 ? -6.444  16.243  8.034   1.00 63.16 ? 357  ASP A CB  1 
ATOM   1270 C CG  . ASP A 1 161 ? -4.961  16.313  8.353   1.00 64.11 ? 357  ASP A CG  1 
ATOM   1271 O OD1 . ASP A 1 161 ? -4.540  15.725  9.373   1.00 64.94 ? 357  ASP A OD1 1 
ATOM   1272 O OD2 . ASP A 1 161 ? -4.217  16.962  7.588   1.00 64.33 ? 357  ASP A OD2 1 
ATOM   1273 N N   . GLU A 1 162 ? -8.813  14.744  6.417   1.00 61.42 ? 358  GLU A N   1 
ATOM   1274 C CA  . GLU A 1 162 ? -10.204 14.734  5.974   1.00 60.62 ? 358  GLU A CA  1 
ATOM   1275 C C   . GLU A 1 162 ? -10.975 13.550  6.555   1.00 60.03 ? 358  GLU A C   1 
ATOM   1276 O O   . GLU A 1 162 ? -10.543 12.403  6.447   1.00 59.22 ? 358  GLU A O   1 
ATOM   1277 C CB  . GLU A 1 162 ? -10.255 14.686  4.441   1.00 60.83 ? 358  GLU A CB  1 
ATOM   1278 C CG  . GLU A 1 162 ? -11.591 14.230  3.862   1.00 61.47 ? 358  GLU A CG  1 
ATOM   1279 C CD  . GLU A 1 162 ? -12.600 15.352  3.699   1.00 62.08 ? 358  GLU A CD  1 
ATOM   1280 O OE1 . GLU A 1 162 ? -12.424 16.429  4.311   1.00 61.61 ? 358  GLU A OE1 1 
ATOM   1281 O OE2 . GLU A 1 162 ? -13.583 15.145  2.956   1.00 62.53 ? 358  GLU A OE2 1 
ATOM   1282 N N   . PRO A 1 163 ? -12.132 13.817  7.184   1.00 59.99 ? 359  PRO A N   1 
ATOM   1283 C CA  . PRO A 1 163 ? -12.947 12.751  7.772   1.00 59.46 ? 359  PRO A CA  1 
ATOM   1284 C C   . PRO A 1 163 ? -13.577 11.857  6.698   1.00 58.82 ? 359  PRO A C   1 
ATOM   1285 O O   . PRO A 1 163 ? -13.726 12.264  5.545   1.00 57.57 ? 359  PRO A O   1 
ATOM   1286 C CB  . PRO A 1 163 ? -13.979 13.527  8.588   1.00 59.84 ? 359  PRO A CB  1 
ATOM   1287 C CG  . PRO A 1 163 ? -14.173 14.766  7.764   1.00 59.96 ? 359  PRO A CG  1 
ATOM   1288 C CD  . PRO A 1 163 ? -12.744 15.136  7.430   1.00 59.99 ? 359  PRO A CD  1 
ATOM   1289 N N   . LEU A 1 164 ? -13.936 10.636  7.081   1.00 59.27 ? 360  LEU A N   1 
ATOM   1290 C CA  . LEU A 1 164 ? -14.532 9.682   6.152   1.00 59.44 ? 360  LEU A CA  1 
ATOM   1291 C C   . LEU A 1 164 ? -16.047 9.801   6.117   1.00 59.68 ? 360  LEU A C   1 
ATOM   1292 O O   . LEU A 1 164 ? -16.656 10.338  7.040   1.00 59.25 ? 360  LEU A O   1 
ATOM   1293 C CB  . LEU A 1 164 ? -14.137 8.255   6.545   1.00 58.94 ? 360  LEU A CB  1 
ATOM   1294 C CG  . LEU A 1 164 ? -12.640 7.933   6.533   1.00 58.59 ? 360  LEU A CG  1 
ATOM   1295 C CD1 . LEU A 1 164 ? -12.409 6.617   7.249   1.00 58.05 ? 360  LEU A CD1 1 
ATOM   1296 C CD2 . LEU A 1 164 ? -12.125 7.878   5.102   1.00 57.10 ? 360  LEU A CD2 1 
ATOM   1297 N N   . PRO A 1 165 ? -16.674 9.300   5.039   1.00 60.54 ? 361  PRO A N   1 
ATOM   1298 C CA  . PRO A 1 165 ? -18.129 9.334   4.858   1.00 60.78 ? 361  PRO A CA  1 
ATOM   1299 C C   . PRO A 1 165 ? -18.875 8.746   6.054   1.00 61.17 ? 361  PRO A C   1 
ATOM   1300 O O   . PRO A 1 165 ? -19.954 9.276   6.391   1.00 29.00 ? 361  PRO A O   1 
ATOM   1301 C CB  . PRO A 1 165 ? -18.333 8.519   3.585   1.00 60.90 ? 361  PRO A CB  1 
ATOM   1302 C CG  . PRO A 1 165 ? -17.093 8.830   2.800   1.00 61.40 ? 361  PRO A CG  1 
ATOM   1303 C CD  . PRO A 1 165 ? -16.019 8.709   3.857   1.00 60.83 ? 361  PRO A CD  1 
HETATM 1304 C C   . ACT B 2 .   ? 7.681   1.482   10.726  1.00 44.43 ? 1000 ACT A C   1 
HETATM 1305 O O   . ACT B 2 .   ? 7.123   2.336   11.406  1.00 45.13 ? 1000 ACT A O   1 
HETATM 1306 O OXT . ACT B 2 .   ? 8.028   1.750   9.595   1.00 43.49 ? 1000 ACT A OXT 1 
HETATM 1307 C CH3 . ACT B 2 .   ? 7.927   0.108   11.285  1.00 43.03 ? 1000 ACT A CH3 1 
HETATM 1308 O O   . HOH C 3 .   ? 11.993  3.663   -3.777  1.00 24.81 ? 1    HOH A O   1 
HETATM 1309 O O   . HOH C 3 .   ? -8.154  6.550   -6.186  1.00 28.89 ? 2    HOH A O   1 
HETATM 1310 O O   . HOH C 3 .   ? 1.227   -5.853  13.613  1.00 18.53 ? 3    HOH A O   1 
HETATM 1311 O O   . HOH C 3 .   ? 10.473  4.566   -1.251  1.00 46.21 ? 4    HOH A O   1 
HETATM 1312 O O   . HOH C 3 .   ? 4.049   0.257   -4.723  1.00 15.59 ? 5    HOH A O   1 
HETATM 1313 O O   . HOH C 3 .   ? 9.587   -16.684 3.096   1.00 37.78 ? 6    HOH A O   1 
HETATM 1314 O O   . HOH C 3 .   ? 3.773   1.466   -1.418  1.00 18.31 ? 7    HOH A O   1 
HETATM 1315 O O   . HOH C 3 .   ? -13.451 1.432   1.013   1.00 28.92 ? 8    HOH A O   1 
HETATM 1316 O O   . HOH C 3 .   ? -16.094 -2.850  0.401   1.00 21.74 ? 9    HOH A O   1 
HETATM 1317 O O   . HOH C 3 .   ? -5.510  -9.221  10.223  1.00 30.77 ? 10   HOH A O   1 
HETATM 1318 O O   . HOH C 3 .   ? -1.471  -2.563  -10.117 1.00 20.81 ? 11   HOH A O   1 
HETATM 1319 O O   . HOH C 3 .   ? 8.429   7.602   5.736   1.00 20.16 ? 12   HOH A O   1 
HETATM 1320 O O   . HOH C 3 .   ? -2.130  1.858   -10.524 1.00 26.09 ? 13   HOH A O   1 
HETATM 1321 O O   . HOH C 3 .   ? 13.542  -4.270  -10.407 1.00 32.13 ? 14   HOH A O   1 
HETATM 1322 O O   . HOH C 3 .   ? 16.094  -11.689 -3.198  1.00 32.04 ? 15   HOH A O   1 
HETATM 1323 O O   . HOH C 3 .   ? 2.205   -2.752  10.572  1.00 22.89 ? 16   HOH A O   1 
HETATM 1324 O O   . HOH C 3 .   ? 9.293   0.080   -12.319 1.00 43.23 ? 17   HOH A O   1 
HETATM 1325 O O   . HOH C 3 .   ? 18.129  -3.605  8.512   1.00 24.45 ? 18   HOH A O   1 
HETATM 1326 O O   . HOH C 3 .   ? -0.576  -4.706  -11.017 1.00 42.27 ? 19   HOH A O   1 
HETATM 1327 O O   . HOH C 3 .   ? -5.967  2.689   -16.485 1.00 25.59 ? 20   HOH A O   1 
HETATM 1328 O O   . HOH C 3 .   ? 7.872   8.596   8.504   1.00 25.89 ? 21   HOH A O   1 
HETATM 1329 O O   . HOH C 3 .   ? 0.388   5.661   -6.798  1.00 22.23 ? 22   HOH A O   1 
HETATM 1330 O O   . HOH C 3 .   ? -2.718  -7.119  13.971  1.00 37.10 ? 23   HOH A O   1 
HETATM 1331 O O   . HOH C 3 .   ? 2.196   -8.047  -10.379 1.00 22.13 ? 24   HOH A O   1 
HETATM 1332 O O   . HOH C 3 .   ? -9.290  7.991   -15.002 1.00 26.57 ? 25   HOH A O   1 
HETATM 1333 O O   . HOH C 3 .   ? -5.408  -8.924  7.087   1.00 27.74 ? 26   HOH A O   1 
HETATM 1334 O O   . HOH C 3 .   ? 9.364   4.006   4.605   1.00 15.94 ? 27   HOH A O   1 
HETATM 1335 O O   . HOH C 3 .   ? -11.777 -15.656 -5.516  1.00 47.00 ? 28   HOH A O   1 
HETATM 1336 O O   . HOH C 3 .   ? -13.918 3.281   -3.439  1.00 37.94 ? 29   HOH A O   1 
HETATM 1337 O O   . HOH C 3 .   ? 10.702  -5.406  -8.135  1.00 45.40 ? 30   HOH A O   1 
HETATM 1338 O O   . HOH C 3 .   ? 1.393   -9.142  -6.866  1.00 19.87 ? 31   HOH A O   1 
HETATM 1339 O O   . HOH C 3 .   ? 3.618   -12.098 -7.776  1.00 44.53 ? 32   HOH A O   1 
HETATM 1340 O O   . HOH C 3 .   ? 10.116  -7.117  -13.882 1.00 48.20 ? 33   HOH A O   1 
HETATM 1341 O O   . HOH C 3 .   ? 6.740   0.382   -10.714 1.00 32.93 ? 34   HOH A O   1 
HETATM 1342 O O   . HOH C 3 .   ? -16.351 3.719   -14.800 1.00 38.17 ? 35   HOH A O   1 
HETATM 1343 O O   . HOH C 3 .   ? -14.577 2.308   -17.095 1.00 54.43 ? 36   HOH A O   1 
HETATM 1344 O O   . HOH C 3 .   ? 4.026   -10.702 6.984   1.00 44.51 ? 37   HOH A O   1 
HETATM 1345 O O   . HOH C 3 .   ? -0.362  -9.762  8.635   1.00 35.37 ? 38   HOH A O   1 
HETATM 1346 O O   . HOH C 3 .   ? 0.080   -9.536  11.124  1.00 50.41 ? 39   HOH A O   1 
HETATM 1347 O O   . HOH C 3 .   ? 10.722  -6.023  -10.585 1.00 38.55 ? 40   HOH A O   1 
HETATM 1348 O O   . HOH C 3 .   ? 18.277  -2.520  -13.332 1.00 26.73 ? 41   HOH A O   1 
HETATM 1349 O O   . HOH C 3 .   ? 10.272  -1.933  -10.742 1.00 39.41 ? 42   HOH A O   1 
HETATM 1350 O O   . HOH C 3 .   ? -16.688 2.335   7.601   1.00 26.92 ? 43   HOH A O   1 
HETATM 1351 O O   . HOH C 3 .   ? -14.942 -2.629  5.990   1.00 38.93 ? 44   HOH A O   1 
HETATM 1352 O O   . HOH C 3 .   ? -13.970 -4.418  8.165   1.00 55.59 ? 45   HOH A O   1 
HETATM 1353 O O   . HOH C 3 .   ? -7.744  -6.002  7.264   1.00 31.97 ? 46   HOH A O   1 
HETATM 1354 O O   . HOH C 3 .   ? -10.339 8.671   -4.933  1.00 45.32 ? 47   HOH A O   1 
HETATM 1355 O O   . HOH C 3 .   ? -5.264  9.711   -5.931  1.00 34.70 ? 48   HOH A O   1 
HETATM 1356 O O   . HOH C 3 .   ? 0.033   0.405   -10.886 1.00 34.02 ? 49   HOH A O   1 
HETATM 1357 O O   . HOH C 3 .   ? -11.021 -7.336  -6.990  1.00 36.32 ? 50   HOH A O   1 
HETATM 1358 O O   . HOH C 3 .   ? 23.402  -7.283  -6.478  1.00 39.50 ? 51   HOH A O   1 
HETATM 1359 O O   . HOH C 3 .   ? -0.097  4.526   -19.553 1.00 54.40 ? 52   HOH A O   1 
HETATM 1360 O O   . HOH C 3 .   ? -8.652  -3.067  -10.141 1.00 33.83 ? 53   HOH A O   1 
HETATM 1361 O O   . HOH C 3 .   ? 0.817   3.006   -7.106  1.00 56.24 ? 54   HOH A O   1 
HETATM 1362 O O   . HOH C 3 .   ? -7.802  12.250  -4.074  1.00 45.82 ? 55   HOH A O   1 
HETATM 1363 O O   . HOH C 3 .   ? -20.534 0.847   -6.959  1.00 48.65 ? 56   HOH A O   1 
HETATM 1364 O O   . HOH C 3 .   ? 13.685  -8.189  5.749   1.00 37.31 ? 57   HOH A O   1 
HETATM 1365 O O   . HOH C 3 .   ? 4.509   3.280   12.305  1.00 37.40 ? 58   HOH A O   1 
HETATM 1366 O O   . HOH C 3 .   ? 6.784   -7.023  9.630   1.00 42.77 ? 59   HOH A O   1 
HETATM 1367 O O   . HOH C 3 .   ? 8.166   -17.737 1.054   1.00 41.02 ? 60   HOH A O   1 
HETATM 1368 O O   . HOH C 3 .   ? -6.786  11.098  11.217  1.00 35.17 ? 61   HOH A O   1 
HETATM 1369 O O   . HOH C 3 .   ? -0.824  7.445   15.227  1.00 53.21 ? 62   HOH A O   1 
HETATM 1370 O O   . HOH C 3 .   ? 3.520   5.164   13.747  1.00 47.19 ? 63   HOH A O   1 
HETATM 1371 O O   . HOH C 3 .   ? 5.879   -5.771  11.865  1.00 41.12 ? 64   HOH A O   1 
HETATM 1372 O O   . HOH C 3 .   ? -3.870  13.481  -3.345  1.00 56.49 ? 65   HOH A O   1 
HETATM 1373 O O   . HOH C 3 .   ? -8.572  -4.412  -12.470 1.00 55.39 ? 66   HOH A O   1 
HETATM 1374 O O   . HOH C 3 .   ? -5.647  -8.778  -8.841  1.00 38.13 ? 67   HOH A O   1 
HETATM 1375 O O   . HOH C 3 .   ? 14.380  3.084   -8.802  1.00 53.34 ? 68   HOH A O   1 
HETATM 1376 O O   . HOH C 3 .   ? 12.106  -12.447 -10.695 1.00 51.45 ? 69   HOH A O   1 
HETATM 1377 O O   . HOH C 3 .   ? 2.485   -10.467 -9.436  1.00 62.95 ? 70   HOH A O   1 
HETATM 1378 O O   . HOH C 3 .   ? -16.013 3.089   10.914  1.00 46.11 ? 71   HOH A O   1 
HETATM 1379 O O   . HOH C 3 .   ? -12.171 9.321   -3.063  1.00 63.52 ? 72   HOH A O   1 
HETATM 1380 O O   . HOH C 3 .   ? 0.470   1.969   -16.779 1.00 39.22 ? 73   HOH A O   1 
HETATM 1381 O O   . HOH C 3 .   ? -6.893  7.118   18.532  1.00 52.80 ? 74   HOH A O   1 
HETATM 1382 O O   . HOH C 3 .   ? -1.549  6.835   12.940  1.00 47.12 ? 75   HOH A O   1 
HETATM 1383 O O   . HOH C 3 .   ? 12.935  -3.694  9.143   1.00 44.06 ? 76   HOH A O   1 
# 
